data_2F3J
#
_entry.id   2F3J
#
_entity_poly.entity_id   1
_entity_poly.type   'polypeptide(L)'
_entity_poly.pdbx_seq_one_letter_code
;MASMTGGQQMGRDPMADKMDMSLDDIIKLNRNQRRVNRGGGPRRNRPAIARGGRNRPAPYSRPKPLPDKWQHDLFDSGCG
GGEGVETGAKLLVSNLDFGVSDADIQELFAEFGTLKKAAVDYDRSGRSLGTADVHFERRADALKAMKQYKGVPLDGRPMD
IQLVASQIDLEHHHHHH
;
_entity_poly.pdbx_strand_id   A
#
# COMPACT_ATOMS: atom_id res chain seq x y z
N MET A 15 -10.87 28.00 51.16
CA MET A 15 -10.17 27.32 50.08
C MET A 15 -11.09 27.19 48.87
N ALA A 16 -12.35 27.52 49.08
CA ALA A 16 -13.39 27.43 48.06
C ALA A 16 -13.60 25.97 47.66
N ASP A 17 -13.54 25.10 48.65
CA ASP A 17 -13.70 23.68 48.42
C ASP A 17 -14.97 23.17 49.11
N LYS A 18 -14.92 23.06 50.44
CA LYS A 18 -16.03 22.57 51.24
C LYS A 18 -16.49 21.19 50.76
N MET A 19 -15.55 20.41 50.22
CA MET A 19 -15.89 19.10 49.67
C MET A 19 -14.80 18.08 49.97
N ASP A 20 -13.58 18.35 49.53
CA ASP A 20 -12.47 17.44 49.77
C ASP A 20 -11.96 17.61 51.19
N MET A 21 -12.07 18.83 51.69
CA MET A 21 -11.69 19.19 53.05
C MET A 21 -10.18 19.08 53.25
N SER A 22 -9.71 17.89 53.57
CA SER A 22 -8.29 17.67 53.79
C SER A 22 -7.56 17.39 52.48
N LEU A 23 -7.05 18.44 51.85
CA LEU A 23 -6.32 18.30 50.59
C LEU A 23 -4.93 17.73 50.85
N ASP A 24 -4.39 18.02 52.03
CA ASP A 24 -3.11 17.46 52.44
C ASP A 24 -3.15 15.93 52.39
N ASP A 25 -4.28 15.39 52.83
CA ASP A 25 -4.51 13.95 52.76
C ASP A 25 -4.44 13.46 51.32
N ILE A 26 -5.09 14.21 50.42
CA ILE A 26 -5.07 13.88 49.01
C ILE A 26 -3.64 13.83 48.50
N ILE A 27 -2.88 14.87 48.82
CA ILE A 27 -1.48 14.94 48.42
C ILE A 27 -0.75 13.64 48.74
N LYS A 28 -0.89 13.19 49.98
CA LYS A 28 -0.20 11.98 50.43
C LYS A 28 -0.80 10.74 49.76
N LEU A 29 -2.13 10.65 49.77
CA LEU A 29 -2.81 9.48 49.24
C LEU A 29 -2.62 9.35 47.73
N ASN A 30 -2.79 10.46 47.01
CA ASN A 30 -2.72 10.46 45.56
C ASN A 30 -1.29 10.28 45.06
N ARG A 31 -0.32 10.78 45.81
CA ARG A 31 1.09 10.63 45.43
C ARG A 31 1.56 9.21 45.69
N ASN A 32 0.99 8.58 46.71
CA ASN A 32 1.32 7.21 47.05
C ASN A 32 0.16 6.29 46.68
N GLN A 33 -0.49 6.59 45.57
CA GLN A 33 -1.64 5.82 45.11
C GLN A 33 -1.18 4.61 44.32
N ARG A 34 -2.00 3.57 44.33
CA ARG A 34 -1.73 2.37 43.57
C ARG A 34 -2.85 2.18 42.53
N ARG A 35 -2.46 2.11 41.27
CA ARG A 35 -3.44 2.00 40.19
C ARG A 35 -3.57 0.57 39.71
N VAL A 36 -2.74 -0.31 40.24
CA VAL A 36 -2.81 -1.72 39.93
C VAL A 36 -2.42 -2.55 41.15
N ASN A 37 -3.43 -3.01 41.87
CA ASN A 37 -3.23 -3.86 43.03
C ASN A 37 -3.43 -5.32 42.64
N ARG A 38 -3.38 -5.57 41.34
CA ARG A 38 -3.55 -6.90 40.79
C ARG A 38 -2.29 -7.32 40.04
N GLY A 39 -1.15 -6.98 40.63
CA GLY A 39 0.12 -7.25 39.98
C GLY A 39 0.96 -5.99 39.89
N GLY A 40 1.75 -5.89 38.84
CA GLY A 40 2.56 -4.70 38.63
C GLY A 40 3.79 -4.68 39.49
N GLY A 41 4.17 -3.50 39.95
CA GLY A 41 5.35 -3.36 40.77
C GLY A 41 6.49 -2.74 40.00
N PRO A 42 6.77 -1.44 40.22
CA PRO A 42 7.85 -0.72 39.54
C PRO A 42 9.23 -1.12 40.06
N ARG A 43 9.51 -2.41 40.04
CA ARG A 43 10.76 -2.94 40.55
C ARG A 43 11.38 -3.87 39.51
N ARG A 44 12.70 -3.95 39.53
CA ARG A 44 13.43 -4.79 38.59
C ARG A 44 13.77 -6.13 39.23
N ASN A 45 12.74 -6.86 39.60
CA ASN A 45 12.91 -8.17 40.25
C ASN A 45 12.36 -9.27 39.36
N ARG A 46 11.17 -9.05 38.83
CA ARG A 46 10.51 -10.04 38.01
C ARG A 46 10.64 -9.66 36.53
N PRO A 47 10.81 -10.65 35.65
CA PRO A 47 10.90 -10.41 34.20
C PRO A 47 9.68 -9.67 33.66
N ALA A 48 9.92 -8.47 33.15
CA ALA A 48 8.86 -7.62 32.64
C ALA A 48 8.56 -7.96 31.18
N ILE A 49 7.72 -8.95 30.99
CA ILE A 49 7.29 -9.36 29.66
C ILE A 49 6.29 -8.35 29.09
N ALA A 50 5.79 -7.49 29.98
CA ALA A 50 4.79 -6.47 29.63
C ALA A 50 3.49 -7.13 29.21
N ARG A 51 3.34 -7.37 27.91
CA ARG A 51 2.16 -8.02 27.38
C ARG A 51 2.54 -8.94 26.23
N GLY A 52 3.31 -8.40 25.30
CA GLY A 52 3.75 -9.18 24.16
C GLY A 52 5.16 -8.85 23.75
N GLY A 53 6.02 -8.63 24.73
CA GLY A 53 7.41 -8.32 24.46
C GLY A 53 8.29 -9.53 24.69
N ARG A 54 9.43 -9.58 23.99
CA ARG A 54 10.38 -10.68 24.08
C ARG A 54 9.84 -11.94 23.40
N ASN A 55 8.74 -12.47 23.93
CA ASN A 55 8.12 -13.65 23.37
C ASN A 55 7.20 -13.26 22.22
N ARG A 56 7.81 -13.15 21.05
CA ARG A 56 7.09 -12.81 19.84
C ARG A 56 8.00 -12.98 18.61
N PRO A 57 9.14 -12.25 18.52
CA PRO A 57 10.07 -12.42 17.41
C PRO A 57 11.03 -13.58 17.63
N ALA A 58 11.17 -13.97 18.89
CA ALA A 58 12.08 -15.04 19.30
C ALA A 58 11.76 -16.35 18.59
N PRO A 59 12.69 -16.86 17.79
CA PRO A 59 12.56 -18.18 17.14
C PRO A 59 12.30 -19.28 18.16
N TYR A 60 13.32 -19.56 18.97
CA TYR A 60 13.21 -20.52 20.06
C TYR A 60 14.38 -20.35 21.00
N SER A 61 15.59 -20.37 20.46
CA SER A 61 16.79 -20.15 21.23
C SER A 61 16.87 -18.69 21.69
N ARG A 62 16.99 -17.78 20.73
CA ARG A 62 17.03 -16.35 21.03
C ARG A 62 16.59 -15.54 19.82
N PRO A 63 15.94 -14.38 20.07
CA PRO A 63 15.57 -13.44 19.01
C PRO A 63 16.74 -13.04 18.12
N LYS A 64 16.46 -12.90 16.84
CA LYS A 64 17.48 -12.54 15.86
C LYS A 64 17.12 -11.21 15.21
N PRO A 65 17.77 -10.12 15.68
CA PRO A 65 17.52 -8.76 15.19
C PRO A 65 18.26 -8.49 13.89
N LEU A 66 18.48 -9.53 13.12
CA LEU A 66 19.14 -9.45 11.84
C LEU A 66 20.61 -9.03 12.01
N PRO A 67 21.48 -9.99 12.35
CA PRO A 67 22.89 -9.74 12.64
C PRO A 67 23.68 -9.29 11.41
N ASP A 68 23.13 -9.52 10.23
CA ASP A 68 23.78 -9.12 8.99
C ASP A 68 23.04 -7.94 8.36
N LYS A 69 22.37 -7.15 9.19
CA LYS A 69 21.66 -5.95 8.75
C LYS A 69 22.60 -5.08 7.90
N TRP A 70 22.30 -5.01 6.60
CA TRP A 70 23.15 -4.30 5.66
C TRP A 70 23.17 -2.80 5.96
N GLN A 71 22.03 -2.26 6.33
CA GLN A 71 21.92 -0.85 6.63
C GLN A 71 21.42 -0.65 8.07
N HIS A 72 20.11 -0.61 8.23
CA HIS A 72 19.48 -0.34 9.52
C HIS A 72 17.97 -0.39 9.33
N ASP A 73 17.23 -0.19 10.41
CA ASP A 73 15.77 -0.16 10.34
C ASP A 73 15.28 1.24 10.06
N LEU A 74 15.82 1.84 9.01
CA LEU A 74 15.44 3.19 8.62
C LEU A 74 14.02 3.19 8.07
N PHE A 75 13.83 2.43 7.00
CA PHE A 75 12.50 2.18 6.48
C PHE A 75 11.79 1.21 7.40
N ASP A 76 12.49 0.12 7.72
CA ASP A 76 12.02 -0.89 8.65
C ASP A 76 12.99 -2.05 8.66
N SER A 77 12.64 -3.13 9.35
CA SER A 77 13.42 -4.36 9.29
C SER A 77 13.09 -5.09 7.98
N GLY A 78 11.96 -4.69 7.41
CA GLY A 78 11.51 -5.26 6.16
C GLY A 78 10.14 -4.73 5.80
N CYS A 79 10.06 -4.00 4.69
CA CYS A 79 8.81 -3.41 4.25
C CYS A 79 8.61 -3.62 2.75
N GLY A 80 7.39 -3.38 2.29
CA GLY A 80 7.08 -3.55 0.88
C GLY A 80 5.80 -2.86 0.49
N GLY A 81 5.79 -1.55 0.62
CA GLY A 81 4.62 -0.78 0.26
C GLY A 81 4.99 0.51 -0.45
N GLY A 82 4.11 1.49 -0.39
CA GLY A 82 4.37 2.76 -1.05
C GLY A 82 3.12 3.61 -1.21
N GLU A 83 3.00 4.23 -2.37
CA GLU A 83 1.91 5.17 -2.65
C GLU A 83 1.87 5.49 -4.14
N GLY A 84 2.47 4.64 -4.94
CA GLY A 84 2.66 4.95 -6.35
C GLY A 84 4.06 5.48 -6.59
N VAL A 85 4.65 5.99 -5.52
CA VAL A 85 6.02 6.47 -5.54
C VAL A 85 6.81 5.79 -4.43
N GLU A 86 6.74 4.46 -4.41
CA GLU A 86 7.35 3.64 -3.35
C GLU A 86 8.79 4.07 -3.07
N THR A 87 9.49 4.44 -4.12
CA THR A 87 10.86 4.91 -4.01
C THR A 87 11.26 5.60 -5.31
N GLY A 88 10.44 6.57 -5.72
CA GLY A 88 10.68 7.29 -6.96
C GLY A 88 11.92 8.16 -6.89
N ALA A 89 12.61 8.29 -8.00
CA ALA A 89 13.83 9.08 -8.05
C ALA A 89 13.66 10.29 -8.96
N LYS A 90 13.87 11.48 -8.41
CA LYS A 90 13.81 12.70 -9.20
C LYS A 90 15.22 13.20 -9.48
N LEU A 91 15.57 13.27 -10.76
CA LEU A 91 16.87 13.73 -11.20
C LEU A 91 16.75 15.15 -11.73
N LEU A 92 17.68 16.01 -11.32
CA LEU A 92 17.74 17.36 -11.83
C LEU A 92 18.89 17.45 -12.82
N VAL A 93 18.64 18.00 -13.99
CA VAL A 93 19.68 18.10 -15.00
C VAL A 93 19.74 19.52 -15.53
N SER A 94 20.92 20.04 -15.80
CA SER A 94 21.06 21.40 -16.31
C SER A 94 22.30 21.53 -17.20
N ASN A 95 22.08 21.60 -18.52
CA ASN A 95 23.13 21.89 -19.51
C ASN A 95 22.65 21.58 -20.92
N LEU A 96 22.00 22.56 -21.54
CA LEU A 96 21.49 22.43 -22.89
C LEU A 96 21.32 23.81 -23.52
N ASP A 97 20.41 23.93 -24.48
CA ASP A 97 20.19 25.20 -25.15
C ASP A 97 18.86 25.85 -24.74
N PHE A 98 17.84 25.71 -25.57
CA PHE A 98 16.59 26.42 -25.37
C PHE A 98 15.40 25.60 -25.87
N GLY A 99 15.57 24.95 -27.02
CA GLY A 99 14.46 24.25 -27.64
C GLY A 99 14.33 22.82 -27.16
N VAL A 100 14.93 22.55 -26.01
CA VAL A 100 14.90 21.22 -25.42
C VAL A 100 13.50 20.90 -24.90
N SER A 101 12.90 19.85 -25.43
CA SER A 101 11.59 19.41 -24.99
C SER A 101 11.71 18.17 -24.11
N ASP A 102 10.59 17.79 -23.50
CA ASP A 102 10.49 16.57 -22.70
C ASP A 102 11.12 15.37 -23.42
N ALA A 103 10.61 15.05 -24.60
CA ALA A 103 11.10 13.92 -25.38
C ALA A 103 12.60 14.04 -25.64
N ASP A 104 13.05 15.27 -25.87
CA ASP A 104 14.46 15.55 -26.11
C ASP A 104 15.32 15.07 -24.94
N ILE A 105 15.09 15.64 -23.76
CA ILE A 105 15.85 15.27 -22.57
C ILE A 105 15.56 13.82 -22.17
N GLN A 106 14.41 13.31 -22.58
CA GLN A 106 14.08 11.91 -22.33
C GLN A 106 14.99 11.01 -23.16
N GLU A 107 15.17 11.36 -24.42
CA GLU A 107 16.11 10.67 -25.31
C GLU A 107 17.52 10.73 -24.74
N LEU A 108 17.82 11.86 -24.09
CA LEU A 108 19.14 12.08 -23.50
C LEU A 108 19.38 11.10 -22.35
N PHE A 109 18.57 11.17 -21.31
CA PHE A 109 18.72 10.26 -20.19
C PHE A 109 18.38 8.81 -20.55
N ALA A 110 17.72 8.59 -21.68
CA ALA A 110 17.56 7.24 -22.22
C ALA A 110 18.91 6.71 -22.71
N GLU A 111 19.59 7.56 -23.45
CA GLU A 111 21.01 7.34 -23.77
C GLU A 111 21.78 7.00 -22.48
N PHE A 112 21.36 7.62 -21.38
CA PHE A 112 21.94 7.37 -20.06
C PHE A 112 21.33 6.15 -19.36
N GLY A 113 20.36 5.51 -20.01
CA GLY A 113 19.70 4.37 -19.41
C GLY A 113 18.19 4.36 -19.59
N THR A 114 17.56 3.25 -19.22
CA THR A 114 16.11 3.11 -19.32
C THR A 114 15.39 4.21 -18.52
N LEU A 115 14.72 5.09 -19.25
CA LEU A 115 14.06 6.25 -18.64
C LEU A 115 12.57 6.02 -18.49
N LYS A 116 11.99 6.59 -17.45
CA LYS A 116 10.55 6.50 -17.24
C LYS A 116 9.89 7.79 -17.70
N LYS A 117 10.28 8.90 -17.10
CA LYS A 117 9.80 10.20 -17.53
C LYS A 117 10.88 11.25 -17.38
N ALA A 118 10.87 12.21 -18.28
CA ALA A 118 11.80 13.33 -18.23
C ALA A 118 11.26 14.50 -19.03
N ALA A 119 11.07 15.61 -18.36
CA ALA A 119 10.49 16.80 -19.00
C ALA A 119 11.28 18.02 -18.56
N VAL A 120 11.24 19.11 -19.32
CA VAL A 120 12.13 20.22 -19.05
C VAL A 120 11.47 21.32 -18.22
N ASP A 121 12.32 22.13 -17.64
CA ASP A 121 11.92 23.19 -16.73
C ASP A 121 12.64 24.48 -17.10
N TYR A 122 12.15 25.59 -16.58
CA TYR A 122 12.77 26.88 -16.85
C TYR A 122 13.41 27.39 -15.55
N ASP A 123 14.64 27.88 -15.64
CA ASP A 123 15.48 27.92 -14.45
C ASP A 123 16.05 29.30 -14.16
N ARG A 124 17.07 29.33 -13.30
CA ARG A 124 17.63 30.55 -12.72
C ARG A 124 18.33 31.43 -13.76
N SER A 125 18.35 30.98 -15.01
CA SER A 125 19.17 31.64 -16.00
C SER A 125 18.29 32.54 -16.87
N GLY A 126 17.04 32.66 -16.46
CA GLY A 126 16.11 33.51 -17.16
C GLY A 126 14.89 32.77 -17.69
N ARG A 127 15.10 31.59 -18.27
CA ARG A 127 14.06 30.92 -19.02
C ARG A 127 14.51 29.50 -19.35
N SER A 128 14.86 29.24 -20.61
CA SER A 128 15.20 27.91 -21.04
C SER A 128 16.71 27.70 -20.97
N LEU A 129 17.11 26.45 -20.83
CA LEU A 129 18.51 26.07 -20.65
C LEU A 129 18.67 24.57 -20.75
N GLY A 130 17.53 23.87 -20.75
CA GLY A 130 17.54 22.44 -20.96
C GLY A 130 17.30 21.68 -19.69
N THR A 131 17.64 22.30 -18.54
CA THR A 131 17.21 21.82 -17.23
C THR A 131 15.89 21.08 -17.28
N ALA A 132 15.85 19.92 -16.64
CA ALA A 132 14.72 19.01 -16.77
C ALA A 132 14.57 18.16 -15.52
N ASP A 133 13.39 17.56 -15.40
CA ASP A 133 13.06 16.62 -14.34
C ASP A 133 13.05 15.21 -14.91
N VAL A 134 14.02 14.42 -14.51
CA VAL A 134 14.12 13.05 -14.92
C VAL A 134 13.67 12.13 -13.79
N HIS A 135 12.76 11.20 -14.07
CA HIS A 135 12.23 10.34 -13.03
C HIS A 135 12.44 8.87 -13.37
N PHE A 136 13.07 8.15 -12.45
CA PHE A 136 13.22 6.70 -12.56
C PHE A 136 12.67 6.03 -11.31
N GLU A 137 12.42 4.72 -11.39
CA GLU A 137 11.94 3.95 -10.25
C GLU A 137 13.09 3.57 -9.32
N ARG A 138 14.31 3.66 -9.80
CA ARG A 138 15.48 3.20 -9.06
C ARG A 138 16.29 4.38 -8.55
N ARG A 139 16.76 4.29 -7.30
CA ARG A 139 17.53 5.37 -6.71
C ARG A 139 19.01 5.25 -7.08
N ALA A 140 19.55 4.03 -7.10
CA ALA A 140 20.95 3.83 -7.48
C ALA A 140 21.21 4.25 -8.92
N ASP A 141 20.29 3.89 -9.81
CA ASP A 141 20.37 4.31 -11.21
C ASP A 141 20.45 5.83 -11.31
N ALA A 142 19.77 6.50 -10.37
CA ALA A 142 19.79 7.95 -10.31
C ALA A 142 21.11 8.41 -9.69
N LEU A 143 21.54 7.70 -8.66
CA LEU A 143 22.79 8.01 -7.97
C LEU A 143 23.96 7.89 -8.95
N LYS A 144 23.97 6.82 -9.73
CA LYS A 144 24.97 6.62 -10.76
C LYS A 144 24.89 7.77 -11.76
N ALA A 145 23.66 8.14 -12.09
CA ALA A 145 23.42 9.21 -13.03
C ALA A 145 24.00 10.53 -12.53
N MET A 146 23.76 10.82 -11.26
CA MET A 146 24.15 12.09 -10.68
C MET A 146 25.61 12.09 -10.27
N LYS A 147 26.25 10.91 -10.26
CA LYS A 147 27.68 10.85 -10.03
C LYS A 147 28.43 10.81 -11.35
N GLN A 148 28.03 9.89 -12.21
CA GLN A 148 28.74 9.65 -13.46
C GLN A 148 28.73 10.86 -14.37
N TYR A 149 27.56 11.36 -14.69
CA TYR A 149 27.45 12.42 -15.70
C TYR A 149 27.66 13.80 -15.10
N LYS A 150 27.60 13.89 -13.78
CA LYS A 150 27.83 15.16 -13.10
C LYS A 150 29.28 15.57 -13.22
N GLY A 151 29.52 16.78 -13.71
CA GLY A 151 30.88 17.25 -13.88
C GLY A 151 31.41 16.95 -15.27
N VAL A 152 30.65 16.16 -16.02
CA VAL A 152 31.06 15.79 -17.38
C VAL A 152 30.84 16.98 -18.32
N PRO A 153 31.90 17.41 -19.02
CA PRO A 153 31.83 18.53 -19.96
C PRO A 153 30.84 18.28 -21.10
N LEU A 154 30.09 19.31 -21.44
CA LEU A 154 29.11 19.24 -22.52
C LEU A 154 28.92 20.63 -23.08
N ASP A 155 29.70 20.92 -24.13
CA ASP A 155 29.85 22.27 -24.68
C ASP A 155 30.89 23.00 -23.84
N GLY A 156 30.92 24.31 -23.87
CA GLY A 156 31.95 25.07 -23.18
C GLY A 156 31.96 24.87 -21.67
N ARG A 157 31.01 24.12 -21.14
CA ARG A 157 30.94 23.92 -19.70
C ARG A 157 30.47 22.51 -19.37
N PRO A 158 30.84 21.99 -18.19
CA PRO A 158 30.36 20.70 -17.70
C PRO A 158 28.86 20.71 -17.41
N MET A 159 28.24 19.54 -17.47
CA MET A 159 26.80 19.44 -17.27
C MET A 159 26.46 19.15 -15.81
N ASP A 160 25.29 19.59 -15.41
CA ASP A 160 24.81 19.38 -14.06
C ASP A 160 23.73 18.32 -14.01
N ILE A 161 23.77 17.49 -12.97
CA ILE A 161 22.81 16.41 -12.78
C ILE A 161 22.86 15.97 -11.32
N GLN A 162 21.84 16.32 -10.57
CA GLN A 162 21.82 16.01 -9.15
C GLN A 162 20.55 15.23 -8.82
N LEU A 163 20.54 14.59 -7.67
CA LEU A 163 19.39 13.79 -7.27
C LEU A 163 18.57 14.54 -6.24
N VAL A 164 17.26 14.37 -6.31
CA VAL A 164 16.36 14.96 -5.33
C VAL A 164 15.18 14.01 -5.11
N ALA A 165 14.81 13.84 -3.84
CA ALA A 165 13.67 13.01 -3.47
C ALA A 165 13.80 11.60 -4.05
N SER A 166 14.76 10.85 -3.51
CA SER A 166 15.09 9.53 -4.03
C SER A 166 15.98 8.78 -3.04
N GLN A 167 17.29 8.96 -3.19
CA GLN A 167 18.27 8.36 -2.28
C GLN A 167 18.34 9.19 -1.00
N ILE A 168 17.54 10.25 -0.96
CA ILE A 168 17.50 11.16 0.17
C ILE A 168 16.72 10.55 1.33
N ASP A 169 16.34 9.30 1.19
CA ASP A 169 15.58 8.58 2.21
C ASP A 169 16.45 8.29 3.42
N LEU A 170 17.76 8.39 3.23
CA LEU A 170 18.72 8.19 4.31
C LEU A 170 18.70 9.39 5.25
N GLU A 171 18.44 10.55 4.69
CA GLU A 171 18.27 11.78 5.46
C GLU A 171 17.10 11.63 6.43
N HIS A 172 17.38 11.90 7.69
CA HIS A 172 16.37 11.80 8.73
C HIS A 172 16.37 13.08 9.57
N MET A 15 32.85 -86.18 65.47
CA MET A 15 32.74 -84.73 65.36
C MET A 15 34.13 -84.12 65.30
N ALA A 16 34.96 -84.47 66.29
CA ALA A 16 36.36 -84.04 66.37
C ALA A 16 36.47 -82.52 66.39
N ASP A 17 35.44 -81.86 66.87
CA ASP A 17 35.41 -80.42 66.94
C ASP A 17 34.73 -79.97 68.21
N LYS A 18 33.41 -80.18 68.27
CA LYS A 18 32.61 -79.87 69.45
C LYS A 18 32.61 -78.37 69.73
N MET A 19 32.81 -77.57 68.69
CA MET A 19 32.73 -76.13 68.81
C MET A 19 31.65 -75.61 67.86
N ASP A 20 31.29 -74.34 68.03
CA ASP A 20 30.26 -73.67 67.22
C ASP A 20 28.86 -74.15 67.61
N MET A 21 28.75 -75.42 68.03
CA MET A 21 27.53 -75.99 68.58
C MET A 21 26.46 -76.18 67.50
N SER A 22 25.82 -75.10 67.09
CA SER A 22 24.76 -75.16 66.11
C SER A 22 25.34 -75.26 64.70
N LEU A 23 26.31 -76.15 64.53
CA LEU A 23 27.02 -76.32 63.26
C LEU A 23 26.04 -76.52 62.10
N ASP A 24 25.09 -77.43 62.28
CA ASP A 24 24.12 -77.73 61.23
C ASP A 24 23.25 -76.53 60.94
N ASP A 25 22.88 -75.80 61.99
CA ASP A 25 22.06 -74.60 61.87
C ASP A 25 22.84 -73.52 61.12
N ILE A 26 24.11 -73.37 61.48
CA ILE A 26 24.98 -72.41 60.79
C ILE A 26 25.07 -72.74 59.32
N ILE A 27 25.32 -74.01 59.02
CA ILE A 27 25.41 -74.48 57.64
C ILE A 27 24.22 -73.98 56.82
N LYS A 28 23.01 -74.25 57.30
CA LYS A 28 21.80 -73.83 56.61
C LYS A 28 21.67 -72.30 56.57
N LEU A 29 22.01 -71.66 57.69
CA LEU A 29 21.83 -70.22 57.81
C LEU A 29 22.86 -69.44 56.99
N ASN A 30 24.12 -69.85 57.08
CA ASN A 30 25.20 -69.13 56.40
C ASN A 30 25.16 -69.39 54.90
N ARG A 31 24.67 -70.56 54.50
CA ARG A 31 24.54 -70.87 53.09
C ARG A 31 23.32 -70.18 52.50
N ASN A 32 22.29 -69.99 53.31
CA ASN A 32 21.06 -69.35 52.87
C ASN A 32 20.72 -68.17 53.77
N GLN A 33 21.66 -67.24 53.89
CA GLN A 33 21.46 -66.04 54.68
C GLN A 33 20.58 -65.04 53.94
N ARG A 34 19.26 -65.17 54.09
CA ARG A 34 18.29 -64.28 53.48
C ARG A 34 18.27 -64.44 51.95
N ARG A 35 17.51 -63.59 51.28
CA ARG A 35 17.44 -63.62 49.83
C ARG A 35 18.40 -62.61 49.24
N VAL A 36 18.53 -61.45 49.90
CA VAL A 36 19.46 -60.39 49.51
C VAL A 36 18.97 -59.66 48.26
N ASN A 37 18.80 -60.41 47.17
CA ASN A 37 18.34 -59.84 45.89
C ASN A 37 19.31 -58.77 45.41
N ARG A 38 20.57 -59.16 45.28
CA ARG A 38 21.61 -58.25 44.80
C ARG A 38 22.59 -59.00 43.92
N GLY A 39 22.65 -58.60 42.65
CA GLY A 39 23.58 -59.22 41.73
C GLY A 39 24.59 -58.23 41.21
N GLY A 40 24.16 -57.00 41.03
CA GLY A 40 25.02 -55.97 40.50
C GLY A 40 24.34 -55.20 39.38
N GLY A 41 23.98 -53.97 39.66
CA GLY A 41 23.28 -53.17 38.67
C GLY A 41 21.80 -53.12 38.94
N PRO A 42 21.32 -52.08 39.65
CA PRO A 42 19.90 -51.93 39.99
C PRO A 42 19.04 -51.66 38.75
N ARG A 43 17.74 -51.80 38.90
CA ARG A 43 16.81 -51.51 37.83
C ARG A 43 15.97 -50.29 38.17
N ARG A 44 16.33 -49.16 37.59
CA ARG A 44 15.62 -47.91 37.85
C ARG A 44 14.23 -47.92 37.22
N ASN A 45 13.49 -46.85 37.47
CA ASN A 45 12.17 -46.68 36.87
C ASN A 45 12.34 -46.13 35.45
N ARG A 46 11.70 -46.77 34.49
CA ARG A 46 11.79 -46.35 33.10
C ARG A 46 10.64 -45.42 32.69
N PRO A 47 9.36 -45.79 32.95
CA PRO A 47 8.21 -44.95 32.59
C PRO A 47 8.30 -43.55 33.20
N ALA A 48 8.26 -42.54 32.34
CA ALA A 48 8.36 -41.16 32.76
C ALA A 48 7.42 -40.26 31.95
N ILE A 49 6.17 -40.19 32.39
CA ILE A 49 5.17 -39.35 31.73
C ILE A 49 5.48 -37.87 31.94
N ALA A 50 6.29 -37.58 32.97
CA ALA A 50 6.71 -36.23 33.32
C ALA A 50 5.54 -35.40 33.86
N ARG A 51 4.60 -35.06 32.99
CA ARG A 51 3.44 -34.27 33.38
C ARG A 51 2.30 -34.44 32.38
N GLY A 52 2.63 -34.75 31.14
CA GLY A 52 1.62 -34.92 30.11
C GLY A 52 1.72 -33.83 29.05
N GLY A 53 1.20 -32.66 29.36
CA GLY A 53 1.31 -31.54 28.44
C GLY A 53 0.03 -30.74 28.37
N ARG A 54 -0.82 -31.11 27.40
CA ARG A 54 -2.07 -30.39 27.08
C ARG A 54 -1.89 -28.87 27.15
N ASN A 55 -0.74 -28.42 26.68
CA ASN A 55 -0.40 -27.00 26.65
C ASN A 55 0.84 -26.81 25.82
N ARG A 56 0.71 -27.12 24.55
CA ARG A 56 1.83 -27.16 23.63
C ARG A 56 1.36 -26.95 22.18
N PRO A 57 0.32 -27.69 21.72
CA PRO A 57 -0.28 -27.45 20.41
C PRO A 57 -0.90 -26.06 20.33
N ALA A 58 -1.58 -25.68 21.40
CA ALA A 58 -2.17 -24.36 21.51
C ALA A 58 -1.67 -23.67 22.78
N PRO A 59 -0.80 -22.67 22.62
CA PRO A 59 -0.24 -21.92 23.76
C PRO A 59 -1.32 -21.22 24.57
N TYR A 60 -2.36 -20.75 23.88
CA TYR A 60 -3.47 -20.07 24.51
C TYR A 60 -4.78 -20.68 24.05
N SER A 61 -5.86 -19.90 24.03
CA SER A 61 -7.14 -20.38 23.58
C SER A 61 -7.08 -20.85 22.12
N ARG A 62 -6.35 -20.11 21.30
CA ARG A 62 -6.15 -20.47 19.91
C ARG A 62 -4.89 -19.80 19.37
N PRO A 63 -4.04 -20.56 18.65
CA PRO A 63 -2.84 -20.02 18.02
C PRO A 63 -3.16 -18.86 17.08
N LYS A 64 -2.25 -17.88 17.04
CA LYS A 64 -2.49 -16.68 16.26
C LYS A 64 -1.41 -16.49 15.20
N PRO A 65 -1.72 -16.83 13.95
CA PRO A 65 -0.84 -16.56 12.81
C PRO A 65 -0.81 -15.07 12.49
N LEU A 66 -1.97 -14.54 12.06
CA LEU A 66 -2.16 -13.11 11.81
C LEU A 66 -1.24 -12.57 10.71
N PRO A 67 -1.79 -12.34 9.51
CA PRO A 67 -1.04 -11.77 8.39
C PRO A 67 -0.81 -10.28 8.56
N ASP A 68 -1.79 -9.47 8.19
CA ASP A 68 -1.71 -8.03 8.39
C ASP A 68 -3.07 -7.48 8.79
N LYS A 69 -3.43 -7.67 10.05
CA LYS A 69 -4.69 -7.19 10.58
C LYS A 69 -4.44 -6.01 11.50
N TRP A 70 -3.19 -5.62 11.61
CA TRP A 70 -2.79 -4.49 12.41
C TRP A 70 -2.22 -3.41 11.51
N GLN A 71 -2.97 -2.32 11.35
CA GLN A 71 -2.59 -1.26 10.43
C GLN A 71 -1.73 -0.20 11.11
N HIS A 72 -1.38 -0.44 12.37
CA HIS A 72 -0.59 0.51 13.15
C HIS A 72 -1.34 1.84 13.30
N ASP A 73 -1.03 2.79 12.43
CA ASP A 73 -1.68 4.10 12.45
C ASP A 73 -2.25 4.40 11.08
N LEU A 74 -2.57 3.34 10.34
CA LEU A 74 -3.14 3.44 8.99
C LEU A 74 -2.10 3.99 8.02
N PHE A 75 -2.06 5.31 7.89
CA PHE A 75 -1.07 5.96 7.07
C PHE A 75 0.17 6.27 7.89
N ASP A 76 0.00 6.24 9.20
CA ASP A 76 1.09 6.46 10.16
C ASP A 76 1.78 7.81 9.92
N SER A 77 2.99 7.93 10.43
CA SER A 77 3.82 9.10 10.18
C SER A 77 5.17 8.64 9.68
N GLY A 78 5.15 7.64 8.79
CA GLY A 78 6.36 7.04 8.29
C GLY A 78 6.08 5.75 7.55
N CYS A 79 5.19 4.94 8.11
CA CYS A 79 4.78 3.68 7.49
C CYS A 79 4.04 3.95 6.19
N GLY A 80 4.64 3.54 5.08
CA GLY A 80 4.03 3.73 3.79
C GLY A 80 5.04 4.13 2.75
N GLY A 81 5.40 5.41 2.75
CA GLY A 81 6.39 5.90 1.82
C GLY A 81 5.81 6.19 0.45
N GLY A 82 5.24 5.16 -0.16
CA GLY A 82 4.67 5.29 -1.48
C GLY A 82 4.78 4.02 -2.27
N GLU A 83 4.34 4.06 -3.50
CA GLU A 83 4.41 2.89 -4.38
C GLU A 83 5.82 2.74 -4.95
N GLY A 84 6.49 3.86 -5.11
CA GLY A 84 7.84 3.85 -5.66
C GLY A 84 8.11 5.05 -6.54
N VAL A 85 7.05 5.61 -7.12
CA VAL A 85 7.18 6.79 -7.98
C VAL A 85 7.60 8.01 -7.18
N GLU A 86 6.89 8.27 -6.11
CA GLU A 86 7.16 9.42 -5.25
C GLU A 86 8.36 9.15 -4.36
N THR A 87 8.55 7.88 -4.01
CA THR A 87 9.69 7.46 -3.21
C THR A 87 10.83 7.03 -4.11
N GLY A 88 10.93 7.66 -5.27
CA GLY A 88 11.92 7.30 -6.24
C GLY A 88 13.03 8.32 -6.35
N ALA A 89 13.45 8.60 -7.56
CA ALA A 89 14.59 9.46 -7.80
C ALA A 89 14.21 10.65 -8.67
N LYS A 90 14.35 11.86 -8.14
CA LYS A 90 14.07 13.06 -8.90
C LYS A 90 15.36 13.71 -9.38
N LEU A 91 15.53 13.71 -10.68
CA LEU A 91 16.75 14.22 -11.31
C LEU A 91 16.47 15.59 -11.94
N LEU A 92 17.28 16.55 -11.58
CA LEU A 92 17.17 17.89 -12.15
C LEU A 92 18.30 18.10 -13.16
N VAL A 93 18.09 18.99 -14.12
CA VAL A 93 19.04 19.22 -15.19
C VAL A 93 19.15 20.70 -15.48
N SER A 94 20.32 21.26 -15.24
CA SER A 94 20.54 22.67 -15.50
C SER A 94 21.88 22.89 -16.20
N ASN A 95 22.06 24.12 -16.72
CA ASN A 95 23.32 24.54 -17.33
C ASN A 95 23.54 23.83 -18.66
N LEU A 96 22.70 24.14 -19.63
CA LEU A 96 22.83 23.58 -20.96
C LEU A 96 22.92 24.70 -21.98
N ASP A 97 21.95 25.62 -21.93
CA ASP A 97 21.90 26.80 -22.80
C ASP A 97 21.57 26.41 -24.25
N PHE A 98 21.45 25.12 -24.49
CA PHE A 98 21.16 24.61 -25.83
C PHE A 98 19.67 24.70 -26.14
N GLY A 99 18.87 24.99 -25.13
CA GLY A 99 17.43 25.01 -25.29
C GLY A 99 16.89 23.66 -25.68
N VAL A 100 17.39 22.62 -25.02
CA VAL A 100 17.00 21.25 -25.30
C VAL A 100 15.50 21.05 -25.07
N SER A 101 14.85 20.47 -26.07
CA SER A 101 13.42 20.21 -25.99
C SER A 101 13.13 19.10 -24.99
N ASP A 102 11.85 18.93 -24.68
CA ASP A 102 11.41 17.90 -23.72
C ASP A 102 11.88 16.52 -24.16
N ALA A 103 11.79 16.26 -25.46
CA ALA A 103 12.24 14.99 -26.01
C ALA A 103 13.75 14.87 -26.01
N ASP A 104 14.44 16.01 -26.08
CA ASP A 104 15.91 16.02 -26.17
C ASP A 104 16.54 15.38 -24.94
N ILE A 105 16.32 15.99 -23.78
CA ILE A 105 16.84 15.46 -22.52
C ILE A 105 16.32 14.05 -22.25
N GLN A 106 15.06 13.79 -22.59
CA GLN A 106 14.46 12.48 -22.37
C GLN A 106 15.20 11.42 -23.18
N GLU A 107 15.38 11.69 -24.47
CA GLU A 107 16.11 10.81 -25.36
C GLU A 107 17.54 10.59 -24.84
N LEU A 108 18.10 11.61 -24.24
CA LEU A 108 19.47 11.56 -23.73
C LEU A 108 19.55 10.63 -22.52
N PHE A 109 18.78 10.93 -21.50
CA PHE A 109 18.69 10.07 -20.31
C PHE A 109 18.22 8.65 -20.65
N ALA A 110 17.47 8.50 -21.73
CA ALA A 110 17.11 7.16 -22.21
C ALA A 110 18.34 6.48 -22.83
N GLU A 111 19.03 7.22 -23.67
CA GLU A 111 20.36 6.83 -24.14
C GLU A 111 21.24 6.42 -22.95
N PHE A 112 21.12 7.20 -21.88
CA PHE A 112 21.82 6.96 -20.62
C PHE A 112 21.37 5.68 -19.90
N GLY A 113 20.41 4.96 -20.47
CA GLY A 113 19.91 3.76 -19.80
C GLY A 113 18.41 3.63 -19.80
N THR A 114 17.82 3.76 -18.63
CA THR A 114 16.39 3.53 -18.46
C THR A 114 15.69 4.77 -17.94
N LEU A 115 14.82 5.35 -18.74
CA LEU A 115 14.10 6.54 -18.34
C LEU A 115 12.61 6.25 -18.12
N LYS A 116 12.22 6.24 -16.86
CA LYS A 116 10.83 6.08 -16.49
C LYS A 116 10.02 7.31 -16.89
N LYS A 117 10.31 8.45 -16.29
CA LYS A 117 9.64 9.70 -16.65
C LYS A 117 10.64 10.82 -16.75
N ALA A 118 10.41 11.77 -17.65
CA ALA A 118 11.25 12.96 -17.74
C ALA A 118 10.56 14.04 -18.55
N ALA A 119 10.69 15.27 -18.09
CA ALA A 119 10.15 16.42 -18.78
C ALA A 119 11.15 17.56 -18.73
N VAL A 120 11.15 18.39 -19.76
CA VAL A 120 12.06 19.53 -19.80
C VAL A 120 11.32 20.79 -19.43
N ASP A 121 11.78 21.43 -18.37
CA ASP A 121 11.17 22.61 -17.82
C ASP A 121 11.93 23.87 -18.21
N TYR A 122 11.31 25.00 -17.94
CA TYR A 122 11.80 26.28 -18.40
C TYR A 122 11.41 27.34 -17.41
N ASP A 123 11.80 28.58 -17.64
CA ASP A 123 11.49 29.63 -16.70
C ASP A 123 10.15 30.23 -17.08
N ARG A 124 9.64 31.16 -16.27
CA ARG A 124 8.33 31.77 -16.54
C ARG A 124 8.28 32.41 -17.92
N SER A 125 9.39 32.98 -18.36
CA SER A 125 9.43 33.67 -19.64
C SER A 125 9.83 32.73 -20.77
N GLY A 126 10.14 31.48 -20.42
CA GLY A 126 10.58 30.50 -21.41
C GLY A 126 11.74 31.00 -22.24
N ARG A 127 12.84 31.33 -21.55
CA ARG A 127 14.00 31.96 -22.18
C ARG A 127 14.60 31.06 -23.27
N SER A 128 15.31 30.01 -22.84
CA SER A 128 16.11 29.18 -23.75
C SER A 128 17.12 28.33 -22.98
N LEU A 129 16.98 28.25 -21.67
CA LEU A 129 17.92 27.50 -20.84
C LEU A 129 17.87 26.00 -21.16
N GLY A 130 16.79 25.35 -20.77
CA GLY A 130 16.65 23.92 -21.02
C GLY A 130 16.89 23.09 -19.79
N THR A 131 16.18 23.42 -18.71
CA THR A 131 16.23 22.62 -17.49
C THR A 131 15.31 21.41 -17.64
N ALA A 132 15.47 20.41 -16.80
CA ALA A 132 14.58 19.25 -16.87
C ALA A 132 14.45 18.54 -15.53
N ASP A 133 13.42 17.70 -15.45
CA ASP A 133 13.17 16.85 -14.31
C ASP A 133 12.89 15.43 -14.80
N VAL A 134 13.80 14.52 -14.53
CA VAL A 134 13.60 13.13 -14.89
C VAL A 134 13.43 12.30 -13.63
N HIS A 135 12.60 11.28 -13.71
CA HIS A 135 12.26 10.50 -12.54
C HIS A 135 12.40 9.01 -12.84
N PHE A 136 13.14 8.31 -12.00
CA PHE A 136 13.16 6.86 -12.08
C PHE A 136 12.80 6.28 -10.72
N GLU A 137 12.31 5.06 -10.71
CA GLU A 137 11.86 4.41 -9.48
C GLU A 137 13.03 3.86 -8.67
N ARG A 138 14.20 3.86 -9.28
CA ARG A 138 15.37 3.26 -8.65
C ARG A 138 16.29 4.33 -8.08
N ARG A 139 16.79 4.09 -6.87
CA ARG A 139 17.73 5.01 -6.25
C ARG A 139 19.14 4.82 -6.82
N ALA A 140 19.46 3.58 -7.17
CA ALA A 140 20.73 3.28 -7.83
C ALA A 140 20.82 4.02 -9.17
N ASP A 141 19.66 4.17 -9.81
CA ASP A 141 19.56 4.94 -11.05
C ASP A 141 20.08 6.36 -10.81
N ALA A 142 19.78 6.88 -9.64
CA ALA A 142 20.20 8.22 -9.26
C ALA A 142 21.66 8.21 -8.86
N LEU A 143 22.05 7.18 -8.14
CA LEU A 143 23.44 7.00 -7.72
C LEU A 143 24.37 6.98 -8.92
N LYS A 144 24.05 6.14 -9.89
CA LYS A 144 24.84 6.02 -11.11
C LYS A 144 24.86 7.36 -11.85
N ALA A 145 23.70 8.02 -11.93
CA ALA A 145 23.58 9.26 -12.68
C ALA A 145 24.37 10.39 -12.01
N MET A 146 24.39 10.40 -10.68
CA MET A 146 25.09 11.45 -9.96
C MET A 146 26.60 11.24 -10.00
N LYS A 147 27.02 10.01 -10.27
CA LYS A 147 28.44 9.72 -10.41
C LYS A 147 28.89 9.83 -11.86
N GLN A 148 28.09 9.29 -12.77
CA GLN A 148 28.43 9.25 -14.18
C GLN A 148 28.12 10.57 -14.87
N TYR A 149 26.85 10.96 -14.87
CA TYR A 149 26.41 12.14 -15.60
C TYR A 149 26.94 13.42 -14.96
N LYS A 150 26.79 13.51 -13.65
CA LYS A 150 27.24 14.70 -12.93
C LYS A 150 28.76 14.80 -12.96
N GLY A 151 29.25 15.85 -13.62
CA GLY A 151 30.68 16.01 -13.79
C GLY A 151 31.09 15.92 -15.24
N VAL A 152 30.12 15.68 -16.11
CA VAL A 152 30.37 15.62 -17.55
C VAL A 152 30.23 17.00 -18.17
N PRO A 153 31.31 17.52 -18.76
CA PRO A 153 31.26 18.73 -19.56
C PRO A 153 30.55 18.46 -20.87
N LEU A 154 29.46 19.17 -21.12
CA LEU A 154 28.65 18.91 -22.28
C LEU A 154 28.82 20.03 -23.28
N ASP A 155 29.68 19.80 -24.26
CA ASP A 155 30.11 20.86 -25.18
C ASP A 155 30.63 22.06 -24.41
N GLY A 156 31.90 22.06 -24.09
CA GLY A 156 32.50 23.20 -23.45
C GLY A 156 32.50 23.11 -21.95
N ARG A 157 31.32 23.16 -21.33
CA ARG A 157 31.25 23.28 -19.88
C ARG A 157 30.42 22.15 -19.28
N PRO A 158 30.70 21.77 -18.02
CA PRO A 158 29.98 20.70 -17.33
C PRO A 158 28.51 21.02 -17.14
N MET A 159 27.67 20.01 -17.36
CA MET A 159 26.23 20.18 -17.18
C MET A 159 25.81 19.79 -15.76
N ASP A 160 24.67 20.31 -15.34
CA ASP A 160 24.19 20.10 -13.98
C ASP A 160 23.10 19.05 -13.96
N ILE A 161 23.28 18.05 -13.11
CA ILE A 161 22.33 16.95 -12.97
C ILE A 161 22.34 16.45 -11.54
N GLN A 162 21.32 16.82 -10.80
CA GLN A 162 21.23 16.44 -9.39
C GLN A 162 20.06 15.52 -9.17
N LEU A 163 20.26 14.51 -8.34
CA LEU A 163 19.25 13.50 -8.12
C LEU A 163 18.91 13.45 -6.65
N VAL A 164 17.78 14.04 -6.32
CA VAL A 164 17.42 14.26 -4.94
C VAL A 164 16.29 13.35 -4.48
N ALA A 165 16.23 13.15 -3.16
CA ALA A 165 15.14 12.41 -2.52
C ALA A 165 15.05 10.97 -3.00
N SER A 166 16.16 10.45 -3.54
CA SER A 166 16.22 9.10 -4.04
C SER A 166 16.36 8.10 -2.88
N GLN A 167 17.42 8.27 -2.12
CA GLN A 167 17.68 7.43 -0.97
C GLN A 167 17.61 8.26 0.31
N ILE A 168 18.40 9.34 0.31
CA ILE A 168 18.45 10.34 1.40
C ILE A 168 18.36 9.73 2.81
N ASP A 169 18.91 8.53 2.95
CA ASP A 169 18.93 7.79 4.23
C ASP A 169 19.44 6.39 3.99
N LEU A 170 18.85 5.73 3.00
CA LEU A 170 19.24 4.38 2.61
C LEU A 170 20.70 4.34 2.19
N GLU A 171 21.02 5.14 1.20
CA GLU A 171 22.38 5.23 0.68
C GLU A 171 22.78 6.69 0.56
N HIS A 172 24.06 6.97 0.73
CA HIS A 172 24.56 8.34 0.66
C HIS A 172 26.06 8.33 0.44
N MET A 15 56.25 -40.48 11.26
CA MET A 15 55.41 -39.38 11.67
C MET A 15 56.20 -38.42 12.54
N ALA A 16 57.01 -38.98 13.43
CA ALA A 16 57.90 -38.22 14.32
C ALA A 16 57.11 -37.41 15.33
N ASP A 17 55.83 -37.74 15.45
CA ASP A 17 54.96 -37.11 16.41
C ASP A 17 54.30 -38.19 17.25
N LYS A 18 53.30 -38.81 16.64
CA LYS A 18 52.58 -39.92 17.26
C LYS A 18 51.88 -39.46 18.54
N MET A 19 51.56 -38.16 18.58
CA MET A 19 50.93 -37.56 19.74
C MET A 19 49.51 -37.14 19.42
N ASP A 20 49.36 -36.35 18.36
CA ASP A 20 48.04 -35.90 17.93
C ASP A 20 47.64 -36.62 16.65
N MET A 21 48.65 -37.07 15.91
CA MET A 21 48.46 -37.87 14.70
C MET A 21 47.74 -37.08 13.60
N SER A 22 46.42 -37.25 13.52
CA SER A 22 45.63 -36.58 12.52
C SER A 22 45.32 -35.15 12.96
N LEU A 23 46.28 -34.26 12.75
CA LEU A 23 46.12 -32.85 13.08
C LEU A 23 44.99 -32.23 12.28
N ASP A 24 44.92 -32.61 11.00
CA ASP A 24 43.89 -32.12 10.09
C ASP A 24 42.51 -32.46 10.60
N ASP A 25 42.33 -33.70 11.04
CA ASP A 25 41.05 -34.15 11.56
C ASP A 25 40.65 -33.36 12.80
N ILE A 26 41.65 -33.02 13.62
CA ILE A 26 41.42 -32.18 14.78
C ILE A 26 40.94 -30.80 14.34
N ILE A 27 41.66 -30.19 13.41
CA ILE A 27 41.29 -28.90 12.85
C ILE A 27 39.83 -28.91 12.39
N LYS A 28 39.47 -29.93 11.61
CA LYS A 28 38.10 -30.09 11.16
C LYS A 28 37.14 -30.23 12.34
N LEU A 29 37.52 -31.08 13.28
CA LEU A 29 36.72 -31.33 14.48
C LEU A 29 36.58 -30.06 15.32
N ASN A 30 37.64 -29.26 15.32
CA ASN A 30 37.70 -28.04 16.12
C ASN A 30 36.94 -26.91 15.44
N ARG A 31 36.78 -27.03 14.13
CA ARG A 31 36.03 -26.07 13.35
C ARG A 31 34.53 -26.33 13.51
N ASN A 32 34.13 -27.55 13.19
CA ASN A 32 32.73 -27.92 13.23
C ASN A 32 32.38 -28.59 14.56
N GLN A 33 32.98 -28.10 15.64
CA GLN A 33 32.69 -28.61 16.97
C GLN A 33 31.38 -28.03 17.48
N ARG A 34 30.81 -27.11 16.72
CA ARG A 34 29.55 -26.48 17.07
C ARG A 34 28.40 -27.21 16.40
N ARG A 35 28.08 -28.40 16.91
CA ARG A 35 27.02 -29.21 16.33
C ARG A 35 25.65 -28.63 16.66
N VAL A 36 25.66 -27.62 17.55
CA VAL A 36 24.44 -26.91 17.90
C VAL A 36 24.02 -25.98 16.76
N ASN A 37 24.93 -25.71 15.85
CA ASN A 37 24.62 -24.88 14.70
C ASN A 37 23.84 -25.70 13.69
N ARG A 38 22.53 -25.59 13.74
CA ARG A 38 21.65 -26.30 12.83
C ARG A 38 21.57 -25.55 11.51
N GLY A 39 21.72 -24.23 11.58
CA GLY A 39 21.65 -23.41 10.40
C GLY A 39 20.23 -23.09 9.99
N GLY A 40 19.54 -24.08 9.48
CA GLY A 40 18.15 -23.90 9.08
C GLY A 40 18.05 -23.26 7.71
N GLY A 41 18.88 -23.72 6.79
CA GLY A 41 18.82 -23.23 5.42
C GLY A 41 17.47 -23.49 4.77
N PRO A 42 17.00 -24.75 4.78
CA PRO A 42 15.65 -25.11 4.35
C PRO A 42 14.57 -24.17 4.91
N ARG A 43 14.80 -23.67 6.13
CA ARG A 43 13.93 -22.69 6.79
C ARG A 43 12.58 -23.30 7.21
N ARG A 44 11.91 -23.96 6.27
CA ARG A 44 10.61 -24.59 6.52
C ARG A 44 9.59 -23.54 6.96
N ASN A 45 9.65 -22.38 6.32
CA ASN A 45 8.75 -21.27 6.66
C ASN A 45 8.06 -20.77 5.41
N ARG A 46 6.92 -20.14 5.59
CA ARG A 46 6.16 -19.60 4.47
C ARG A 46 6.50 -18.13 4.26
N PRO A 47 6.82 -17.74 3.01
CA PRO A 47 7.14 -16.35 2.68
C PRO A 47 6.03 -15.38 3.11
N ALA A 48 4.78 -15.80 2.89
CA ALA A 48 3.60 -15.01 3.27
C ALA A 48 3.66 -13.61 2.64
N ILE A 49 3.63 -13.59 1.32
CA ILE A 49 3.74 -12.33 0.59
C ILE A 49 2.44 -12.02 -0.14
N ALA A 50 1.61 -13.04 -0.31
CA ALA A 50 0.31 -12.86 -0.97
C ALA A 50 -0.74 -12.45 0.04
N ARG A 51 -1.28 -11.26 -0.15
CA ARG A 51 -2.32 -10.72 0.72
C ARG A 51 -3.62 -11.53 0.60
N GLY A 52 -4.48 -11.37 1.59
CA GLY A 52 -5.77 -12.01 1.57
C GLY A 52 -6.75 -11.34 2.51
N GLY A 53 -7.46 -12.14 3.28
CA GLY A 53 -8.39 -11.61 4.26
C GLY A 53 -9.60 -10.96 3.63
N ARG A 54 -9.80 -9.68 3.92
CA ARG A 54 -10.91 -8.92 3.35
C ARG A 54 -10.39 -7.90 2.34
N ASN A 55 -9.45 -8.32 1.51
CA ASN A 55 -8.89 -7.42 0.50
C ASN A 55 -9.80 -7.39 -0.72
N ARG A 56 -10.96 -6.79 -0.55
CA ARG A 56 -11.95 -6.70 -1.60
C ARG A 56 -12.83 -5.47 -1.40
N PRO A 57 -13.47 -5.28 -0.22
CA PRO A 57 -14.22 -4.05 0.08
C PRO A 57 -13.30 -2.84 0.18
N ALA A 58 -12.03 -3.13 0.39
CA ALA A 58 -11.00 -2.11 0.42
C ALA A 58 -10.16 -2.18 -0.85
N PRO A 59 -10.21 -1.12 -1.68
CA PRO A 59 -9.38 -1.03 -2.89
C PRO A 59 -7.90 -1.22 -2.60
N TYR A 60 -7.49 -0.82 -1.40
CA TYR A 60 -6.12 -0.97 -0.97
C TYR A 60 -6.08 -0.97 0.57
N SER A 61 -5.09 -0.31 1.15
CA SER A 61 -4.99 -0.19 2.60
C SER A 61 -6.26 0.41 3.20
N ARG A 62 -6.80 1.42 2.54
CA ARG A 62 -8.04 2.05 3.00
C ARG A 62 -8.98 2.31 1.83
N PRO A 63 -10.26 1.94 1.99
CA PRO A 63 -11.30 2.27 1.01
C PRO A 63 -11.44 3.77 0.82
N LYS A 64 -11.10 4.24 -0.39
CA LYS A 64 -11.18 5.66 -0.70
C LYS A 64 -12.52 5.95 -1.37
N PRO A 65 -13.03 7.19 -1.23
CA PRO A 65 -14.26 7.62 -1.90
C PRO A 65 -14.12 7.63 -3.42
N LEU A 66 -12.90 7.37 -3.88
CA LEU A 66 -12.61 7.23 -5.29
C LEU A 66 -12.25 5.78 -5.59
N PRO A 67 -13.26 4.98 -5.95
CA PRO A 67 -13.10 3.56 -6.23
C PRO A 67 -12.47 3.33 -7.63
N ASP A 68 -13.04 2.44 -8.44
CA ASP A 68 -12.51 2.19 -9.76
C ASP A 68 -12.96 3.28 -10.74
N LYS A 69 -12.74 4.53 -10.36
CA LYS A 69 -13.13 5.66 -11.17
C LYS A 69 -12.01 6.71 -11.20
N TRP A 70 -11.32 6.79 -12.33
CA TRP A 70 -10.27 7.76 -12.51
C TRP A 70 -10.85 9.17 -12.68
N GLN A 71 -10.01 10.16 -12.40
CA GLN A 71 -10.38 11.55 -12.58
C GLN A 71 -9.60 12.11 -13.77
N HIS A 72 -9.48 13.43 -13.85
CA HIS A 72 -8.67 14.05 -14.87
C HIS A 72 -7.21 13.64 -14.69
N ASP A 73 -6.65 14.00 -13.54
CA ASP A 73 -5.26 13.66 -13.23
C ASP A 73 -4.98 13.89 -11.75
N LEU A 74 -5.58 14.96 -11.21
CA LEU A 74 -5.45 15.31 -9.78
C LEU A 74 -4.02 15.77 -9.47
N PHE A 75 -3.11 14.83 -9.31
CA PHE A 75 -1.72 15.16 -9.06
C PHE A 75 -0.94 15.15 -10.38
N ASP A 76 -1.64 14.73 -11.42
CA ASP A 76 -1.10 14.66 -12.78
C ASP A 76 -0.10 13.54 -12.94
N SER A 77 -0.24 12.80 -14.03
CA SER A 77 0.71 11.77 -14.38
C SER A 77 1.76 12.36 -15.31
N GLY A 78 1.35 13.35 -16.10
CA GLY A 78 2.26 14.06 -16.96
C GLY A 78 2.95 15.20 -16.23
N CYS A 79 2.16 16.09 -15.63
CA CYS A 79 2.70 17.23 -14.91
C CYS A 79 2.96 16.88 -13.44
N GLY A 80 3.56 15.71 -13.21
CA GLY A 80 3.85 15.30 -11.87
C GLY A 80 3.99 13.80 -11.76
N GLY A 81 4.39 13.33 -10.58
CA GLY A 81 4.50 11.91 -10.35
C GLY A 81 3.92 11.52 -9.01
N GLY A 82 3.06 12.39 -8.49
CA GLY A 82 2.49 12.17 -7.18
C GLY A 82 3.47 12.41 -6.06
N GLU A 83 3.19 11.88 -4.89
CA GLU A 83 4.10 11.97 -3.76
C GLU A 83 5.19 10.92 -3.87
N GLY A 84 4.78 9.67 -3.90
CA GLY A 84 5.71 8.57 -4.08
C GLY A 84 5.11 7.44 -4.88
N VAL A 85 3.98 7.73 -5.54
CA VAL A 85 3.27 6.74 -6.34
C VAL A 85 4.03 6.47 -7.63
N GLU A 86 4.93 7.36 -7.97
CA GLU A 86 5.69 7.27 -9.20
C GLU A 86 7.02 7.98 -9.06
N THR A 87 7.02 9.02 -8.22
CA THR A 87 8.21 9.81 -7.95
C THR A 87 9.23 9.04 -7.10
N GLY A 88 9.82 8.01 -7.70
CA GLY A 88 10.82 7.23 -7.00
C GLY A 88 12.18 7.88 -7.00
N ALA A 89 12.77 8.03 -8.18
CA ALA A 89 14.08 8.65 -8.31
C ALA A 89 13.98 9.93 -9.14
N LYS A 90 14.38 11.03 -8.53
CA LYS A 90 14.23 12.35 -9.14
C LYS A 90 15.58 12.93 -9.55
N LEU A 91 15.87 12.92 -10.85
CA LEU A 91 17.08 13.55 -11.36
C LEU A 91 16.76 14.95 -11.89
N LEU A 92 17.80 15.75 -12.09
CA LEU A 92 17.66 17.11 -12.57
C LEU A 92 18.79 17.41 -13.54
N VAL A 93 18.54 18.29 -14.49
CA VAL A 93 19.51 18.59 -15.55
C VAL A 93 19.47 20.08 -15.85
N SER A 94 20.62 20.65 -16.15
CA SER A 94 20.72 22.08 -16.42
C SER A 94 22.02 22.36 -17.17
N ASN A 95 22.17 23.57 -17.72
CA ASN A 95 23.40 23.97 -18.40
C ASN A 95 23.73 23.00 -19.54
N LEU A 96 22.70 22.64 -20.27
CA LEU A 96 22.81 21.64 -21.33
C LEU A 96 22.85 22.32 -22.69
N ASP A 97 22.40 21.63 -23.73
CA ASP A 97 22.36 22.20 -25.06
C ASP A 97 21.23 23.21 -25.16
N PHE A 98 21.34 24.12 -26.12
CA PHE A 98 20.33 25.14 -26.31
C PHE A 98 19.12 24.56 -27.04
N GLY A 99 19.31 23.41 -27.68
CA GLY A 99 18.22 22.73 -28.35
C GLY A 99 17.55 21.73 -27.43
N VAL A 100 17.71 21.93 -26.13
CA VAL A 100 17.14 21.06 -25.12
C VAL A 100 15.63 20.87 -25.34
N SER A 101 15.18 19.64 -25.19
CA SER A 101 13.78 19.29 -25.37
C SER A 101 13.42 18.21 -24.38
N ASP A 102 12.19 18.18 -23.88
CA ASP A 102 11.74 17.04 -23.06
C ASP A 102 12.03 15.71 -23.76
N ALA A 103 11.81 15.66 -25.07
CA ALA A 103 12.07 14.45 -25.83
C ALA A 103 13.56 14.19 -25.96
N ASP A 104 14.35 15.26 -26.07
CA ASP A 104 15.80 15.16 -26.15
C ASP A 104 16.39 14.71 -24.81
N ILE A 105 15.87 15.29 -23.73
CA ILE A 105 16.29 14.90 -22.39
C ILE A 105 15.94 13.44 -22.14
N GLN A 106 14.69 13.06 -22.41
CA GLN A 106 14.29 11.67 -22.37
C GLN A 106 15.21 10.81 -23.24
N GLU A 107 15.54 11.33 -24.41
CA GLU A 107 16.43 10.62 -25.32
C GLU A 107 17.78 10.36 -24.67
N LEU A 108 18.34 11.42 -24.07
CA LEU A 108 19.62 11.35 -23.39
C LEU A 108 19.58 10.31 -22.27
N PHE A 109 18.58 10.40 -21.43
CA PHE A 109 18.53 9.58 -20.23
C PHE A 109 18.05 8.16 -20.53
N ALA A 110 17.13 8.01 -21.47
CA ALA A 110 16.77 6.68 -21.97
C ALA A 110 17.99 5.97 -22.53
N GLU A 111 18.93 6.77 -23.02
CA GLU A 111 20.21 6.24 -23.50
C GLU A 111 21.11 5.96 -22.30
N PHE A 112 21.05 6.87 -21.32
CA PHE A 112 21.89 6.79 -20.13
C PHE A 112 21.52 5.58 -19.26
N GLY A 113 20.29 5.13 -19.37
CA GLY A 113 19.83 4.01 -18.57
C GLY A 113 18.33 3.86 -18.55
N THR A 114 17.70 4.37 -17.50
CA THR A 114 16.26 4.26 -17.33
C THR A 114 15.61 5.64 -17.35
N LEU A 115 14.29 5.67 -17.53
CA LEU A 115 13.56 6.92 -17.69
C LEU A 115 12.08 6.63 -17.92
N LYS A 116 11.22 7.19 -17.08
CA LYS A 116 9.78 7.00 -17.24
C LYS A 116 9.07 8.35 -17.30
N LYS A 117 9.83 9.40 -17.01
CA LYS A 117 9.29 10.76 -17.15
C LYS A 117 10.36 11.82 -16.99
N ALA A 118 10.82 12.38 -18.11
CA ALA A 118 11.62 13.58 -18.05
C ALA A 118 10.80 14.79 -18.48
N ALA A 119 10.51 15.65 -17.52
CA ALA A 119 9.73 16.85 -17.76
C ALA A 119 10.67 18.05 -17.77
N VAL A 120 10.21 19.20 -18.22
CA VAL A 120 11.09 20.33 -18.39
C VAL A 120 10.64 21.53 -17.56
N ASP A 121 11.62 22.18 -16.97
CA ASP A 121 11.39 23.31 -16.08
C ASP A 121 11.93 24.60 -16.68
N TYR A 122 11.05 25.56 -16.84
CA TYR A 122 11.44 26.88 -17.30
C TYR A 122 12.05 27.67 -16.15
N ASP A 123 12.55 28.87 -16.44
CA ASP A 123 13.25 29.64 -15.43
C ASP A 123 12.26 30.34 -14.51
N ARG A 124 12.75 30.85 -13.38
CA ARG A 124 11.89 31.49 -12.39
C ARG A 124 11.17 32.71 -12.96
N SER A 125 11.75 33.30 -13.99
CA SER A 125 11.16 34.45 -14.66
C SER A 125 10.34 34.02 -15.89
N GLY A 126 9.99 32.74 -15.94
CA GLY A 126 9.16 32.25 -17.03
C GLY A 126 9.81 32.37 -18.40
N ARG A 127 11.11 32.19 -18.46
CA ARG A 127 11.83 32.18 -19.72
C ARG A 127 12.35 30.79 -20.02
N SER A 128 12.83 30.57 -21.24
CA SER A 128 13.49 29.32 -21.59
C SER A 128 14.69 29.10 -20.68
N LEU A 129 15.12 27.85 -20.55
CA LEU A 129 16.09 27.50 -19.53
C LEU A 129 16.71 26.14 -19.82
N GLY A 130 15.89 25.11 -19.83
CA GLY A 130 16.37 23.80 -20.18
C GLY A 130 16.55 22.87 -19.00
N THR A 131 16.42 23.39 -17.79
CA THR A 131 16.53 22.56 -16.61
C THR A 131 15.35 21.60 -16.54
N ALA A 132 15.61 20.31 -16.70
CA ALA A 132 14.54 19.33 -16.71
C ALA A 132 14.57 18.46 -15.47
N ASP A 133 13.45 17.79 -15.23
CA ASP A 133 13.31 16.84 -14.13
C ASP A 133 13.00 15.48 -14.70
N VAL A 134 13.94 14.56 -14.59
CA VAL A 134 13.73 13.22 -15.12
C VAL A 134 13.49 12.25 -13.98
N HIS A 135 12.70 11.23 -14.24
CA HIS A 135 12.31 10.31 -13.20
C HIS A 135 12.43 8.88 -13.68
N PHE A 136 13.04 8.05 -12.84
CA PHE A 136 13.15 6.63 -13.09
C PHE A 136 12.72 5.85 -11.85
N GLU A 137 12.30 4.61 -12.06
CA GLU A 137 11.92 3.73 -10.95
C GLU A 137 13.16 3.14 -10.28
N ARG A 138 14.32 3.45 -10.85
CA ARG A 138 15.57 2.91 -10.35
C ARG A 138 16.37 4.02 -9.68
N ARG A 139 16.48 3.95 -8.36
CA ARG A 139 17.16 4.99 -7.61
C ARG A 139 18.67 4.88 -7.79
N ALA A 140 19.12 3.72 -8.24
CA ALA A 140 20.53 3.53 -8.54
C ALA A 140 20.89 4.25 -9.82
N ASP A 141 19.88 4.67 -10.57
CA ASP A 141 20.12 5.43 -11.79
C ASP A 141 20.35 6.87 -11.42
N ALA A 142 19.88 7.24 -10.23
CA ALA A 142 20.15 8.54 -9.67
C ALA A 142 21.56 8.54 -9.10
N LEU A 143 21.79 7.64 -8.15
CA LEU A 143 23.15 7.30 -7.68
C LEU A 143 24.12 7.18 -8.86
N LYS A 144 23.64 6.63 -9.96
CA LYS A 144 24.47 6.44 -11.13
C LYS A 144 24.71 7.79 -11.78
N ALA A 145 23.66 8.59 -11.90
CA ALA A 145 23.75 9.89 -12.53
C ALA A 145 24.63 10.83 -11.70
N MET A 146 24.51 10.71 -10.38
CA MET A 146 25.28 11.55 -9.47
C MET A 146 26.74 11.10 -9.39
N LYS A 147 27.04 9.86 -9.78
CA LYS A 147 28.42 9.38 -9.77
C LYS A 147 29.04 9.50 -11.16
N GLN A 148 28.19 9.44 -12.18
CA GLN A 148 28.67 9.42 -13.56
C GLN A 148 28.61 10.80 -14.19
N TYR A 149 27.41 11.34 -14.35
CA TYR A 149 27.21 12.57 -15.12
C TYR A 149 27.38 13.82 -14.27
N LYS A 150 27.10 13.73 -12.98
CA LYS A 150 27.22 14.88 -12.09
C LYS A 150 28.67 15.35 -12.00
N GLY A 151 28.86 16.68 -12.13
CA GLY A 151 30.21 17.24 -12.12
C GLY A 151 30.89 17.19 -13.48
N VAL A 152 30.21 16.67 -14.48
CA VAL A 152 30.79 16.50 -15.80
C VAL A 152 30.58 17.74 -16.67
N PRO A 153 31.64 18.16 -17.39
CA PRO A 153 31.54 19.25 -18.35
C PRO A 153 31.14 18.76 -19.74
N LEU A 154 31.29 19.63 -20.74
CA LEU A 154 31.01 19.28 -22.11
C LEU A 154 31.69 20.31 -23.00
N ASP A 155 32.94 20.02 -23.36
CA ASP A 155 33.81 21.01 -23.99
C ASP A 155 34.09 22.15 -22.99
N GLY A 156 34.59 23.26 -23.49
CA GLY A 156 34.76 24.49 -22.69
C GLY A 156 33.51 24.98 -21.97
N ARG A 157 32.45 24.18 -21.97
CA ARG A 157 31.25 24.50 -21.22
C ARG A 157 30.79 23.30 -20.39
N PRO A 158 30.91 23.38 -19.06
CA PRO A 158 30.44 22.32 -18.16
C PRO A 158 28.91 22.29 -18.09
N MET A 159 28.34 21.14 -17.79
CA MET A 159 26.90 21.03 -17.69
C MET A 159 26.47 21.08 -16.23
N ASP A 160 25.22 20.76 -15.97
CA ASP A 160 24.67 20.85 -14.63
C ASP A 160 23.71 19.70 -14.42
N ILE A 161 23.48 19.36 -13.15
CA ILE A 161 22.80 18.13 -12.79
C ILE A 161 22.37 18.19 -11.34
N GLN A 162 21.52 17.28 -10.94
CA GLN A 162 21.07 17.19 -9.56
C GLN A 162 20.36 15.87 -9.33
N LEU A 163 20.17 15.53 -8.07
CA LEU A 163 19.62 14.24 -7.71
C LEU A 163 18.84 14.37 -6.41
N VAL A 164 17.60 13.93 -6.43
CA VAL A 164 16.71 14.03 -5.28
C VAL A 164 16.06 12.68 -5.02
N ALA A 165 15.85 12.36 -3.74
CA ALA A 165 15.33 11.05 -3.35
C ALA A 165 16.24 9.94 -3.84
N SER A 166 17.53 10.24 -3.88
CA SER A 166 18.53 9.32 -4.43
C SER A 166 18.71 8.11 -3.52
N GLN A 167 18.67 8.35 -2.21
CA GLN A 167 18.79 7.29 -1.23
C GLN A 167 17.52 7.23 -0.40
N ILE A 168 16.52 8.02 -0.81
CA ILE A 168 15.28 8.24 -0.06
C ILE A 168 15.49 8.23 1.45
N ASP A 169 16.54 8.91 1.89
CA ASP A 169 16.85 9.03 3.31
C ASP A 169 16.23 10.30 3.87
N LEU A 170 16.14 11.31 3.02
CA LEU A 170 15.57 12.60 3.40
C LEU A 170 14.06 12.50 3.54
N GLU A 171 13.44 11.68 2.68
CA GLU A 171 12.01 11.46 2.68
C GLU A 171 11.23 12.74 2.41
N HIS A 172 10.86 12.95 1.15
CA HIS A 172 10.07 14.12 0.79
C HIS A 172 8.94 13.70 -0.12
N MET A 15 -50.16 -7.84 45.24
CA MET A 15 -49.24 -8.43 44.28
C MET A 15 -49.11 -7.51 43.07
N ALA A 16 -50.17 -6.73 42.85
CA ALA A 16 -50.19 -5.64 41.87
C ALA A 16 -50.30 -6.17 40.46
N ASP A 17 -50.82 -7.38 40.33
CA ASP A 17 -50.95 -8.02 39.05
C ASP A 17 -51.82 -9.26 39.16
N LYS A 18 -51.19 -10.36 39.57
CA LYS A 18 -51.83 -11.66 39.65
C LYS A 18 -52.47 -12.06 38.32
N MET A 19 -51.79 -11.72 37.23
CA MET A 19 -52.28 -12.04 35.89
C MET A 19 -51.12 -12.55 35.04
N ASP A 20 -50.02 -11.81 35.05
CA ASP A 20 -48.82 -12.20 34.33
C ASP A 20 -47.86 -12.88 35.30
N MET A 21 -47.91 -12.44 36.55
CA MET A 21 -47.11 -13.01 37.64
C MET A 21 -45.63 -12.73 37.45
N SER A 22 -44.97 -13.50 36.60
CA SER A 22 -43.56 -13.34 36.33
C SER A 22 -43.34 -12.28 35.24
N LEU A 23 -43.87 -11.09 35.48
CA LEU A 23 -43.81 -10.00 34.51
C LEU A 23 -42.38 -9.70 34.09
N ASP A 24 -41.48 -9.63 35.08
CA ASP A 24 -40.07 -9.34 34.81
C ASP A 24 -39.48 -10.36 33.84
N ASP A 25 -39.75 -11.63 34.12
CA ASP A 25 -39.26 -12.74 33.28
C ASP A 25 -39.69 -12.53 31.83
N ILE A 26 -40.95 -12.14 31.66
CA ILE A 26 -41.51 -11.87 30.34
C ILE A 26 -40.84 -10.66 29.71
N ILE A 27 -40.77 -9.56 30.47
CA ILE A 27 -40.10 -8.34 30.00
C ILE A 27 -38.70 -8.64 29.50
N LYS A 28 -37.94 -9.39 30.30
CA LYS A 28 -36.60 -9.80 29.92
C LYS A 28 -36.62 -10.58 28.60
N LEU A 29 -37.50 -11.57 28.53
CA LEU A 29 -37.64 -12.41 27.35
C LEU A 29 -38.09 -11.56 26.16
N ASN A 30 -38.88 -10.54 26.45
CA ASN A 30 -39.38 -9.64 25.42
C ASN A 30 -38.22 -8.93 24.74
N ARG A 31 -37.28 -8.47 25.55
CA ARG A 31 -36.09 -7.80 25.04
C ARG A 31 -35.19 -8.78 24.29
N ASN A 32 -35.25 -10.04 24.69
CA ASN A 32 -34.46 -11.10 24.06
C ASN A 32 -35.03 -11.44 22.69
N GLN A 33 -36.30 -11.11 22.48
CA GLN A 33 -36.96 -11.36 21.21
C GLN A 33 -36.99 -10.10 20.35
N ARG A 34 -37.21 -8.97 21.00
CA ARG A 34 -37.34 -7.70 20.30
C ARG A 34 -35.99 -7.15 19.88
N ARG A 35 -35.88 -6.78 18.61
CA ARG A 35 -34.67 -6.16 18.07
C ARG A 35 -33.47 -7.09 18.18
N VAL A 36 -33.49 -8.16 17.39
CA VAL A 36 -32.37 -9.10 17.36
C VAL A 36 -31.76 -9.12 15.96
N ASN A 37 -30.64 -9.80 15.82
CA ASN A 37 -29.99 -9.93 14.52
C ASN A 37 -30.53 -11.16 13.79
N ARG A 38 -31.81 -11.12 13.48
CA ARG A 38 -32.47 -12.22 12.81
C ARG A 38 -33.68 -11.72 12.04
N GLY A 39 -34.14 -12.51 11.09
CA GLY A 39 -35.31 -12.14 10.31
C GLY A 39 -34.94 -11.59 8.96
N GLY A 40 -33.69 -11.78 8.56
CA GLY A 40 -33.23 -11.29 7.28
C GLY A 40 -32.31 -10.09 7.40
N GLY A 41 -31.64 -9.76 6.31
CA GLY A 41 -30.78 -8.60 6.27
C GLY A 41 -31.05 -7.79 5.02
N PRO A 42 -32.20 -7.10 4.96
CA PRO A 42 -32.68 -6.46 3.73
C PRO A 42 -31.96 -5.15 3.42
N ARG A 43 -30.80 -4.94 4.03
CA ARG A 43 -29.98 -3.78 3.74
C ARG A 43 -29.00 -4.10 2.62
N ARG A 44 -28.09 -5.02 2.90
CA ARG A 44 -27.15 -5.49 1.89
C ARG A 44 -26.62 -6.87 2.27
N ASN A 45 -27.48 -7.87 2.12
CA ASN A 45 -27.12 -9.25 2.44
C ASN A 45 -27.37 -10.15 1.24
N ARG A 46 -26.47 -10.09 0.27
CA ARG A 46 -26.54 -10.94 -0.91
C ARG A 46 -25.13 -11.38 -1.30
N PRO A 47 -24.48 -12.19 -0.47
CA PRO A 47 -23.10 -12.63 -0.73
C PRO A 47 -23.05 -13.75 -1.77
N ALA A 48 -24.17 -13.96 -2.44
CA ALA A 48 -24.31 -15.03 -3.39
C ALA A 48 -24.75 -14.50 -4.75
N ILE A 49 -24.22 -13.34 -5.09
CA ILE A 49 -24.51 -12.71 -6.37
C ILE A 49 -23.27 -12.77 -7.24
N ALA A 50 -22.13 -12.72 -6.57
CA ALA A 50 -20.84 -12.83 -7.20
C ALA A 50 -20.09 -14.01 -6.60
N ARG A 51 -18.97 -14.34 -7.20
CA ARG A 51 -18.19 -15.49 -6.76
C ARG A 51 -16.71 -15.16 -6.69
N GLY A 52 -15.97 -15.94 -5.93
CA GLY A 52 -14.55 -15.70 -5.76
C GLY A 52 -14.17 -15.53 -4.31
N GLY A 53 -12.90 -15.77 -4.02
CA GLY A 53 -12.39 -15.59 -2.67
C GLY A 53 -11.15 -14.73 -2.66
N ARG A 54 -11.31 -13.46 -3.00
CA ARG A 54 -10.17 -12.57 -3.13
C ARG A 54 -10.39 -11.29 -2.34
N ASN A 55 -9.39 -10.93 -1.55
CA ASN A 55 -9.42 -9.69 -0.80
C ASN A 55 -8.91 -8.55 -1.66
N ARG A 56 -7.60 -8.47 -1.81
CA ARG A 56 -6.97 -7.42 -2.62
C ARG A 56 -5.46 -7.65 -2.77
N PRO A 57 -4.70 -7.82 -1.65
CA PRO A 57 -3.27 -8.10 -1.74
C PRO A 57 -3.01 -9.46 -2.37
N ALA A 58 -3.80 -10.44 -1.96
CA ALA A 58 -3.70 -11.78 -2.50
C ALA A 58 -4.75 -12.02 -3.57
N PRO A 59 -4.34 -12.48 -4.75
CA PRO A 59 -5.25 -12.87 -5.83
C PRO A 59 -6.24 -13.93 -5.39
N TYR A 60 -5.77 -14.82 -4.52
CA TYR A 60 -6.59 -15.88 -3.98
C TYR A 60 -6.21 -16.12 -2.52
N SER A 61 -6.06 -17.38 -2.12
CA SER A 61 -5.64 -17.70 -0.77
C SER A 61 -4.18 -17.25 -0.54
N ARG A 62 -3.37 -17.36 -1.58
CA ARG A 62 -1.97 -16.99 -1.51
C ARG A 62 -1.54 -16.33 -2.81
N PRO A 63 -0.88 -15.17 -2.74
CA PRO A 63 -0.32 -14.50 -3.91
C PRO A 63 0.78 -15.34 -4.56
N LYS A 64 0.86 -15.29 -5.87
CA LYS A 64 1.89 -16.02 -6.59
C LYS A 64 2.94 -15.06 -7.14
N PRO A 65 4.22 -15.40 -6.98
CA PRO A 65 5.33 -14.57 -7.47
C PRO A 65 5.45 -14.62 -8.99
N LEU A 66 4.66 -15.47 -9.60
CA LEU A 66 4.62 -15.61 -11.04
C LEU A 66 3.18 -15.67 -11.54
N PRO A 67 2.43 -14.57 -11.39
CA PRO A 67 1.03 -14.51 -11.81
C PRO A 67 0.89 -14.60 -13.33
N ASP A 68 1.57 -13.69 -14.04
CA ASP A 68 1.54 -13.66 -15.50
C ASP A 68 0.13 -13.58 -16.03
N LYS A 69 -0.73 -12.88 -15.31
CA LYS A 69 -2.12 -12.76 -15.68
C LYS A 69 -2.41 -11.36 -16.20
N TRP A 70 -2.56 -11.25 -17.51
CA TRP A 70 -2.90 -10.00 -18.17
C TRP A 70 -4.36 -9.61 -17.89
N GLN A 71 -4.65 -9.36 -16.63
CA GLN A 71 -5.97 -8.92 -16.21
C GLN A 71 -6.07 -7.41 -16.36
N HIS A 72 -5.03 -6.73 -15.89
CA HIS A 72 -4.95 -5.28 -15.93
C HIS A 72 -3.55 -4.86 -15.52
N ASP A 73 -3.40 -3.62 -15.08
CA ASP A 73 -2.10 -3.15 -14.60
C ASP A 73 -1.93 -3.50 -13.13
N LEU A 74 -3.00 -3.30 -12.36
CA LEU A 74 -3.04 -3.66 -10.93
C LEU A 74 -2.01 -2.86 -10.13
N PHE A 75 -0.77 -3.32 -10.11
CA PHE A 75 0.32 -2.60 -9.47
C PHE A 75 0.79 -1.49 -10.41
N ASP A 76 0.14 -1.41 -11.56
CA ASP A 76 0.41 -0.40 -12.58
C ASP A 76 1.76 -0.63 -13.21
N SER A 77 2.36 0.44 -13.70
CA SER A 77 3.67 0.37 -14.32
C SER A 77 4.70 1.04 -13.42
N GLY A 78 4.85 0.51 -12.22
CA GLY A 78 5.76 1.10 -11.26
C GLY A 78 5.16 2.28 -10.54
N CYS A 79 3.86 2.49 -10.75
CA CYS A 79 3.15 3.58 -10.08
C CYS A 79 2.44 3.06 -8.84
N GLY A 80 1.19 3.51 -8.62
CA GLY A 80 0.48 3.15 -7.41
C GLY A 80 1.01 3.94 -6.22
N GLY A 81 2.21 3.59 -5.79
CA GLY A 81 2.89 4.35 -4.77
C GLY A 81 3.89 5.32 -5.39
N GLY A 82 3.37 6.43 -5.87
CA GLY A 82 4.19 7.40 -6.56
C GLY A 82 3.37 8.23 -7.52
N GLU A 83 3.42 9.54 -7.36
CA GLU A 83 2.61 10.44 -8.17
C GLU A 83 3.44 11.07 -9.27
N GLY A 84 4.68 10.60 -9.41
CA GLY A 84 5.56 11.14 -10.42
C GLY A 84 6.35 12.32 -9.90
N VAL A 85 6.06 12.71 -8.66
CA VAL A 85 6.73 13.85 -8.04
C VAL A 85 7.86 13.37 -7.13
N GLU A 86 7.63 12.27 -6.46
CA GLU A 86 8.64 11.64 -5.63
C GLU A 86 9.18 10.42 -6.35
N THR A 87 8.41 9.33 -6.29
CA THR A 87 8.63 8.11 -7.06
C THR A 87 10.11 7.80 -7.32
N GLY A 88 10.84 7.56 -6.25
CA GLY A 88 12.20 7.08 -6.38
C GLY A 88 13.23 8.17 -6.62
N ALA A 89 13.60 8.35 -7.88
CA ALA A 89 14.76 9.14 -8.22
C ALA A 89 14.42 10.36 -9.06
N LYS A 90 14.70 11.55 -8.53
CA LYS A 90 14.50 12.79 -9.26
C LYS A 90 15.82 13.35 -9.77
N LEU A 91 15.90 13.51 -11.08
CA LEU A 91 17.09 14.05 -11.74
C LEU A 91 16.77 15.44 -12.27
N LEU A 92 17.61 16.42 -11.99
CA LEU A 92 17.52 17.67 -12.72
C LEU A 92 18.77 17.90 -13.54
N VAL A 93 18.68 18.82 -14.49
CA VAL A 93 19.69 18.99 -15.53
C VAL A 93 19.57 20.40 -16.11
N SER A 94 20.48 21.28 -15.73
CA SER A 94 20.40 22.65 -16.21
C SER A 94 21.72 23.17 -16.76
N ASN A 95 21.68 23.61 -18.02
CA ASN A 95 22.72 24.44 -18.58
C ASN A 95 22.43 25.88 -18.17
N LEU A 96 21.14 26.15 -17.97
CA LEU A 96 20.67 27.45 -17.53
C LEU A 96 19.87 27.31 -16.25
N ASP A 97 18.55 27.26 -16.38
CA ASP A 97 17.68 27.20 -15.20
C ASP A 97 16.34 26.49 -15.46
N PHE A 98 15.83 26.51 -16.71
CA PHE A 98 14.60 25.78 -17.05
C PHE A 98 14.29 25.86 -18.55
N GLY A 99 14.59 24.80 -19.31
CA GLY A 99 14.22 24.82 -20.72
C GLY A 99 14.85 23.78 -21.65
N VAL A 100 14.90 22.50 -21.28
CA VAL A 100 15.31 21.46 -22.24
C VAL A 100 14.07 20.84 -22.87
N SER A 101 14.13 20.47 -24.14
CA SER A 101 12.98 19.88 -24.80
C SER A 101 12.50 18.62 -24.11
N ASP A 102 11.20 18.37 -24.25
CA ASP A 102 10.57 17.21 -23.62
C ASP A 102 11.31 15.96 -23.98
N ALA A 103 11.79 15.91 -25.21
CA ALA A 103 12.50 14.77 -25.71
C ALA A 103 14.02 14.90 -25.61
N ASP A 104 14.57 16.08 -25.27
CA ASP A 104 16.02 16.23 -25.33
C ASP A 104 16.72 15.37 -24.27
N ILE A 105 16.54 15.71 -23.00
CA ILE A 105 17.07 14.91 -21.91
C ILE A 105 16.38 13.54 -21.83
N GLN A 106 15.20 13.44 -22.43
CA GLN A 106 14.45 12.19 -22.42
C GLN A 106 15.16 11.17 -23.28
N GLU A 107 15.54 11.56 -24.49
CA GLU A 107 16.23 10.67 -25.41
C GLU A 107 17.64 10.39 -24.92
N LEU A 108 18.22 11.35 -24.18
CA LEU A 108 19.54 11.16 -23.62
C LEU A 108 19.53 10.04 -22.59
N PHE A 109 18.80 10.25 -21.49
CA PHE A 109 18.62 9.22 -20.47
C PHE A 109 18.00 7.92 -21.02
N ALA A 110 17.39 7.97 -22.19
CA ALA A 110 16.93 6.76 -22.85
C ALA A 110 18.12 6.00 -23.41
N GLU A 111 19.00 6.74 -24.06
CA GLU A 111 20.30 6.23 -24.47
C GLU A 111 21.05 5.71 -23.25
N PHE A 112 20.97 6.47 -22.17
CA PHE A 112 21.52 6.11 -20.86
C PHE A 112 20.88 4.83 -20.27
N GLY A 113 19.94 4.24 -20.97
CA GLY A 113 19.29 3.05 -20.45
C GLY A 113 17.78 3.12 -20.44
N THR A 114 17.21 3.50 -19.31
CA THR A 114 15.77 3.46 -19.15
C THR A 114 15.26 4.68 -18.39
N LEU A 115 14.43 5.47 -19.04
CA LEU A 115 13.86 6.66 -18.42
C LEU A 115 12.37 6.47 -18.21
N LYS A 116 11.97 6.42 -16.94
CA LYS A 116 10.56 6.32 -16.59
C LYS A 116 9.80 7.58 -17.01
N LYS A 117 10.07 8.70 -16.34
CA LYS A 117 9.43 9.95 -16.67
C LYS A 117 10.47 11.04 -16.81
N ALA A 118 10.28 11.96 -17.73
CA ALA A 118 11.16 13.12 -17.84
C ALA A 118 10.34 14.38 -18.00
N ALA A 119 10.34 15.22 -16.98
CA ALA A 119 9.58 16.45 -16.98
C ALA A 119 10.48 17.63 -17.24
N VAL A 120 10.36 18.20 -18.41
CA VAL A 120 11.23 19.28 -18.82
C VAL A 120 10.58 20.64 -18.64
N ASP A 121 11.40 21.65 -18.73
CA ASP A 121 10.95 23.02 -18.60
C ASP A 121 11.36 23.74 -19.87
N TYR A 122 10.88 24.95 -20.08
CA TYR A 122 11.32 25.78 -21.20
C TYR A 122 11.47 27.21 -20.73
N ASP A 123 12.28 28.02 -21.41
CA ASP A 123 12.56 29.36 -20.93
C ASP A 123 11.54 30.33 -21.51
N ARG A 124 11.26 31.40 -20.79
CA ARG A 124 10.25 32.35 -21.19
C ARG A 124 10.63 33.08 -22.48
N SER A 125 11.90 33.01 -22.85
CA SER A 125 12.38 33.74 -24.01
C SER A 125 12.98 32.78 -25.05
N GLY A 126 13.18 31.53 -24.66
CA GLY A 126 13.78 30.58 -25.58
C GLY A 126 13.91 29.17 -25.01
N ARG A 127 12.85 28.39 -25.15
CA ARG A 127 12.91 26.94 -24.93
C ARG A 127 14.09 26.32 -25.70
N SER A 128 14.56 25.17 -25.19
CA SER A 128 15.69 24.43 -25.76
C SER A 128 17.00 25.00 -25.21
N LEU A 129 16.87 25.62 -24.05
CA LEU A 129 17.96 26.24 -23.33
C LEU A 129 18.64 25.24 -22.36
N GLY A 130 18.16 23.99 -22.35
CA GLY A 130 18.82 22.94 -21.59
C GLY A 130 18.50 22.90 -20.09
N THR A 131 17.28 22.51 -19.73
CA THR A 131 16.93 22.27 -18.32
C THR A 131 15.67 21.38 -18.15
N ALA A 132 15.72 20.46 -17.18
CA ALA A 132 14.63 19.50 -16.97
C ALA A 132 14.75 18.80 -15.62
N ASP A 133 13.67 18.11 -15.24
CA ASP A 133 13.62 17.27 -14.05
C ASP A 133 12.97 15.93 -14.39
N VAL A 134 13.77 14.86 -14.43
CA VAL A 134 13.27 13.56 -14.84
C VAL A 134 13.18 12.60 -13.65
N HIS A 135 12.44 11.51 -13.79
CA HIS A 135 12.21 10.59 -12.70
C HIS A 135 12.41 9.15 -13.13
N PHE A 136 13.27 8.44 -12.42
CA PHE A 136 13.37 7.00 -12.57
C PHE A 136 12.79 6.33 -11.34
N GLU A 137 12.21 5.15 -11.51
CA GLU A 137 11.50 4.48 -10.43
C GLU A 137 12.46 3.93 -9.38
N ARG A 138 13.72 3.78 -9.75
CA ARG A 138 14.72 3.25 -8.83
C ARG A 138 15.75 4.31 -8.50
N ARG A 139 16.13 4.39 -7.23
CA ARG A 139 17.06 5.42 -6.76
C ARG A 139 18.48 5.16 -7.25
N ALA A 140 18.85 3.89 -7.43
CA ALA A 140 20.20 3.53 -7.86
C ALA A 140 20.54 4.14 -9.22
N ASP A 141 19.55 4.20 -10.10
CA ASP A 141 19.72 4.86 -11.41
C ASP A 141 20.17 6.30 -11.22
N ALA A 142 19.70 6.92 -10.14
CA ALA A 142 20.06 8.30 -9.83
C ALA A 142 21.43 8.34 -9.16
N LEU A 143 21.73 7.30 -8.41
CA LEU A 143 23.02 7.18 -7.75
C LEU A 143 24.12 7.03 -8.80
N LYS A 144 23.88 6.15 -9.77
CA LYS A 144 24.80 5.97 -10.87
C LYS A 144 24.95 7.28 -11.63
N ALA A 145 23.84 7.97 -11.80
CA ALA A 145 23.83 9.24 -12.52
C ALA A 145 24.55 10.33 -11.71
N MET A 146 24.48 10.25 -10.38
CA MET A 146 25.22 11.18 -9.54
C MET A 146 26.72 10.90 -9.61
N LYS A 147 27.09 9.68 -9.98
CA LYS A 147 28.49 9.34 -10.18
C LYS A 147 28.93 9.66 -11.61
N GLN A 148 28.02 9.51 -12.56
CA GLN A 148 28.34 9.71 -13.97
C GLN A 148 28.01 11.14 -14.42
N TYR A 149 26.74 11.50 -14.40
CA TYR A 149 26.29 12.78 -14.92
C TYR A 149 26.74 13.95 -14.04
N LYS A 150 26.81 13.73 -12.74
CA LYS A 150 27.30 14.76 -11.84
C LYS A 150 28.80 14.96 -12.07
N GLY A 151 29.23 16.21 -12.05
CA GLY A 151 30.60 16.52 -12.40
C GLY A 151 30.80 16.59 -13.90
N VAL A 152 29.72 16.42 -14.66
CA VAL A 152 29.79 16.49 -16.11
C VAL A 152 29.51 17.91 -16.60
N PRO A 153 30.27 18.38 -17.60
CA PRO A 153 30.10 19.69 -18.18
C PRO A 153 29.04 19.71 -19.28
N LEU A 154 28.80 20.90 -19.81
CA LEU A 154 27.86 21.08 -20.90
C LEU A 154 28.30 22.27 -21.74
N ASP A 155 29.09 21.99 -22.77
CA ASP A 155 29.64 23.01 -23.65
C ASP A 155 30.36 24.11 -22.88
N GLY A 156 31.65 23.93 -22.64
CA GLY A 156 32.43 24.96 -22.01
C GLY A 156 32.53 24.80 -20.51
N ARG A 157 31.39 24.82 -19.84
CA ARG A 157 31.39 24.78 -18.38
C ARG A 157 30.59 23.60 -17.85
N PRO A 158 30.91 23.12 -16.64
CA PRO A 158 30.11 22.09 -15.95
C PRO A 158 28.69 22.57 -15.71
N MET A 159 27.72 21.68 -15.83
CA MET A 159 26.32 22.08 -15.77
C MET A 159 25.72 21.82 -14.39
N ASP A 160 24.41 21.94 -14.30
CA ASP A 160 23.70 21.69 -13.05
C ASP A 160 23.02 20.33 -13.13
N ILE A 161 23.61 19.38 -12.48
CA ILE A 161 23.11 18.02 -12.47
C ILE A 161 22.93 17.56 -11.04
N GLN A 162 21.70 17.30 -10.65
CA GLN A 162 21.41 16.94 -9.28
C GLN A 162 20.40 15.81 -9.25
N LEU A 163 20.70 14.79 -8.47
CA LEU A 163 19.83 13.63 -8.40
C LEU A 163 19.40 13.37 -6.97
N VAL A 164 18.12 13.55 -6.77
CA VAL A 164 17.51 13.40 -5.47
C VAL A 164 16.79 12.07 -5.41
N ALA A 165 17.39 11.13 -4.71
CA ALA A 165 16.90 9.75 -4.69
C ALA A 165 16.83 9.26 -3.25
N SER A 166 16.30 10.10 -2.38
CA SER A 166 16.19 9.80 -0.97
C SER A 166 15.36 10.90 -0.30
N GLN A 167 15.86 12.13 -0.41
CA GLN A 167 15.16 13.29 0.12
C GLN A 167 14.11 13.80 -0.85
N ILE A 168 13.42 12.87 -1.50
CA ILE A 168 12.37 13.22 -2.47
C ILE A 168 11.09 13.55 -1.72
N ASP A 169 11.17 13.51 -0.40
CA ASP A 169 10.05 13.78 0.48
C ASP A 169 9.65 15.25 0.44
N LEU A 170 10.62 16.10 0.07
CA LEU A 170 10.38 17.54 -0.02
C LEU A 170 9.31 17.82 -1.06
N GLU A 171 9.35 17.08 -2.15
CA GLU A 171 8.44 17.28 -3.26
C GLU A 171 7.08 16.63 -3.01
N HIS A 172 6.28 17.28 -2.19
CA HIS A 172 4.88 16.95 -1.99
C HIS A 172 4.23 18.00 -1.12
N MET A 15 -106.63 -45.42 -8.59
CA MET A 15 -105.96 -46.19 -7.55
C MET A 15 -106.97 -46.61 -6.49
N ALA A 16 -107.91 -45.69 -6.20
CA ALA A 16 -108.99 -45.93 -5.24
C ALA A 16 -108.44 -46.11 -3.83
N ASP A 17 -107.27 -45.53 -3.61
CA ASP A 17 -106.61 -45.58 -2.32
C ASP A 17 -106.43 -44.17 -1.79
N LYS A 18 -105.42 -43.49 -2.31
CA LYS A 18 -105.15 -42.08 -2.01
C LYS A 18 -105.02 -41.82 -0.51
N MET A 19 -104.57 -42.81 0.24
CA MET A 19 -104.34 -42.64 1.67
C MET A 19 -103.02 -41.92 1.90
N ASP A 20 -102.21 -41.87 0.85
CA ASP A 20 -100.93 -41.17 0.88
C ASP A 20 -101.15 -39.69 0.62
N MET A 21 -102.09 -39.40 -0.27
CA MET A 21 -102.49 -38.03 -0.61
C MET A 21 -101.45 -37.34 -1.48
N SER A 22 -100.30 -37.05 -0.90
CA SER A 22 -99.23 -36.36 -1.60
C SER A 22 -98.41 -37.35 -2.44
N LEU A 23 -99.10 -38.14 -3.25
CA LEU A 23 -98.46 -39.16 -4.09
C LEU A 23 -97.33 -38.58 -4.92
N ASP A 24 -97.63 -37.50 -5.62
CA ASP A 24 -96.65 -36.82 -6.47
C ASP A 24 -95.43 -36.40 -5.66
N ASP A 25 -95.70 -35.83 -4.48
CA ASP A 25 -94.63 -35.36 -3.60
C ASP A 25 -93.74 -36.51 -3.17
N ILE A 26 -94.36 -37.62 -2.79
CA ILE A 26 -93.61 -38.80 -2.37
C ILE A 26 -92.76 -39.33 -3.52
N ILE A 27 -93.38 -39.56 -4.66
CA ILE A 27 -92.66 -40.03 -5.84
C ILE A 27 -91.49 -39.11 -6.16
N LYS A 28 -91.78 -37.81 -6.24
CA LYS A 28 -90.77 -36.81 -6.52
C LYS A 28 -89.63 -36.89 -5.50
N LEU A 29 -89.99 -36.98 -4.23
CA LEU A 29 -89.01 -37.06 -3.16
C LEU A 29 -88.24 -38.37 -3.25
N ASN A 30 -88.93 -39.41 -3.68
CA ASN A 30 -88.32 -40.74 -3.79
C ASN A 30 -87.11 -40.70 -4.71
N ARG A 31 -87.27 -40.08 -5.87
CA ARG A 31 -86.19 -39.99 -6.84
C ARG A 31 -85.27 -38.82 -6.53
N ASN A 32 -85.77 -37.81 -5.83
CA ASN A 32 -84.96 -36.64 -5.48
C ASN A 32 -84.02 -36.96 -4.32
N GLN A 33 -84.38 -37.98 -3.53
CA GLN A 33 -83.55 -38.43 -2.43
C GLN A 33 -82.23 -39.00 -2.94
N ARG A 34 -82.26 -39.50 -4.18
CA ARG A 34 -81.07 -40.06 -4.80
C ARG A 34 -80.48 -39.09 -5.81
N ARG A 35 -80.83 -37.82 -5.67
CA ARG A 35 -80.30 -36.78 -6.56
C ARG A 35 -78.96 -36.27 -6.04
N VAL A 36 -78.09 -37.21 -5.70
CA VAL A 36 -76.79 -36.88 -5.15
C VAL A 36 -75.84 -38.06 -5.32
N ASN A 37 -74.71 -37.82 -5.94
CA ASN A 37 -73.70 -38.85 -6.11
C ASN A 37 -72.93 -39.05 -4.81
N ARG A 38 -72.99 -40.26 -4.27
CA ARG A 38 -72.31 -40.56 -3.03
C ARG A 38 -71.56 -41.88 -3.12
N GLY A 39 -70.46 -41.87 -3.87
CA GLY A 39 -69.65 -43.06 -4.00
C GLY A 39 -68.70 -43.21 -2.83
N GLY A 40 -68.14 -42.09 -2.39
CA GLY A 40 -67.23 -42.10 -1.28
C GLY A 40 -66.76 -40.71 -0.91
N GLY A 41 -66.13 -40.58 0.25
CA GLY A 41 -65.67 -39.29 0.69
C GLY A 41 -64.34 -39.36 1.42
N PRO A 42 -63.22 -39.50 0.70
CA PRO A 42 -61.89 -39.58 1.30
C PRO A 42 -61.37 -38.20 1.69
N ARG A 43 -60.53 -38.15 2.71
CA ARG A 43 -59.97 -36.89 3.18
C ARG A 43 -58.68 -36.56 2.42
N ARG A 44 -58.58 -35.33 1.95
CA ARG A 44 -57.42 -34.87 1.20
C ARG A 44 -56.12 -35.08 1.98
N ASN A 45 -55.11 -35.60 1.28
CA ASN A 45 -53.79 -35.81 1.86
C ASN A 45 -53.24 -34.51 2.45
N ARG A 46 -52.91 -34.55 3.73
CA ARG A 46 -52.39 -33.39 4.42
C ARG A 46 -50.88 -33.52 4.59
N PRO A 47 -50.12 -32.49 4.20
CA PRO A 47 -48.66 -32.48 4.35
C PRO A 47 -48.23 -32.39 5.81
N ALA A 48 -47.86 -33.52 6.38
CA ALA A 48 -47.43 -33.58 7.77
C ALA A 48 -45.95 -33.28 7.89
N ILE A 49 -45.54 -32.15 7.35
CA ILE A 49 -44.15 -31.71 7.33
C ILE A 49 -43.35 -32.57 6.38
N ALA A 50 -43.29 -32.12 5.14
CA ALA A 50 -42.57 -32.83 4.10
C ALA A 50 -41.09 -32.90 4.45
N ARG A 51 -40.70 -34.08 4.92
CA ARG A 51 -39.32 -34.36 5.34
C ARG A 51 -38.28 -33.79 4.37
N GLY A 52 -37.61 -32.74 4.80
CA GLY A 52 -36.55 -32.16 4.02
C GLY A 52 -35.46 -31.61 4.91
N GLY A 53 -35.34 -32.20 6.09
CA GLY A 53 -34.36 -31.74 7.05
C GLY A 53 -33.86 -32.86 7.92
N ARG A 54 -34.23 -32.82 9.21
CA ARG A 54 -33.81 -33.82 10.18
C ARG A 54 -32.28 -33.86 10.28
N ASN A 55 -31.68 -32.67 10.25
CA ASN A 55 -30.22 -32.53 10.27
C ASN A 55 -29.60 -33.11 9.02
N ARG A 56 -29.55 -32.30 7.98
CA ARG A 56 -29.05 -32.73 6.69
C ARG A 56 -28.67 -31.53 5.81
N PRO A 57 -29.61 -30.59 5.54
CA PRO A 57 -29.30 -29.35 4.82
C PRO A 57 -28.36 -28.46 5.61
N ALA A 58 -28.22 -28.78 6.89
CA ALA A 58 -27.32 -28.09 7.78
C ALA A 58 -26.88 -29.04 8.89
N PRO A 59 -25.58 -29.05 9.23
CA PRO A 59 -25.05 -29.91 10.30
C PRO A 59 -25.50 -29.46 11.68
N TYR A 60 -26.10 -28.28 11.73
CA TYR A 60 -26.64 -27.72 12.96
C TYR A 60 -27.47 -26.49 12.62
N SER A 61 -27.41 -25.46 13.47
CA SER A 61 -28.10 -24.21 13.23
C SER A 61 -27.76 -23.65 11.84
N ARG A 62 -26.47 -23.58 11.57
CA ARG A 62 -26.00 -23.10 10.28
C ARG A 62 -24.67 -23.77 9.94
N PRO A 63 -24.53 -24.27 8.69
CA PRO A 63 -23.28 -24.86 8.23
C PRO A 63 -22.18 -23.81 8.08
N LYS A 64 -20.93 -24.24 8.24
CA LYS A 64 -19.79 -23.36 8.02
C LYS A 64 -19.74 -22.93 6.56
N PRO A 65 -19.89 -21.63 6.31
CA PRO A 65 -19.93 -21.08 4.95
C PRO A 65 -18.64 -21.32 4.19
N LEU A 66 -17.51 -20.91 4.78
CA LEU A 66 -16.20 -20.98 4.14
C LEU A 66 -16.26 -20.37 2.75
N PRO A 67 -16.38 -19.03 2.67
CA PRO A 67 -16.51 -18.31 1.40
C PRO A 67 -15.24 -18.38 0.56
N ASP A 68 -14.14 -18.73 1.21
CA ASP A 68 -12.83 -18.84 0.55
C ASP A 68 -12.41 -17.50 -0.02
N LYS A 69 -11.77 -16.70 0.81
CA LYS A 69 -11.34 -15.37 0.40
C LYS A 69 -10.05 -15.46 -0.41
N TRP A 70 -10.19 -15.67 -1.71
CA TRP A 70 -9.03 -15.70 -2.61
C TRP A 70 -8.21 -14.44 -2.46
N GLN A 71 -8.90 -13.29 -2.54
CA GLN A 71 -8.26 -12.02 -2.29
C GLN A 71 -8.22 -11.75 -0.79
N HIS A 72 -7.16 -12.21 -0.15
CA HIS A 72 -6.99 -12.02 1.28
C HIS A 72 -6.73 -10.55 1.59
N ASP A 73 -5.52 -10.10 1.28
CA ASP A 73 -5.13 -8.71 1.47
C ASP A 73 -3.97 -8.38 0.57
N LEU A 74 -4.21 -8.39 -0.72
CA LEU A 74 -3.14 -8.19 -1.69
C LEU A 74 -3.40 -7.00 -2.57
N PHE A 75 -2.37 -6.62 -3.32
CA PHE A 75 -2.38 -5.48 -4.23
C PHE A 75 -2.57 -4.13 -3.53
N ASP A 76 -3.27 -4.15 -2.40
CA ASP A 76 -3.54 -2.97 -1.57
C ASP A 76 -4.57 -2.05 -2.24
N SER A 77 -4.36 -1.78 -3.53
CA SER A 77 -5.30 -1.00 -4.36
C SER A 77 -5.35 0.47 -3.93
N GLY A 78 -6.03 0.77 -2.83
CA GLY A 78 -6.06 2.12 -2.31
C GLY A 78 -4.73 2.52 -1.72
N CYS A 79 -4.01 1.53 -1.21
CA CYS A 79 -2.67 1.73 -0.70
C CYS A 79 -1.65 1.38 -1.78
N GLY A 80 -0.38 1.62 -1.49
CA GLY A 80 0.67 1.34 -2.46
C GLY A 80 0.71 2.38 -3.56
N GLY A 81 0.25 3.58 -3.26
CA GLY A 81 0.24 4.64 -4.24
C GLY A 81 1.63 5.17 -4.54
N GLY A 82 1.95 5.31 -5.81
CA GLY A 82 3.24 5.81 -6.20
C GLY A 82 3.75 5.15 -7.46
N GLU A 83 4.68 5.80 -8.13
CA GLU A 83 5.24 5.28 -9.39
C GLU A 83 6.73 5.54 -9.49
N GLY A 84 7.25 6.39 -8.62
CA GLY A 84 8.67 6.71 -8.67
C GLY A 84 8.91 8.18 -8.92
N VAL A 85 7.83 8.93 -9.05
CA VAL A 85 7.92 10.37 -9.22
C VAL A 85 8.12 11.04 -7.87
N GLU A 86 7.79 10.29 -6.84
CA GLU A 86 7.96 10.71 -5.47
C GLU A 86 8.97 9.79 -4.81
N THR A 87 8.53 8.58 -4.53
CA THR A 87 9.41 7.53 -4.06
C THR A 87 10.16 6.91 -5.23
N GLY A 88 11.23 7.55 -5.65
CA GLY A 88 12.01 7.08 -6.78
C GLY A 88 13.30 7.85 -6.94
N ALA A 89 13.64 8.15 -8.17
CA ALA A 89 14.88 8.87 -8.44
C ALA A 89 14.59 10.18 -9.18
N LYS A 90 14.85 11.30 -8.52
CA LYS A 90 14.59 12.60 -9.12
C LYS A 90 15.87 13.25 -9.61
N LEU A 91 15.85 13.64 -10.87
CA LEU A 91 16.97 14.32 -11.50
C LEU A 91 16.56 15.74 -11.87
N LEU A 92 17.30 16.72 -11.37
CA LEU A 92 17.10 18.10 -11.77
C LEU A 92 18.28 18.56 -12.62
N VAL A 93 18.06 18.67 -13.92
CA VAL A 93 19.13 19.05 -14.82
C VAL A 93 18.83 20.39 -15.48
N SER A 94 19.74 21.33 -15.35
CA SER A 94 19.65 22.58 -16.05
C SER A 94 20.85 22.72 -16.98
N ASN A 95 20.61 22.51 -18.27
CA ASN A 95 21.66 22.61 -19.26
C ASN A 95 21.93 24.08 -19.55
N LEU A 96 20.85 24.86 -19.60
CA LEU A 96 20.91 26.28 -19.89
C LEU A 96 21.35 26.52 -21.33
N ASP A 97 21.62 27.78 -21.67
CA ASP A 97 21.92 28.16 -23.04
C ASP A 97 20.73 27.83 -23.95
N PHE A 98 20.76 26.66 -24.57
CA PHE A 98 19.64 26.13 -25.36
C PHE A 98 20.03 24.80 -26.00
N GLY A 99 20.78 24.00 -25.26
CA GLY A 99 21.29 22.75 -25.80
C GLY A 99 20.24 21.66 -25.85
N VAL A 100 20.14 20.87 -24.78
CA VAL A 100 19.23 19.74 -24.76
C VAL A 100 17.82 20.18 -24.39
N SER A 101 16.86 19.77 -25.21
CA SER A 101 15.46 20.06 -24.95
C SER A 101 14.78 18.87 -24.28
N ASP A 102 13.46 18.95 -24.16
CA ASP A 102 12.64 17.90 -23.55
C ASP A 102 12.91 16.54 -24.19
N ALA A 103 12.83 16.48 -25.51
CA ALA A 103 13.04 15.23 -26.23
C ALA A 103 14.48 14.76 -26.10
N ASP A 104 15.40 15.72 -26.07
CA ASP A 104 16.83 15.42 -26.01
C ASP A 104 17.19 14.76 -24.68
N ILE A 105 17.00 15.49 -23.59
CA ILE A 105 17.28 14.95 -22.26
C ILE A 105 16.56 13.63 -21.99
N GLN A 106 15.37 13.47 -22.57
CA GLN A 106 14.62 12.23 -22.45
C GLN A 106 15.35 11.11 -23.17
N GLU A 107 15.73 11.38 -24.41
CA GLU A 107 16.46 10.41 -25.23
C GLU A 107 17.74 9.99 -24.53
N LEU A 108 18.46 10.96 -24.00
CA LEU A 108 19.75 10.73 -23.36
C LEU A 108 19.61 9.84 -22.14
N PHE A 109 18.91 10.34 -21.13
CA PHE A 109 18.69 9.59 -19.89
C PHE A 109 18.02 8.23 -20.10
N ALA A 110 17.27 8.04 -21.19
CA ALA A 110 16.73 6.73 -21.51
C ALA A 110 17.85 5.79 -21.93
N GLU A 111 18.79 6.35 -22.66
CA GLU A 111 20.04 5.66 -22.99
C GLU A 111 20.78 5.33 -21.68
N PHE A 112 20.74 6.26 -20.74
CA PHE A 112 21.34 6.10 -19.42
C PHE A 112 20.56 5.12 -18.53
N GLY A 113 19.44 4.59 -19.01
CA GLY A 113 18.66 3.67 -18.19
C GLY A 113 17.16 3.92 -18.22
N THR A 114 16.50 3.52 -17.15
CA THR A 114 15.04 3.57 -17.06
C THR A 114 14.54 4.98 -16.83
N LEU A 115 13.99 5.59 -17.86
CA LEU A 115 13.44 6.94 -17.72
C LEU A 115 11.93 6.86 -17.56
N LYS A 116 11.51 6.61 -16.31
CA LYS A 116 10.09 6.58 -15.95
C LYS A 116 9.37 7.79 -16.52
N LYS A 117 9.89 8.97 -16.23
CA LYS A 117 9.37 10.20 -16.82
C LYS A 117 10.49 11.22 -16.98
N ALA A 118 10.35 12.13 -17.93
CA ALA A 118 11.32 13.19 -18.12
C ALA A 118 10.68 14.37 -18.82
N ALA A 119 10.48 15.44 -18.08
CA ALA A 119 9.89 16.66 -18.62
C ALA A 119 10.81 17.83 -18.38
N VAL A 120 10.67 18.89 -19.15
CA VAL A 120 11.50 20.06 -18.97
C VAL A 120 10.78 21.14 -18.17
N ASP A 121 11.57 22.05 -17.64
CA ASP A 121 11.09 23.10 -16.79
C ASP A 121 11.63 24.43 -17.25
N TYR A 122 10.94 25.49 -16.91
CA TYR A 122 11.33 26.84 -17.32
C TYR A 122 11.08 27.80 -16.17
N ASP A 123 11.46 29.06 -16.35
CA ASP A 123 11.22 30.05 -15.31
C ASP A 123 9.78 30.51 -15.40
N ARG A 124 9.39 31.47 -14.58
CA ARG A 124 8.00 31.91 -14.54
C ARG A 124 7.51 32.38 -15.91
N SER A 125 8.42 32.96 -16.69
CA SER A 125 8.07 33.43 -18.01
C SER A 125 8.72 32.58 -19.10
N GLY A 126 9.25 31.42 -18.68
CA GLY A 126 9.92 30.49 -19.59
C GLY A 126 10.73 31.18 -20.69
N ARG A 127 11.82 31.82 -20.32
CA ARG A 127 12.57 32.64 -21.27
C ARG A 127 13.56 31.83 -22.10
N SER A 128 14.44 31.06 -21.44
CA SER A 128 15.53 30.38 -22.14
C SER A 128 16.48 29.68 -21.17
N LEU A 129 16.14 28.47 -20.75
CA LEU A 129 17.04 27.68 -19.92
C LEU A 129 17.20 26.28 -20.48
N GLY A 130 16.18 25.46 -20.26
CA GLY A 130 16.26 24.07 -20.70
C GLY A 130 16.50 23.15 -19.52
N THR A 131 15.95 23.54 -18.38
CA THR A 131 15.91 22.70 -17.21
C THR A 131 14.97 21.52 -17.43
N ALA A 132 15.17 20.43 -16.71
CA ALA A 132 14.30 19.28 -16.82
C ALA A 132 14.30 18.47 -15.54
N ASP A 133 13.17 17.81 -15.29
CA ASP A 133 13.03 16.88 -14.20
C ASP A 133 12.79 15.50 -14.76
N VAL A 134 13.78 14.65 -14.69
CA VAL A 134 13.61 13.28 -15.14
C VAL A 134 13.57 12.37 -13.93
N HIS A 135 12.72 11.38 -13.99
CA HIS A 135 12.49 10.51 -12.87
C HIS A 135 12.68 9.07 -13.28
N PHE A 136 13.58 8.36 -12.60
CA PHE A 136 13.76 6.94 -12.87
C PHE A 136 13.09 6.08 -11.80
N GLU A 137 12.92 4.80 -12.10
CA GLU A 137 12.22 3.86 -11.22
C GLU A 137 13.11 3.47 -10.03
N ARG A 138 14.40 3.42 -10.28
CA ARG A 138 15.35 3.01 -9.24
C ARG A 138 16.17 4.21 -8.78
N ARG A 139 16.40 4.30 -7.48
CA ARG A 139 17.25 5.35 -6.93
C ARG A 139 18.69 5.14 -7.39
N ALA A 140 19.04 3.89 -7.70
CA ALA A 140 20.35 3.56 -8.21
C ALA A 140 20.57 4.15 -9.59
N ASP A 141 19.48 4.32 -10.33
CA ASP A 141 19.54 4.93 -11.66
C ASP A 141 19.98 6.39 -11.53
N ALA A 142 19.57 7.02 -10.44
CA ALA A 142 19.97 8.39 -10.15
C ALA A 142 21.35 8.40 -9.51
N LEU A 143 21.61 7.37 -8.73
CA LEU A 143 22.93 7.15 -8.15
C LEU A 143 23.97 7.06 -9.26
N LYS A 144 23.65 6.26 -10.27
CA LYS A 144 24.51 6.10 -11.42
C LYS A 144 24.61 7.43 -12.18
N ALA A 145 23.49 8.14 -12.27
CA ALA A 145 23.45 9.41 -12.96
C ALA A 145 24.30 10.47 -12.25
N MET A 146 24.32 10.44 -10.93
CA MET A 146 25.14 11.36 -10.16
C MET A 146 26.61 10.98 -10.25
N LYS A 147 26.88 9.71 -10.51
CA LYS A 147 28.24 9.23 -10.63
C LYS A 147 28.77 9.47 -12.04
N GLN A 148 27.92 9.19 -13.03
CA GLN A 148 28.30 9.28 -14.43
C GLN A 148 28.04 10.69 -14.98
N TYR A 149 26.76 11.05 -15.04
CA TYR A 149 26.36 12.30 -15.69
C TYR A 149 26.72 13.53 -14.87
N LYS A 150 26.33 13.54 -13.60
CA LYS A 150 26.53 14.70 -12.76
C LYS A 150 28.03 14.97 -12.57
N GLY A 151 28.48 16.10 -13.10
CA GLY A 151 29.86 16.50 -12.95
C GLY A 151 30.47 16.87 -14.28
N VAL A 152 29.79 16.48 -15.35
CA VAL A 152 30.30 16.70 -16.70
C VAL A 152 30.18 18.17 -17.12
N PRO A 153 31.30 18.72 -17.61
CA PRO A 153 31.30 19.99 -18.30
C PRO A 153 30.62 19.86 -19.65
N LEU A 154 29.55 20.61 -19.85
CA LEU A 154 28.75 20.46 -21.04
C LEU A 154 28.73 21.77 -21.78
N ASP A 155 29.29 21.78 -22.98
CA ASP A 155 29.55 23.02 -23.70
C ASP A 155 30.29 24.02 -22.82
N GLY A 156 31.57 23.75 -22.58
CA GLY A 156 32.40 24.69 -21.88
C GLY A 156 32.50 24.42 -20.40
N ARG A 157 31.38 24.49 -19.70
CA ARG A 157 31.39 24.40 -18.24
C ARG A 157 30.46 23.30 -17.76
N PRO A 158 30.74 22.71 -16.58
CA PRO A 158 29.86 21.71 -15.97
C PRO A 158 28.44 22.24 -15.81
N MET A 159 27.47 21.47 -16.27
CA MET A 159 26.08 21.91 -16.22
C MET A 159 25.50 21.75 -14.81
N ASP A 160 24.20 21.98 -14.69
CA ASP A 160 23.54 21.90 -13.39
C ASP A 160 22.77 20.60 -13.27
N ILE A 161 23.31 19.65 -12.54
CA ILE A 161 22.71 18.33 -12.44
C ILE A 161 22.55 17.93 -10.98
N GLN A 162 21.31 17.72 -10.55
CA GLN A 162 21.04 17.34 -9.18
C GLN A 162 20.33 16.00 -9.12
N LEU A 163 21.00 15.01 -8.54
CA LEU A 163 20.42 13.70 -8.40
C LEU A 163 19.99 13.47 -6.96
N VAL A 164 18.70 13.53 -6.70
CA VAL A 164 18.19 13.30 -5.37
C VAL A 164 17.54 11.92 -5.31
N ALA A 165 18.27 11.00 -4.69
CA ALA A 165 17.86 9.62 -4.53
C ALA A 165 18.83 8.93 -3.59
N SER A 166 19.41 9.72 -2.70
CA SER A 166 20.41 9.24 -1.76
C SER A 166 19.74 8.29 -0.78
N GLN A 167 18.60 8.71 -0.28
CA GLN A 167 17.77 7.90 0.58
C GLN A 167 16.34 8.39 0.51
N ILE A 168 15.56 7.76 -0.35
CA ILE A 168 14.16 8.15 -0.54
C ILE A 168 13.31 7.62 0.60
N ASP A 169 13.59 8.13 1.78
CA ASP A 169 12.89 7.76 2.99
C ASP A 169 12.52 9.01 3.80
N LEU A 170 13.16 10.13 3.46
CA LEU A 170 12.99 11.36 4.20
C LEU A 170 12.08 12.33 3.45
N GLU A 171 12.52 12.75 2.27
CA GLU A 171 11.78 13.69 1.43
C GLU A 171 11.39 14.95 2.19
N HIS A 172 12.40 15.72 2.56
CA HIS A 172 12.21 16.99 3.24
C HIS A 172 13.22 17.99 2.73
N MET A 15 -116.84 -43.83 -19.74
CA MET A 15 -115.94 -44.63 -18.94
C MET A 15 -115.57 -43.92 -17.65
N ALA A 16 -115.77 -42.60 -17.62
CA ALA A 16 -115.39 -41.77 -16.48
C ALA A 16 -113.91 -41.95 -16.15
N ASP A 17 -113.11 -42.09 -17.19
CA ASP A 17 -111.70 -42.40 -17.04
C ASP A 17 -110.90 -41.82 -18.17
N LYS A 18 -111.52 -41.78 -19.33
CA LYS A 18 -110.88 -41.26 -20.54
C LYS A 18 -110.72 -39.73 -20.49
N MET A 19 -110.39 -39.21 -19.33
CA MET A 19 -110.16 -37.78 -19.16
C MET A 19 -108.66 -37.50 -19.19
N ASP A 20 -107.89 -38.39 -18.58
CA ASP A 20 -106.44 -38.28 -18.56
C ASP A 20 -105.81 -39.42 -19.35
N MET A 21 -106.21 -40.66 -19.02
CA MET A 21 -105.73 -41.87 -19.69
C MET A 21 -104.29 -42.19 -19.30
N SER A 22 -103.37 -41.31 -19.65
CA SER A 22 -101.98 -41.46 -19.28
C SER A 22 -101.74 -40.89 -17.88
N LEU A 23 -102.25 -41.60 -16.88
CA LEU A 23 -102.18 -41.16 -15.51
C LEU A 23 -100.74 -41.15 -15.01
N ASP A 24 -99.94 -42.10 -15.48
CA ASP A 24 -98.55 -42.25 -15.05
C ASP A 24 -97.75 -40.96 -15.19
N ASP A 25 -97.98 -40.21 -16.26
CA ASP A 25 -97.27 -38.96 -16.50
C ASP A 25 -97.68 -37.90 -15.48
N ILE A 26 -98.96 -37.87 -15.15
CA ILE A 26 -99.47 -36.96 -14.15
C ILE A 26 -98.98 -37.37 -12.77
N ILE A 27 -99.08 -38.66 -12.48
CA ILE A 27 -98.51 -39.22 -11.25
C ILE A 27 -97.07 -38.78 -11.08
N LYS A 28 -96.32 -38.84 -12.17
CA LYS A 28 -94.95 -38.36 -12.18
C LYS A 28 -94.87 -36.89 -11.77
N LEU A 29 -95.66 -36.05 -12.44
CA LEU A 29 -95.72 -34.64 -12.13
C LEU A 29 -96.26 -34.41 -10.72
N ASN A 30 -97.06 -35.35 -10.26
CA ASN A 30 -97.63 -35.30 -8.91
C ASN A 30 -96.56 -35.59 -7.87
N ARG A 31 -95.68 -36.55 -8.19
CA ARG A 31 -94.57 -36.92 -7.32
C ARG A 31 -93.64 -35.73 -7.16
N ASN A 32 -93.55 -34.93 -8.21
CA ASN A 32 -92.81 -33.67 -8.15
C ASN A 32 -93.65 -32.61 -7.43
N GLN A 33 -94.71 -32.17 -8.10
CA GLN A 33 -95.65 -31.18 -7.55
C GLN A 33 -94.96 -29.90 -7.10
N ARG A 34 -93.79 -29.62 -7.66
CA ARG A 34 -93.08 -28.39 -7.38
C ARG A 34 -93.21 -27.44 -8.55
N ARG A 35 -94.13 -26.50 -8.43
CA ARG A 35 -94.44 -25.58 -9.52
C ARG A 35 -93.44 -24.42 -9.55
N VAL A 36 -92.16 -24.76 -9.61
CA VAL A 36 -91.11 -23.77 -9.69
C VAL A 36 -90.13 -24.15 -10.79
N ASN A 37 -89.84 -23.22 -11.67
CA ASN A 37 -88.90 -23.47 -12.75
C ASN A 37 -87.47 -23.21 -12.27
N ARG A 38 -87.01 -24.08 -11.38
CA ARG A 38 -85.71 -23.92 -10.76
C ARG A 38 -84.62 -24.59 -11.60
N GLY A 39 -83.61 -23.83 -11.96
CA GLY A 39 -82.47 -24.36 -12.68
C GLY A 39 -81.27 -24.50 -11.76
N GLY A 40 -81.02 -23.47 -10.97
CA GLY A 40 -79.93 -23.50 -10.02
C GLY A 40 -78.71 -22.74 -10.51
N GLY A 41 -77.57 -23.03 -9.91
CA GLY A 41 -76.33 -22.37 -10.29
C GLY A 41 -75.83 -21.43 -9.21
N PRO A 42 -75.03 -21.95 -8.25
CA PRO A 42 -74.49 -21.12 -7.16
C PRO A 42 -73.36 -20.22 -7.63
N ARG A 43 -73.06 -19.19 -6.84
CA ARG A 43 -72.01 -18.25 -7.19
C ARG A 43 -70.90 -18.28 -6.14
N ARG A 44 -70.20 -19.40 -6.08
CA ARG A 44 -69.12 -19.58 -5.13
C ARG A 44 -67.81 -19.85 -5.87
N ASN A 45 -66.80 -20.30 -5.13
CA ASN A 45 -65.50 -20.69 -5.71
C ASN A 45 -64.82 -19.52 -6.41
N ARG A 46 -65.09 -18.32 -5.94
CA ARG A 46 -64.49 -17.13 -6.53
C ARG A 46 -63.03 -16.98 -6.09
N PRO A 47 -62.72 -17.01 -4.77
CA PRO A 47 -61.33 -16.87 -4.29
C PRO A 47 -60.43 -17.99 -4.80
N ALA A 48 -61.04 -19.12 -5.14
CA ALA A 48 -60.29 -20.27 -5.63
C ALA A 48 -60.60 -20.54 -7.09
N ILE A 49 -60.93 -19.48 -7.81
CA ILE A 49 -61.18 -19.56 -9.24
C ILE A 49 -59.89 -19.84 -10.00
N ALA A 50 -58.78 -19.48 -9.38
CA ALA A 50 -57.47 -19.67 -9.98
C ALA A 50 -56.46 -20.08 -8.92
N ARG A 51 -55.72 -19.10 -8.40
CA ARG A 51 -54.71 -19.36 -7.39
C ARG A 51 -54.40 -18.08 -6.61
N GLY A 52 -53.86 -18.22 -5.41
CA GLY A 52 -53.56 -17.07 -4.59
C GLY A 52 -52.27 -17.23 -3.82
N GLY A 53 -52.03 -16.32 -2.90
CA GLY A 53 -50.81 -16.37 -2.11
C GLY A 53 -49.70 -15.53 -2.71
N ARG A 54 -48.55 -16.16 -2.91
CA ARG A 54 -47.39 -15.53 -3.56
C ARG A 54 -46.72 -14.50 -2.65
N ASN A 55 -47.44 -13.42 -2.35
CA ASN A 55 -46.89 -12.37 -1.50
C ASN A 55 -47.13 -12.71 -0.04
N ARG A 56 -46.30 -13.61 0.46
CA ARG A 56 -46.38 -14.07 1.83
C ARG A 56 -45.05 -14.68 2.27
N PRO A 57 -44.51 -15.67 1.51
CA PRO A 57 -43.17 -16.22 1.79
C PRO A 57 -42.07 -15.25 1.38
N ALA A 58 -42.47 -14.10 0.88
CA ALA A 58 -41.52 -13.07 0.46
C ALA A 58 -41.86 -11.73 1.11
N PRO A 59 -40.87 -11.09 1.73
CA PRO A 59 -41.03 -9.76 2.35
C PRO A 59 -41.61 -8.74 1.37
N TYR A 60 -40.95 -8.57 0.24
CA TYR A 60 -41.43 -7.71 -0.82
C TYR A 60 -41.07 -8.29 -2.18
N SER A 61 -42.00 -9.06 -2.73
CA SER A 61 -41.83 -9.72 -4.02
C SER A 61 -40.81 -10.86 -3.96
N ARG A 62 -39.60 -10.55 -3.50
CA ARG A 62 -38.54 -11.54 -3.40
C ARG A 62 -37.76 -11.35 -2.10
N PRO A 63 -37.45 -12.45 -1.41
CA PRO A 63 -36.61 -12.42 -0.20
C PRO A 63 -35.15 -12.17 -0.57
N LYS A 64 -34.63 -11.03 -0.15
CA LYS A 64 -33.25 -10.66 -0.48
C LYS A 64 -32.38 -10.68 0.77
N PRO A 65 -31.10 -11.04 0.63
CA PRO A 65 -30.16 -11.04 1.74
C PRO A 65 -29.49 -9.68 1.90
N LEU A 66 -29.67 -9.07 3.06
CA LEU A 66 -29.10 -7.76 3.34
C LEU A 66 -28.52 -7.71 4.75
N PRO A 67 -27.53 -8.55 5.05
CA PRO A 67 -26.89 -8.59 6.36
C PRO A 67 -25.74 -7.58 6.44
N ASP A 68 -24.69 -7.92 7.18
CA ASP A 68 -23.56 -7.01 7.36
C ASP A 68 -22.61 -7.09 6.17
N LYS A 69 -23.12 -6.75 5.01
CA LYS A 69 -22.33 -6.75 3.80
C LYS A 69 -22.63 -5.49 2.99
N TRP A 70 -22.02 -4.40 3.40
CA TRP A 70 -22.22 -3.12 2.74
C TRP A 70 -21.01 -2.74 1.90
N GLN A 71 -20.05 -2.09 2.52
CA GLN A 71 -18.84 -1.64 1.83
C GLN A 71 -17.70 -2.62 2.09
N HIS A 72 -18.01 -3.91 1.97
CA HIS A 72 -17.06 -4.99 2.28
C HIS A 72 -16.81 -5.06 3.78
N ASP A 73 -16.04 -4.11 4.26
CA ASP A 73 -15.72 -3.96 5.66
C ASP A 73 -15.71 -2.48 5.99
N LEU A 74 -14.84 -1.77 5.27
CA LEU A 74 -14.79 -0.32 5.27
C LEU A 74 -13.62 0.16 4.42
N PHE A 75 -12.47 0.31 5.05
CA PHE A 75 -11.26 0.71 4.35
C PHE A 75 -10.25 -0.42 4.37
N ASP A 76 -10.80 -1.62 4.45
CA ASP A 76 -10.01 -2.86 4.41
C ASP A 76 -9.12 -2.98 5.64
N SER A 77 -8.08 -3.80 5.53
CA SER A 77 -7.15 -4.00 6.62
C SER A 77 -6.01 -2.99 6.56
N GLY A 78 -6.07 -2.08 5.59
CA GLY A 78 -5.05 -1.07 5.47
C GLY A 78 -4.99 -0.48 4.08
N CYS A 79 -6.10 0.05 3.59
CA CYS A 79 -6.14 0.68 2.28
C CYS A 79 -5.58 2.10 2.36
N GLY A 80 -4.27 2.21 2.38
CA GLY A 80 -3.64 3.50 2.46
C GLY A 80 -2.23 3.41 3.04
N GLY A 81 -1.27 3.06 2.20
CA GLY A 81 0.09 2.92 2.66
C GLY A 81 1.08 3.46 1.65
N GLY A 82 2.31 2.96 1.71
CA GLY A 82 3.33 3.42 0.79
C GLY A 82 3.18 2.80 -0.57
N GLU A 83 2.69 3.59 -1.51
CA GLU A 83 2.42 3.10 -2.86
C GLU A 83 3.71 3.04 -3.68
N GLY A 84 4.78 3.59 -3.14
CA GLY A 84 6.04 3.58 -3.84
C GLY A 84 6.12 4.70 -4.86
N VAL A 85 5.18 5.62 -4.77
CA VAL A 85 5.11 6.75 -5.67
C VAL A 85 6.14 7.81 -5.29
N GLU A 86 6.55 7.76 -4.03
CA GLU A 86 7.49 8.72 -3.48
C GLU A 86 8.91 8.18 -3.52
N THR A 87 9.03 6.85 -3.51
CA THR A 87 10.33 6.21 -3.57
C THR A 87 10.84 6.18 -5.01
N GLY A 88 11.18 7.35 -5.52
CA GLY A 88 11.70 7.45 -6.87
C GLY A 88 13.00 8.22 -6.92
N ALA A 89 13.48 8.44 -8.12
CA ALA A 89 14.72 9.13 -8.34
C ALA A 89 14.49 10.40 -9.16
N LYS A 90 14.77 11.55 -8.56
CA LYS A 90 14.53 12.83 -9.21
C LYS A 90 15.81 13.44 -9.76
N LEU A 91 15.87 13.59 -11.06
CA LEU A 91 17.02 14.16 -11.74
C LEU A 91 16.69 15.58 -12.20
N LEU A 92 17.49 16.55 -11.78
CA LEU A 92 17.35 17.93 -12.24
C LEU A 92 18.57 18.35 -13.05
N VAL A 93 18.41 18.45 -14.37
CA VAL A 93 19.49 18.89 -15.23
C VAL A 93 19.26 20.31 -15.75
N SER A 94 20.27 21.14 -15.64
CA SER A 94 20.29 22.43 -16.32
C SER A 94 21.58 22.57 -17.10
N ASN A 95 21.49 22.39 -18.40
CA ASN A 95 22.66 22.44 -19.26
C ASN A 95 22.74 23.78 -19.97
N LEU A 96 22.25 23.80 -21.20
CA LEU A 96 22.28 24.95 -22.09
C LEU A 96 22.09 24.48 -23.52
N ASP A 97 23.20 24.08 -24.14
CA ASP A 97 23.20 23.53 -25.50
C ASP A 97 22.56 24.49 -26.49
N PHE A 98 22.04 23.95 -27.58
CA PHE A 98 21.35 24.76 -28.58
C PHE A 98 19.87 24.86 -28.24
N GLY A 99 19.44 24.04 -27.30
CA GLY A 99 18.05 24.00 -26.91
C GLY A 99 17.58 22.59 -26.63
N VAL A 100 17.53 22.23 -25.36
CA VAL A 100 17.08 20.91 -24.96
C VAL A 100 15.57 20.89 -24.75
N SER A 101 14.86 20.22 -25.63
CA SER A 101 13.42 20.11 -25.53
C SER A 101 13.00 19.01 -24.57
N ASP A 102 11.69 18.89 -24.36
CA ASP A 102 11.12 17.91 -23.43
C ASP A 102 11.57 16.49 -23.78
N ALA A 103 11.50 16.16 -25.05
CA ALA A 103 11.87 14.83 -25.51
C ALA A 103 13.39 14.66 -25.61
N ASP A 104 14.13 15.76 -25.64
CA ASP A 104 15.58 15.70 -25.80
C ASP A 104 16.23 14.96 -24.63
N ILE A 105 16.11 15.54 -23.43
CA ILE A 105 16.63 14.91 -22.22
C ILE A 105 16.04 13.52 -21.99
N GLN A 106 14.82 13.30 -22.47
CA GLN A 106 14.17 12.01 -22.36
C GLN A 106 14.90 10.98 -23.23
N GLU A 107 15.19 11.40 -24.47
CA GLU A 107 15.92 10.55 -25.40
C GLU A 107 17.34 10.31 -24.89
N LEU A 108 17.92 11.33 -24.27
CA LEU A 108 19.27 11.24 -23.72
C LEU A 108 19.37 10.14 -22.67
N PHE A 109 18.67 10.33 -21.55
CA PHE A 109 18.63 9.30 -20.50
C PHE A 109 18.05 7.96 -21.00
N ALA A 110 17.36 7.97 -22.14
CA ALA A 110 16.91 6.72 -22.75
C ALA A 110 18.12 6.01 -23.37
N GLU A 111 18.94 6.77 -24.07
CA GLU A 111 20.24 6.30 -24.52
C GLU A 111 21.07 5.85 -23.32
N PHE A 112 20.95 6.63 -22.23
CA PHE A 112 21.57 6.31 -20.94
C PHE A 112 20.97 5.06 -20.29
N GLY A 113 19.98 4.45 -20.93
CA GLY A 113 19.33 3.29 -20.34
C GLY A 113 17.82 3.38 -20.33
N THR A 114 17.25 3.66 -19.17
CA THR A 114 15.80 3.65 -19.02
C THR A 114 15.30 4.94 -18.39
N LEU A 115 14.43 5.65 -19.11
CA LEU A 115 13.82 6.85 -18.58
C LEU A 115 12.31 6.69 -18.47
N LYS A 116 11.88 6.48 -17.23
CA LYS A 116 10.46 6.35 -16.93
C LYS A 116 9.71 7.65 -17.23
N LYS A 117 10.00 8.71 -16.47
CA LYS A 117 9.34 9.99 -16.67
C LYS A 117 10.36 11.09 -16.84
N ALA A 118 10.12 12.02 -17.76
CA ALA A 118 11.01 13.17 -17.93
C ALA A 118 10.25 14.36 -18.51
N ALA A 119 10.73 15.55 -18.18
CA ALA A 119 10.16 16.80 -18.69
C ALA A 119 11.11 17.96 -18.45
N VAL A 120 11.08 18.96 -19.31
CA VAL A 120 12.00 20.09 -19.18
C VAL A 120 11.34 21.31 -18.57
N ASP A 121 12.18 22.27 -18.20
CA ASP A 121 11.80 23.46 -17.49
C ASP A 121 12.62 24.63 -18.01
N TYR A 122 12.22 25.85 -17.67
CA TYR A 122 12.87 27.04 -18.22
C TYR A 122 12.77 28.20 -17.24
N ASP A 123 13.34 29.33 -17.62
CA ASP A 123 13.35 30.50 -16.75
C ASP A 123 12.08 31.32 -16.98
N ARG A 124 11.73 32.16 -16.01
CA ARG A 124 10.53 33.00 -16.08
C ARG A 124 10.47 33.78 -17.38
N SER A 125 11.57 34.44 -17.73
CA SER A 125 11.61 35.26 -18.93
C SER A 125 12.13 34.44 -20.12
N GLY A 126 12.38 33.16 -19.87
CA GLY A 126 12.97 32.32 -20.90
C GLY A 126 14.41 32.68 -21.16
N ARG A 127 15.24 32.56 -20.13
CA ARG A 127 16.65 32.92 -20.23
C ARG A 127 17.40 31.96 -21.16
N SER A 128 17.81 30.83 -20.60
CA SER A 128 18.54 29.82 -21.35
C SER A 128 18.39 28.49 -20.62
N LEU A 129 19.43 28.10 -19.85
CA LEU A 129 19.40 26.90 -19.01
C LEU A 129 18.90 25.66 -19.73
N GLY A 130 17.60 25.43 -19.69
CA GLY A 130 17.07 24.19 -20.19
C GLY A 130 17.04 23.16 -19.11
N THR A 131 16.32 23.47 -18.03
CA THR A 131 16.20 22.57 -16.91
C THR A 131 15.35 21.38 -17.28
N ALA A 132 15.45 20.30 -16.54
CA ALA A 132 14.56 19.17 -16.73
C ALA A 132 14.49 18.32 -15.49
N ASP A 133 13.30 17.81 -15.23
CA ASP A 133 13.06 16.86 -14.17
C ASP A 133 12.74 15.51 -14.77
N VAL A 134 13.65 14.56 -14.64
CA VAL A 134 13.37 13.22 -15.07
C VAL A 134 13.32 12.32 -13.84
N HIS A 135 12.48 11.31 -13.88
CA HIS A 135 12.24 10.49 -12.72
C HIS A 135 12.39 9.03 -13.06
N PHE A 136 13.31 8.36 -12.40
CA PHE A 136 13.45 6.93 -12.53
C PHE A 136 12.89 6.27 -11.28
N GLU A 137 12.45 5.03 -11.39
CA GLU A 137 11.86 4.32 -10.27
C GLU A 137 12.94 3.78 -9.32
N ARG A 138 14.15 3.67 -9.83
CA ARG A 138 15.25 3.08 -9.07
C ARG A 138 16.18 4.16 -8.54
N ARG A 139 16.54 4.07 -7.27
CA ARG A 139 17.43 5.06 -6.66
C ARG A 139 18.86 4.90 -7.15
N ALA A 140 19.28 3.65 -7.38
CA ALA A 140 20.63 3.37 -7.89
C ALA A 140 20.84 4.03 -9.25
N ASP A 141 19.76 4.09 -10.02
CA ASP A 141 19.76 4.77 -11.32
C ASP A 141 20.20 6.21 -11.14
N ALA A 142 19.72 6.85 -10.09
CA ALA A 142 20.04 8.24 -9.83
C ALA A 142 21.39 8.36 -9.15
N LEU A 143 21.71 7.37 -8.32
CA LEU A 143 22.99 7.34 -7.63
C LEU A 143 24.14 7.27 -8.63
N LYS A 144 24.04 6.34 -9.57
CA LYS A 144 25.06 6.18 -10.61
C LYS A 144 25.09 7.42 -11.50
N ALA A 145 23.92 7.99 -11.74
CA ALA A 145 23.82 9.18 -12.56
C ALA A 145 24.39 10.39 -11.84
N MET A 146 24.27 10.42 -10.52
CA MET A 146 24.82 11.51 -9.73
C MET A 146 26.32 11.34 -9.56
N LYS A 147 26.78 10.10 -9.64
CA LYS A 147 28.19 9.81 -9.55
C LYS A 147 28.88 10.10 -10.88
N GLN A 148 28.34 9.57 -11.96
CA GLN A 148 28.98 9.71 -13.27
C GLN A 148 28.53 10.97 -13.99
N TYR A 149 27.21 11.14 -14.16
CA TYR A 149 26.70 12.29 -14.90
C TYR A 149 26.95 13.57 -14.10
N LYS A 150 26.34 13.67 -12.91
CA LYS A 150 26.46 14.87 -12.10
C LYS A 150 27.92 15.23 -11.86
N GLY A 151 28.34 16.36 -12.41
CA GLY A 151 29.71 16.80 -12.25
C GLY A 151 30.28 17.34 -13.54
N VAL A 152 29.68 16.94 -14.67
CA VAL A 152 30.15 17.32 -16.03
C VAL A 152 30.61 18.77 -16.12
N PRO A 153 31.93 18.97 -16.14
CA PRO A 153 32.53 20.22 -16.49
C PRO A 153 32.90 20.21 -17.96
N LEU A 154 32.68 21.32 -18.64
CA LEU A 154 33.04 21.39 -20.03
C LEU A 154 33.47 22.80 -20.40
N ASP A 155 34.74 23.09 -20.13
CA ASP A 155 35.39 24.31 -20.58
C ASP A 155 34.59 25.56 -20.21
N GLY A 156 34.84 26.12 -19.03
CA GLY A 156 34.16 27.36 -18.65
C GLY A 156 32.68 27.15 -18.39
N ARG A 157 32.24 25.91 -18.55
CA ARG A 157 30.85 25.57 -18.25
C ARG A 157 30.69 24.13 -17.81
N PRO A 158 30.53 23.89 -16.50
CA PRO A 158 29.97 22.65 -15.99
C PRO A 158 28.44 22.72 -15.97
N MET A 159 27.76 21.75 -16.54
CA MET A 159 26.31 21.76 -16.50
C MET A 159 25.80 21.49 -15.09
N ASP A 160 24.52 21.74 -14.88
CA ASP A 160 23.93 21.61 -13.55
C ASP A 160 23.14 20.33 -13.44
N ILE A 161 23.59 19.45 -12.57
CA ILE A 161 22.95 18.16 -12.38
C ILE A 161 22.74 17.89 -10.90
N GLN A 162 21.52 17.52 -10.52
CA GLN A 162 21.25 17.09 -9.17
C GLN A 162 20.30 15.90 -9.20
N LEU A 163 20.65 14.85 -8.49
CA LEU A 163 19.83 13.65 -8.49
C LEU A 163 19.44 13.28 -7.07
N VAL A 164 18.14 13.18 -6.85
CA VAL A 164 17.60 12.94 -5.54
C VAL A 164 17.19 11.48 -5.39
N ALA A 165 18.03 10.73 -4.70
CA ALA A 165 17.81 9.31 -4.42
C ALA A 165 18.95 8.79 -3.55
N SER A 166 19.51 9.68 -2.76
CA SER A 166 20.67 9.37 -1.95
C SER A 166 20.54 9.98 -0.56
N GLN A 167 19.76 11.06 -0.47
CA GLN A 167 19.49 11.71 0.80
C GLN A 167 18.00 11.77 1.05
N ILE A 168 17.26 10.88 0.40
CA ILE A 168 15.80 10.86 0.49
C ILE A 168 15.33 10.20 1.77
N ASP A 169 16.28 9.89 2.65
CA ASP A 169 15.98 9.26 3.93
C ASP A 169 15.12 10.16 4.79
N LEU A 170 15.27 11.46 4.61
CA LEU A 170 14.55 12.43 5.40
C LEU A 170 13.18 12.70 4.78
N GLU A 171 13.17 12.76 3.45
CA GLU A 171 11.94 12.90 2.70
C GLU A 171 10.98 11.75 2.99
N HIS A 172 11.51 10.54 3.10
CA HIS A 172 10.70 9.38 3.42
C HIS A 172 11.22 8.68 4.66
N MET A 15 -67.88 -98.06 -26.57
CA MET A 15 -66.88 -97.43 -25.74
C MET A 15 -66.00 -98.49 -25.07
N ALA A 16 -66.64 -99.41 -24.37
CA ALA A 16 -65.95 -100.49 -23.65
C ALA A 16 -64.97 -99.91 -22.64
N ASP A 17 -65.29 -98.74 -22.14
CA ASP A 17 -64.40 -98.00 -21.26
C ASP A 17 -65.21 -97.26 -20.21
N LYS A 18 -65.86 -96.18 -20.62
CA LYS A 18 -66.70 -95.35 -19.75
C LYS A 18 -65.92 -94.90 -18.51
N MET A 19 -64.63 -94.65 -18.69
CA MET A 19 -63.77 -94.21 -17.60
C MET A 19 -62.93 -93.03 -18.05
N ASP A 20 -62.52 -93.07 -19.31
CA ASP A 20 -61.78 -91.97 -19.91
C ASP A 20 -62.70 -91.26 -20.90
N MET A 21 -63.45 -92.05 -21.66
CA MET A 21 -64.44 -91.56 -22.62
C MET A 21 -63.80 -90.74 -23.74
N SER A 22 -63.52 -89.48 -23.47
CA SER A 22 -62.88 -88.61 -24.46
C SER A 22 -61.37 -88.84 -24.45
N LEU A 23 -60.97 -90.09 -24.71
CA LEU A 23 -59.58 -90.51 -24.63
C LEU A 23 -58.65 -89.62 -25.46
N ASP A 24 -59.07 -89.30 -26.69
CA ASP A 24 -58.23 -88.49 -27.59
C ASP A 24 -58.14 -87.07 -27.09
N ASP A 25 -59.23 -86.56 -26.53
CA ASP A 25 -59.24 -85.20 -25.97
C ASP A 25 -58.31 -85.15 -24.77
N ILE A 26 -58.30 -86.22 -24.00
CA ILE A 26 -57.37 -86.35 -22.88
C ILE A 26 -55.94 -86.40 -23.39
N ILE A 27 -55.70 -87.25 -24.39
CA ILE A 27 -54.39 -87.33 -25.04
C ILE A 27 -53.90 -85.93 -25.41
N LYS A 28 -54.79 -85.15 -25.98
CA LYS A 28 -54.50 -83.78 -26.37
C LYS A 28 -53.95 -82.97 -25.21
N LEU A 29 -54.73 -82.86 -24.13
CA LEU A 29 -54.32 -82.07 -22.99
C LEU A 29 -53.13 -82.71 -22.28
N ASN A 30 -53.05 -84.03 -22.35
CA ASN A 30 -51.96 -84.76 -21.71
C ASN A 30 -50.65 -84.51 -22.43
N ARG A 31 -50.67 -84.56 -23.74
CA ARG A 31 -49.47 -84.32 -24.54
C ARG A 31 -49.11 -82.85 -24.52
N ASN A 32 -50.11 -82.00 -24.38
CA ASN A 32 -49.91 -80.56 -24.28
C ASN A 32 -49.38 -80.20 -22.90
N GLN A 33 -49.60 -81.10 -21.94
CA GLN A 33 -49.15 -80.91 -20.58
C GLN A 33 -47.64 -81.07 -20.48
N ARG A 34 -46.94 -79.96 -20.35
CA ARG A 34 -45.50 -79.97 -20.18
C ARG A 34 -45.13 -80.12 -18.71
N ARG A 35 -46.18 -80.25 -17.87
CA ARG A 35 -46.03 -80.47 -16.43
C ARG A 35 -45.46 -79.25 -15.73
N VAL A 36 -45.50 -78.11 -16.41
CA VAL A 36 -45.03 -76.86 -15.84
C VAL A 36 -46.15 -75.82 -15.90
N ASN A 37 -46.68 -75.48 -14.73
CA ASN A 37 -47.81 -74.57 -14.63
C ASN A 37 -47.35 -73.12 -14.59
N ARG A 38 -46.43 -72.78 -15.49
CA ARG A 38 -45.92 -71.41 -15.58
C ARG A 38 -47.05 -70.46 -15.95
N GLY A 39 -47.84 -70.86 -16.94
CA GLY A 39 -48.96 -70.06 -17.37
C GLY A 39 -48.58 -69.08 -18.44
N GLY A 40 -48.13 -67.90 -18.01
CA GLY A 40 -47.72 -66.88 -18.96
C GLY A 40 -46.29 -67.08 -19.41
N GLY A 41 -46.12 -67.81 -20.51
CA GLY A 41 -44.80 -67.98 -21.11
C GLY A 41 -44.14 -66.65 -21.41
N PRO A 42 -44.72 -65.86 -22.33
CA PRO A 42 -44.27 -64.49 -22.58
C PRO A 42 -44.53 -63.61 -21.37
N ARG A 43 -43.50 -63.43 -20.55
CA ARG A 43 -43.63 -62.68 -19.31
C ARG A 43 -43.90 -61.21 -19.57
N ARG A 44 -43.45 -60.73 -20.74
CA ARG A 44 -43.62 -59.33 -21.15
C ARG A 44 -42.75 -58.42 -20.29
N ASN A 45 -43.08 -58.33 -19.01
CA ASN A 45 -42.34 -57.49 -18.08
C ASN A 45 -41.18 -58.27 -17.46
N ARG A 46 -40.50 -59.05 -18.30
CA ARG A 46 -39.39 -59.88 -17.85
C ARG A 46 -38.20 -59.04 -17.34
N PRO A 47 -37.79 -57.97 -18.05
CA PRO A 47 -36.71 -57.08 -17.58
C PRO A 47 -36.95 -56.58 -16.17
N ALA A 48 -38.21 -56.25 -15.88
CA ALA A 48 -38.62 -55.79 -14.55
C ALA A 48 -37.84 -54.55 -14.15
N ILE A 49 -37.76 -53.59 -15.06
CA ILE A 49 -37.00 -52.37 -14.82
C ILE A 49 -37.93 -51.19 -14.56
N ALA A 50 -38.92 -51.00 -15.44
CA ALA A 50 -39.87 -49.91 -15.34
C ALA A 50 -39.16 -48.55 -15.38
N ARG A 51 -39.03 -47.91 -14.24
CA ARG A 51 -38.40 -46.60 -14.16
C ARG A 51 -37.38 -46.57 -13.04
N GLY A 52 -36.11 -46.64 -13.41
CA GLY A 52 -35.04 -46.65 -12.44
C GLY A 52 -34.25 -45.36 -12.44
N GLY A 53 -34.81 -44.33 -13.06
CA GLY A 53 -34.17 -43.03 -13.07
C GLY A 53 -33.15 -42.89 -14.19
N ARG A 54 -32.01 -43.57 -14.03
CA ARG A 54 -30.93 -43.53 -15.01
C ARG A 54 -30.43 -42.10 -15.21
N ASN A 55 -29.61 -41.65 -14.26
CA ASN A 55 -29.09 -40.28 -14.23
C ASN A 55 -30.23 -39.28 -14.10
N ARG A 56 -30.53 -38.94 -12.87
CA ARG A 56 -31.67 -38.09 -12.55
C ARG A 56 -31.24 -36.82 -11.82
N PRO A 57 -30.40 -36.92 -10.76
CA PRO A 57 -29.90 -35.74 -10.04
C PRO A 57 -28.98 -34.89 -10.91
N ALA A 58 -28.49 -35.48 -11.99
CA ALA A 58 -27.65 -34.76 -12.93
C ALA A 58 -28.50 -34.06 -13.97
N PRO A 59 -28.09 -32.85 -14.42
CA PRO A 59 -28.77 -32.12 -15.49
C PRO A 59 -28.97 -32.99 -16.72
N TYR A 60 -27.88 -33.56 -17.20
CA TYR A 60 -27.93 -34.54 -18.26
C TYR A 60 -27.05 -35.73 -17.91
N SER A 61 -25.76 -35.48 -17.77
CA SER A 61 -24.82 -36.53 -17.46
C SER A 61 -24.09 -36.24 -16.15
N ARG A 62 -23.64 -35.00 -15.99
CA ARG A 62 -22.92 -34.59 -14.80
C ARG A 62 -23.26 -33.15 -14.42
N PRO A 63 -23.52 -32.88 -13.13
CA PRO A 63 -23.75 -31.53 -12.64
C PRO A 63 -22.47 -30.71 -12.62
N LYS A 64 -22.58 -29.45 -12.98
CA LYS A 64 -21.41 -28.57 -13.05
C LYS A 64 -21.51 -27.49 -11.98
N PRO A 65 -20.57 -27.47 -11.04
CA PRO A 65 -20.55 -26.47 -9.97
C PRO A 65 -20.22 -25.08 -10.52
N LEU A 66 -18.99 -24.90 -11.00
CA LEU A 66 -18.52 -23.62 -11.52
C LEU A 66 -18.68 -22.51 -10.48
N PRO A 67 -17.81 -22.51 -9.45
CA PRO A 67 -17.85 -21.48 -8.40
C PRO A 67 -17.49 -20.11 -8.93
N ASP A 68 -16.56 -20.10 -9.89
CA ASP A 68 -16.05 -18.87 -10.51
C ASP A 68 -15.31 -18.01 -9.50
N LYS A 69 -13.99 -17.97 -9.62
CA LYS A 69 -13.16 -17.15 -8.74
C LYS A 69 -13.41 -15.66 -9.04
N TRP A 70 -14.15 -15.02 -8.16
CA TRP A 70 -14.50 -13.62 -8.34
C TRP A 70 -13.34 -12.72 -7.96
N GLN A 71 -13.14 -11.67 -8.75
CA GLN A 71 -12.06 -10.72 -8.57
C GLN A 71 -10.70 -11.37 -8.83
N HIS A 72 -9.65 -10.58 -8.72
CA HIS A 72 -8.29 -11.08 -8.88
C HIS A 72 -7.37 -10.39 -7.89
N ASP A 73 -6.31 -9.75 -8.38
CA ASP A 73 -5.38 -9.06 -7.51
C ASP A 73 -5.77 -7.60 -7.39
N LEU A 74 -6.61 -7.16 -8.33
CA LEU A 74 -7.18 -5.81 -8.32
C LEU A 74 -6.10 -4.75 -8.50
N PHE A 75 -5.51 -4.32 -7.40
CA PHE A 75 -4.42 -3.35 -7.44
C PHE A 75 -3.13 -4.05 -7.84
N ASP A 76 -3.20 -5.37 -7.94
CA ASP A 76 -2.07 -6.20 -8.40
C ASP A 76 -0.83 -5.95 -7.54
N SER A 77 0.35 -6.19 -8.10
CA SER A 77 1.58 -5.95 -7.39
C SER A 77 2.03 -4.49 -7.58
N GLY A 78 1.17 -3.57 -7.18
CA GLY A 78 1.49 -2.15 -7.28
C GLY A 78 1.08 -1.57 -8.63
N CYS A 79 -0.09 -1.94 -9.11
CA CYS A 79 -0.58 -1.44 -10.38
C CYS A 79 -1.93 -0.74 -10.19
N GLY A 80 -1.86 0.52 -9.80
CA GLY A 80 -3.07 1.29 -9.61
C GLY A 80 -2.78 2.68 -9.08
N GLY A 81 -2.05 3.47 -9.86
CA GLY A 81 -1.70 4.81 -9.43
C GLY A 81 -0.31 5.21 -9.90
N GLY A 82 0.38 4.31 -10.57
CA GLY A 82 1.71 4.61 -11.08
C GLY A 82 1.65 5.27 -12.45
N GLU A 83 1.16 6.50 -12.46
CA GLU A 83 1.00 7.26 -13.68
C GLU A 83 2.16 8.24 -13.88
N GLY A 84 3.38 7.74 -13.75
CA GLY A 84 4.54 8.58 -13.87
C GLY A 84 4.80 9.33 -12.58
N VAL A 85 4.10 8.92 -11.54
CA VAL A 85 4.15 9.57 -10.26
C VAL A 85 4.49 8.54 -9.18
N GLU A 86 5.20 7.48 -9.60
CA GLU A 86 5.64 6.43 -8.71
C GLU A 86 6.64 6.94 -7.68
N THR A 87 7.17 8.14 -7.94
CA THR A 87 8.09 8.84 -7.04
C THR A 87 9.28 7.96 -6.64
N GLY A 88 10.22 7.84 -7.56
CA GLY A 88 11.42 7.07 -7.29
C GLY A 88 12.65 7.94 -7.22
N ALA A 89 13.26 8.19 -8.38
CA ALA A 89 14.49 8.96 -8.45
C ALA A 89 14.27 10.26 -9.21
N LYS A 90 14.51 11.39 -8.55
CA LYS A 90 14.27 12.70 -9.15
C LYS A 90 15.57 13.35 -9.62
N LEU A 91 15.70 13.48 -10.94
CA LEU A 91 16.85 14.12 -11.55
C LEU A 91 16.49 15.50 -12.07
N LEU A 92 17.28 16.51 -11.70
CA LEU A 92 17.16 17.83 -12.28
C LEU A 92 18.42 18.19 -13.05
N VAL A 93 18.30 18.36 -14.36
CA VAL A 93 19.44 18.77 -15.18
C VAL A 93 19.37 20.25 -15.49
N SER A 94 20.49 20.78 -15.97
CA SER A 94 20.65 22.19 -16.32
C SER A 94 21.91 22.35 -17.16
N ASN A 95 21.72 22.59 -18.46
CA ASN A 95 22.83 22.65 -19.40
C ASN A 95 23.34 24.09 -19.55
N LEU A 96 22.57 25.02 -19.01
CA LEU A 96 22.86 26.47 -19.09
C LEU A 96 22.55 26.97 -20.50
N ASP A 97 23.16 26.35 -21.49
CA ASP A 97 22.88 26.65 -22.88
C ASP A 97 22.30 25.40 -23.54
N PHE A 98 22.09 25.45 -24.85
CA PHE A 98 21.57 24.30 -25.60
C PHE A 98 20.27 23.80 -24.98
N GLY A 99 19.20 24.54 -25.21
CA GLY A 99 17.92 24.26 -24.59
C GLY A 99 17.19 23.14 -25.28
N VAL A 100 17.74 21.94 -25.15
CA VAL A 100 17.10 20.72 -25.64
C VAL A 100 15.64 20.62 -25.20
N SER A 101 14.81 19.99 -26.02
CA SER A 101 13.39 19.92 -25.79
C SER A 101 13.02 18.85 -24.76
N ASP A 102 11.73 18.78 -24.47
CA ASP A 102 11.17 17.83 -23.50
C ASP A 102 11.63 16.40 -23.79
N ALA A 103 11.42 15.96 -25.02
CA ALA A 103 11.76 14.61 -25.43
C ALA A 103 13.25 14.45 -25.68
N ASP A 104 13.95 15.57 -25.86
CA ASP A 104 15.39 15.53 -26.13
C ASP A 104 16.13 14.94 -24.94
N ILE A 105 16.01 15.60 -23.79
CA ILE A 105 16.61 15.09 -22.55
C ILE A 105 16.05 13.71 -22.21
N GLN A 106 14.82 13.45 -22.63
CA GLN A 106 14.18 12.16 -22.40
C GLN A 106 14.91 11.06 -23.18
N GLU A 107 15.05 11.26 -24.48
CA GLU A 107 15.72 10.30 -25.33
C GLU A 107 17.17 10.12 -24.92
N LEU A 108 17.77 11.20 -24.43
CA LEU A 108 19.14 11.17 -23.95
C LEU A 108 19.26 10.25 -22.73
N PHE A 109 18.59 10.63 -21.65
CA PHE A 109 18.61 9.85 -20.41
C PHE A 109 18.06 8.43 -20.60
N ALA A 110 17.26 8.20 -21.64
CA ALA A 110 16.83 6.83 -21.97
C ALA A 110 18.01 6.03 -22.49
N GLU A 111 18.75 6.65 -23.40
CA GLU A 111 20.06 6.13 -23.82
C GLU A 111 20.97 5.93 -22.61
N PHE A 112 20.83 6.83 -21.63
CA PHE A 112 21.51 6.69 -20.33
C PHE A 112 20.94 5.54 -19.49
N GLY A 113 19.99 4.81 -20.06
CA GLY A 113 19.42 3.68 -19.37
C GLY A 113 17.93 3.78 -19.10
N THR A 114 17.53 4.67 -18.20
CA THR A 114 16.20 4.64 -17.63
C THR A 114 15.48 5.99 -17.73
N LEU A 115 14.15 5.93 -17.71
CA LEU A 115 13.32 7.12 -17.71
C LEU A 115 11.84 6.79 -17.61
N LYS A 116 11.34 6.82 -16.39
CA LYS A 116 9.91 6.70 -16.13
C LYS A 116 9.19 7.91 -16.72
N LYS A 117 9.58 9.10 -16.27
CA LYS A 117 9.08 10.34 -16.83
C LYS A 117 10.22 11.34 -16.97
N ALA A 118 10.17 12.19 -17.98
CA ALA A 118 11.16 13.25 -18.14
C ALA A 118 10.57 14.44 -18.88
N ALA A 119 10.87 15.64 -18.39
CA ALA A 119 10.39 16.87 -18.99
C ALA A 119 11.32 18.00 -18.62
N VAL A 120 11.32 19.08 -19.39
CA VAL A 120 12.22 20.19 -19.11
C VAL A 120 11.51 21.31 -18.36
N ASP A 121 12.32 22.21 -17.81
CA ASP A 121 11.85 23.26 -16.94
C ASP A 121 12.69 24.52 -17.17
N TYR A 122 12.23 25.66 -16.67
CA TYR A 122 12.90 26.93 -16.97
C TYR A 122 12.68 27.91 -15.83
N ASP A 123 13.27 29.10 -15.95
CA ASP A 123 13.16 30.11 -14.92
C ASP A 123 11.89 30.93 -15.18
N ARG A 124 11.40 31.65 -14.18
CA ARG A 124 10.17 32.43 -14.32
C ARG A 124 10.20 33.32 -15.56
N SER A 125 11.34 33.96 -15.80
CA SER A 125 11.49 34.85 -16.94
C SER A 125 12.01 34.10 -18.16
N GLY A 126 12.33 32.84 -17.98
CA GLY A 126 12.95 32.05 -19.03
C GLY A 126 14.39 32.46 -19.26
N ARG A 127 15.13 32.58 -18.17
CA ARG A 127 16.52 33.06 -18.22
C ARG A 127 17.37 32.22 -19.16
N SER A 128 17.72 31.02 -18.72
CA SER A 128 18.53 30.11 -19.52
C SER A 128 18.42 28.72 -18.90
N LEU A 129 19.46 28.28 -18.18
CA LEU A 129 19.48 27.03 -17.40
C LEU A 129 19.17 25.77 -18.22
N GLY A 130 17.98 25.70 -18.79
CA GLY A 130 17.58 24.50 -19.49
C GLY A 130 17.43 23.35 -18.54
N THR A 131 16.56 23.53 -17.55
CA THR A 131 16.36 22.53 -16.53
C THR A 131 15.52 21.38 -17.07
N ALA A 132 15.58 20.24 -16.42
CA ALA A 132 14.67 19.15 -16.73
C ALA A 132 14.54 18.23 -15.53
N ASP A 133 13.32 17.82 -15.26
CA ASP A 133 13.06 16.86 -14.21
C ASP A 133 12.77 15.51 -14.84
N VAL A 134 13.71 14.61 -14.72
CA VAL A 134 13.51 13.27 -15.19
C VAL A 134 13.43 12.34 -13.98
N HIS A 135 12.65 11.30 -14.09
CA HIS A 135 12.37 10.44 -12.97
C HIS A 135 12.58 8.99 -13.36
N PHE A 136 13.45 8.30 -12.66
CA PHE A 136 13.66 6.88 -12.91
C PHE A 136 12.99 6.06 -11.81
N GLU A 137 12.69 4.81 -12.13
CA GLU A 137 12.16 3.88 -11.14
C GLU A 137 13.30 3.37 -10.26
N ARG A 138 14.49 3.35 -10.82
CA ARG A 138 15.66 2.85 -10.11
C ARG A 138 16.36 4.00 -9.41
N ARG A 139 16.59 3.86 -8.12
CA ARG A 139 17.22 4.92 -7.35
C ARG A 139 18.74 4.86 -7.49
N ALA A 140 19.28 3.65 -7.64
CA ALA A 140 20.71 3.49 -7.88
C ALA A 140 21.11 4.15 -9.20
N ASP A 141 20.17 4.16 -10.13
CA ASP A 141 20.35 4.87 -11.40
C ASP A 141 20.55 6.36 -11.17
N ALA A 142 19.96 6.88 -10.10
CA ALA A 142 20.13 8.28 -9.74
C ALA A 142 21.48 8.45 -9.08
N LEU A 143 21.81 7.49 -8.23
CA LEU A 143 23.13 7.42 -7.60
C LEU A 143 24.21 7.43 -8.67
N LYS A 144 24.10 6.52 -9.63
CA LYS A 144 25.08 6.37 -10.69
C LYS A 144 25.17 7.65 -11.52
N ALA A 145 24.03 8.31 -11.68
CA ALA A 145 23.96 9.53 -12.47
C ALA A 145 24.64 10.68 -11.76
N MET A 146 24.55 10.70 -10.43
CA MET A 146 25.22 11.73 -9.64
C MET A 146 26.72 11.48 -9.58
N LYS A 147 27.12 10.22 -9.79
CA LYS A 147 28.53 9.88 -9.85
C LYS A 147 29.09 10.11 -11.24
N GLN A 148 28.37 9.64 -12.24
CA GLN A 148 28.83 9.70 -13.62
C GLN A 148 28.55 11.05 -14.26
N TYR A 149 27.28 11.41 -14.34
CA TYR A 149 26.88 12.63 -15.04
C TYR A 149 27.29 13.88 -14.26
N LYS A 150 27.02 13.90 -12.97
CA LYS A 150 27.35 15.07 -12.17
C LYS A 150 28.85 15.16 -11.95
N GLY A 151 29.42 16.28 -12.37
CA GLY A 151 30.85 16.45 -12.35
C GLY A 151 31.42 16.59 -13.72
N VAL A 152 30.59 16.31 -14.72
CA VAL A 152 31.00 16.41 -16.12
C VAL A 152 31.00 17.85 -16.59
N PRO A 153 32.19 18.38 -16.91
CA PRO A 153 32.34 19.70 -17.50
C PRO A 153 31.91 19.68 -18.95
N LEU A 154 30.88 20.44 -19.29
CA LEU A 154 30.30 20.35 -20.61
C LEU A 154 30.31 21.72 -21.26
N ASP A 155 31.07 21.84 -22.35
CA ASP A 155 31.28 23.12 -23.02
C ASP A 155 31.70 24.21 -22.03
N GLY A 156 32.97 24.22 -21.68
CA GLY A 156 33.47 25.26 -20.81
C GLY A 156 33.43 24.85 -19.34
N ARG A 157 32.24 24.58 -18.81
CA ARG A 157 32.09 24.32 -17.40
C ARG A 157 31.14 23.15 -17.17
N PRO A 158 31.27 22.43 -16.05
CA PRO A 158 30.38 21.32 -15.70
C PRO A 158 28.92 21.73 -15.71
N MET A 159 28.08 20.83 -16.22
CA MET A 159 26.66 21.07 -16.26
C MET A 159 26.01 20.61 -14.95
N ASP A 160 24.74 20.91 -14.77
CA ASP A 160 24.08 20.61 -13.51
C ASP A 160 23.21 19.38 -13.62
N ILE A 161 23.43 18.47 -12.68
CA ILE A 161 22.65 17.26 -12.55
C ILE A 161 22.42 16.98 -11.07
N GLN A 162 21.22 17.25 -10.60
CA GLN A 162 20.88 17.02 -9.20
C GLN A 162 19.96 15.82 -9.10
N LEU A 163 20.33 14.85 -8.31
CA LEU A 163 19.53 13.65 -8.18
C LEU A 163 19.11 13.44 -6.75
N VAL A 164 17.81 13.56 -6.53
CA VAL A 164 17.26 13.54 -5.19
C VAL A 164 16.60 12.20 -4.90
N ALA A 165 16.95 11.63 -3.74
CA ALA A 165 16.33 10.40 -3.23
C ALA A 165 16.81 9.19 -4.01
N SER A 166 18.12 8.98 -4.02
CA SER A 166 18.70 7.80 -4.63
C SER A 166 19.02 6.79 -3.53
N GLN A 167 19.67 7.28 -2.48
CA GLN A 167 19.93 6.48 -1.30
C GLN A 167 18.81 6.68 -0.29
N ILE A 168 17.62 6.27 -0.68
CA ILE A 168 16.43 6.42 0.16
C ILE A 168 16.44 5.38 1.27
N ASP A 169 17.48 5.41 2.07
CA ASP A 169 17.64 4.50 3.19
C ASP A 169 17.74 5.30 4.47
N LEU A 170 18.54 6.35 4.43
CA LEU A 170 18.66 7.28 5.54
C LEU A 170 17.40 8.13 5.62
N GLU A 171 17.20 8.97 4.61
CA GLU A 171 15.96 9.69 4.45
C GLU A 171 14.96 8.81 3.71
N HIS A 172 13.68 9.01 3.94
CA HIS A 172 12.66 8.17 3.33
C HIS A 172 11.58 9.02 2.70
N MET A 15 -63.54 38.61 118.47
CA MET A 15 -63.76 38.60 117.03
C MET A 15 -65.12 39.23 116.70
N ALA A 16 -66.11 39.01 117.55
CA ALA A 16 -67.45 39.58 117.37
C ALA A 16 -68.01 39.26 115.98
N ASP A 17 -67.88 38.01 115.59
CA ASP A 17 -68.35 37.54 114.30
C ASP A 17 -68.95 36.15 114.44
N LYS A 18 -68.07 35.18 114.72
CA LYS A 18 -68.49 33.81 114.95
C LYS A 18 -69.29 33.26 113.78
N MET A 19 -68.87 33.64 112.58
CA MET A 19 -69.58 33.23 111.38
C MET A 19 -68.61 33.07 110.22
N ASP A 20 -67.83 34.12 109.95
CA ASP A 20 -66.87 34.10 108.86
C ASP A 20 -65.51 33.62 109.37
N MET A 21 -65.05 34.26 110.44
CA MET A 21 -63.74 33.98 111.05
C MET A 21 -62.58 34.33 110.13
N SER A 22 -61.48 34.71 110.75
CA SER A 22 -60.31 35.23 110.03
C SER A 22 -60.72 36.31 109.03
N LEU A 23 -61.52 37.26 109.50
CA LEU A 23 -62.11 38.29 108.65
C LEU A 23 -61.05 39.08 107.91
N ASP A 24 -60.00 39.46 108.62
CA ASP A 24 -58.92 40.25 108.04
C ASP A 24 -58.21 39.45 106.95
N ASP A 25 -57.98 38.17 107.23
CA ASP A 25 -57.33 37.28 106.27
C ASP A 25 -58.19 37.12 105.02
N ILE A 26 -59.51 37.02 105.20
CA ILE A 26 -60.43 36.94 104.09
C ILE A 26 -60.26 38.14 103.16
N ILE A 27 -60.30 39.32 103.75
CA ILE A 27 -60.11 40.56 103.00
C ILE A 27 -58.87 40.48 102.13
N LYS A 28 -57.78 40.03 102.72
CA LYS A 28 -56.52 39.86 102.00
C LYS A 28 -56.68 38.87 100.85
N LEU A 29 -57.13 37.66 101.20
CA LEU A 29 -57.27 36.57 100.23
C LEU A 29 -58.29 36.91 99.15
N ASN A 30 -59.23 37.79 99.47
CA ASN A 30 -60.28 38.16 98.54
C ASN A 30 -59.78 39.24 97.59
N ARG A 31 -59.23 40.32 98.14
CA ARG A 31 -58.78 41.45 97.34
C ARG A 31 -57.56 41.08 96.50
N ASN A 32 -56.76 40.15 97.00
CA ASN A 32 -55.56 39.73 96.30
C ASN A 32 -55.78 38.41 95.56
N GLN A 33 -57.05 38.06 95.38
CA GLN A 33 -57.40 36.85 94.64
C GLN A 33 -56.94 36.95 93.19
N ARG A 34 -57.14 38.11 92.61
CA ARG A 34 -56.74 38.35 91.23
C ARG A 34 -55.95 39.65 91.12
N ARG A 35 -54.64 39.51 90.97
CA ARG A 35 -53.77 40.67 90.77
C ARG A 35 -53.74 41.01 89.28
N VAL A 36 -53.53 39.99 88.46
CA VAL A 36 -53.54 40.13 87.02
C VAL A 36 -54.18 38.89 86.39
N ASN A 37 -55.01 39.10 85.38
CA ASN A 37 -55.65 37.98 84.69
C ASN A 37 -54.63 37.24 83.84
N ARG A 38 -53.75 38.01 83.19
CA ARG A 38 -52.64 37.48 82.42
C ARG A 38 -53.14 36.57 81.29
N GLY A 39 -53.83 37.16 80.33
CA GLY A 39 -54.36 36.40 79.23
C GLY A 39 -53.68 36.75 77.93
N GLY A 40 -54.18 37.78 77.26
CA GLY A 40 -53.61 38.23 76.02
C GLY A 40 -53.88 37.27 74.89
N GLY A 41 -52.85 36.54 74.48
CA GLY A 41 -52.97 35.58 73.40
C GLY A 41 -51.93 34.48 73.50
N PRO A 42 -52.20 33.46 74.32
CA PRO A 42 -51.25 32.37 74.54
C PRO A 42 -51.24 31.32 73.42
N ARG A 43 -51.00 31.78 72.20
CA ARG A 43 -50.94 30.90 71.05
C ARG A 43 -49.92 31.41 70.03
N ARG A 44 -49.38 30.50 69.23
CA ARG A 44 -48.38 30.87 68.24
C ARG A 44 -48.56 30.05 66.96
N ASN A 45 -48.34 30.69 65.83
CA ASN A 45 -48.37 30.01 64.54
C ASN A 45 -47.01 29.38 64.25
N ARG A 46 -46.98 28.39 63.38
CA ARG A 46 -45.73 27.78 62.96
C ARG A 46 -45.30 28.37 61.63
N PRO A 47 -43.97 28.47 61.40
CA PRO A 47 -43.41 28.99 60.15
C PRO A 47 -43.96 28.25 58.93
N ALA A 48 -43.85 26.92 58.97
CA ALA A 48 -44.39 26.06 57.92
C ALA A 48 -43.79 26.40 56.56
N ILE A 49 -42.56 25.98 56.34
CA ILE A 49 -41.88 26.22 55.07
C ILE A 49 -42.03 25.00 54.17
N ALA A 50 -41.53 23.86 54.65
CA ALA A 50 -41.64 22.58 53.95
C ALA A 50 -41.03 22.66 52.56
N ARG A 51 -39.76 23.02 52.50
CA ARG A 51 -39.07 23.13 51.22
C ARG A 51 -37.72 22.43 51.28
N GLY A 52 -37.54 21.44 50.42
CA GLY A 52 -36.28 20.74 50.36
C GLY A 52 -35.37 21.33 49.30
N GLY A 53 -35.96 21.82 48.22
CA GLY A 53 -35.19 22.43 47.17
C GLY A 53 -34.97 21.49 46.00
N ARG A 54 -35.02 22.04 44.79
CA ARG A 54 -34.82 21.24 43.59
C ARG A 54 -33.35 21.00 43.32
N ASN A 55 -32.51 21.94 43.76
CA ASN A 55 -31.07 21.83 43.59
C ASN A 55 -30.37 22.15 44.90
N ARG A 56 -30.18 21.11 45.69
CA ARG A 56 -29.61 21.24 47.02
C ARG A 56 -29.30 19.85 47.61
N PRO A 57 -30.26 18.89 47.57
CA PRO A 57 -30.00 17.53 48.01
C PRO A 57 -29.09 16.77 47.05
N ALA A 58 -29.39 16.91 45.75
CA ALA A 58 -28.64 16.23 44.68
C ALA A 58 -28.81 14.71 44.76
N PRO A 59 -28.46 13.97 43.68
CA PRO A 59 -28.48 12.50 43.71
C PRO A 59 -27.59 11.95 44.82
N TYR A 60 -26.31 12.29 44.75
CA TYR A 60 -25.37 11.94 45.79
C TYR A 60 -24.18 12.88 45.75
N SER A 61 -23.61 13.05 44.56
CA SER A 61 -22.51 13.98 44.38
C SER A 61 -23.05 15.32 43.86
N ARG A 62 -23.54 15.32 42.63
CA ARG A 62 -24.03 16.54 42.00
C ARG A 62 -24.99 16.20 40.88
N PRO A 63 -25.92 17.11 40.55
CA PRO A 63 -26.81 16.94 39.40
C PRO A 63 -26.02 16.99 38.09
N LYS A 64 -25.98 15.86 37.40
CA LYS A 64 -25.22 15.73 36.18
C LYS A 64 -26.05 16.18 34.99
N PRO A 65 -25.56 17.19 34.24
CA PRO A 65 -26.24 17.70 33.07
C PRO A 65 -25.89 16.88 31.82
N LEU A 66 -24.84 16.07 31.92
CA LEU A 66 -24.35 15.25 30.82
C LEU A 66 -24.12 16.13 29.58
N PRO A 67 -23.02 16.90 29.58
CA PRO A 67 -22.72 17.88 28.53
C PRO A 67 -22.61 17.26 27.15
N ASP A 68 -22.09 16.03 27.08
CA ASP A 68 -21.86 15.34 25.83
C ASP A 68 -20.93 16.15 24.94
N LYS A 69 -19.79 16.53 25.49
CA LYS A 69 -18.84 17.37 24.77
C LYS A 69 -17.94 16.53 23.90
N TRP A 70 -17.91 16.86 22.62
CA TRP A 70 -17.12 16.12 21.64
C TRP A 70 -15.64 16.35 21.86
N GLN A 71 -14.82 15.45 21.32
CA GLN A 71 -13.38 15.51 21.49
C GLN A 71 -12.79 16.60 20.60
N HIS A 72 -13.01 16.47 19.30
CA HIS A 72 -12.48 17.42 18.33
C HIS A 72 -13.13 17.15 16.98
N ASP A 73 -12.42 16.44 16.13
CA ASP A 73 -12.90 16.13 14.79
C ASP A 73 -12.32 14.80 14.32
N LEU A 74 -11.04 14.60 14.60
CA LEU A 74 -10.34 13.36 14.32
C LEU A 74 -10.17 13.15 12.83
N PHE A 75 -9.73 11.96 12.44
CA PHE A 75 -9.28 11.67 11.09
C PHE A 75 -8.25 12.69 10.61
N ASP A 76 -7.62 13.38 11.58
CA ASP A 76 -6.63 14.40 11.29
C ASP A 76 -7.27 15.60 10.57
N SER A 77 -6.45 16.57 10.21
CA SER A 77 -6.92 17.71 9.46
C SER A 77 -6.15 17.83 8.15
N GLY A 78 -5.08 17.04 8.04
CA GLY A 78 -4.27 17.05 6.84
C GLY A 78 -3.73 15.68 6.53
N CYS A 79 -4.62 14.72 6.40
CA CYS A 79 -4.23 13.34 6.09
C CYS A 79 -3.90 13.20 4.62
N GLY A 80 -2.77 12.57 4.32
CA GLY A 80 -2.36 12.39 2.95
C GLY A 80 -0.91 11.95 2.83
N GLY A 81 -0.28 12.28 1.72
CA GLY A 81 1.11 11.92 1.51
C GLY A 81 1.61 12.35 0.15
N GLY A 82 2.40 11.49 -0.48
CA GLY A 82 2.88 11.78 -1.82
C GLY A 82 1.79 11.64 -2.85
N GLU A 83 1.29 12.76 -3.35
CA GLU A 83 0.21 12.76 -4.33
C GLU A 83 0.68 12.11 -5.64
N GLY A 84 1.48 12.84 -6.39
CA GLY A 84 2.05 12.29 -7.61
C GLY A 84 3.53 12.03 -7.44
N VAL A 85 3.98 12.14 -6.19
CA VAL A 85 5.38 11.97 -5.87
C VAL A 85 5.53 11.13 -4.61
N GLU A 86 5.33 9.83 -4.75
CA GLU A 86 5.48 8.91 -3.62
C GLU A 86 6.94 8.56 -3.43
N THR A 87 7.46 7.71 -4.31
CA THR A 87 8.85 7.31 -4.23
C THR A 87 9.44 7.08 -5.61
N GLY A 88 10.56 7.71 -5.89
CA GLY A 88 11.23 7.55 -7.17
C GLY A 88 12.58 8.21 -7.18
N ALA A 89 13.24 8.16 -8.32
CA ALA A 89 14.55 8.76 -8.48
C ALA A 89 14.43 10.06 -9.27
N LYS A 90 14.60 11.19 -8.60
CA LYS A 90 14.37 12.49 -9.22
C LYS A 90 15.66 13.16 -9.66
N LEU A 91 15.75 13.40 -10.95
CA LEU A 91 16.89 14.05 -11.57
C LEU A 91 16.55 15.49 -11.92
N LEU A 92 17.38 16.41 -11.45
CA LEU A 92 17.31 17.78 -11.90
C LEU A 92 18.43 18.04 -12.89
N VAL A 93 18.25 19.02 -13.75
CA VAL A 93 19.20 19.31 -14.81
C VAL A 93 18.98 20.75 -15.28
N SER A 94 20.03 21.39 -15.79
CA SER A 94 19.96 22.80 -16.16
C SER A 94 21.10 23.16 -17.10
N ASN A 95 20.90 24.22 -17.88
CA ASN A 95 21.89 24.69 -18.85
C ASN A 95 22.15 23.61 -19.90
N LEU A 96 21.27 23.57 -20.89
CA LEU A 96 21.40 22.61 -21.99
C LEU A 96 22.73 22.80 -22.71
N ASP A 97 23.25 21.71 -23.28
CA ASP A 97 24.48 21.74 -24.06
C ASP A 97 24.41 22.83 -25.13
N PHE A 98 23.40 22.72 -25.99
CA PHE A 98 23.14 23.74 -26.99
C PHE A 98 21.65 23.77 -27.32
N GLY A 99 21.16 22.67 -27.87
CA GLY A 99 19.76 22.60 -28.22
C GLY A 99 19.11 21.35 -27.68
N VAL A 100 19.39 21.04 -26.42
CA VAL A 100 18.82 19.87 -25.79
C VAL A 100 17.40 20.15 -25.34
N SER A 101 16.43 19.52 -25.99
CA SER A 101 15.04 19.74 -25.68
C SER A 101 14.48 18.64 -24.77
N ASP A 102 13.16 18.61 -24.65
CA ASP A 102 12.46 17.66 -23.78
C ASP A 102 12.73 16.22 -24.20
N ALA A 103 12.50 15.93 -25.48
CA ALA A 103 12.72 14.59 -26.00
C ALA A 103 14.20 14.25 -26.01
N ASP A 104 15.02 15.28 -26.13
CA ASP A 104 16.47 15.12 -26.18
C ASP A 104 17.00 14.57 -24.86
N ILE A 105 16.81 15.34 -23.78
CA ILE A 105 17.24 14.90 -22.45
C ILE A 105 16.57 13.58 -22.05
N GLN A 106 15.37 13.34 -22.55
CA GLN A 106 14.66 12.11 -22.29
C GLN A 106 15.36 10.93 -22.97
N GLU A 107 15.64 11.10 -24.26
CA GLU A 107 16.34 10.07 -25.02
C GLU A 107 17.72 9.80 -24.43
N LEU A 108 18.35 10.86 -23.93
CA LEU A 108 19.67 10.76 -23.33
C LEU A 108 19.64 9.84 -22.12
N PHE A 109 18.87 10.22 -21.12
CA PHE A 109 18.70 9.40 -19.92
C PHE A 109 18.12 8.02 -20.22
N ALA A 110 17.43 7.85 -21.36
CA ALA A 110 16.98 6.54 -21.78
C ALA A 110 18.19 5.71 -22.21
N GLU A 111 19.07 6.36 -22.95
CA GLU A 111 20.38 5.80 -23.26
C GLU A 111 21.14 5.51 -21.95
N PHE A 112 21.02 6.44 -21.01
CA PHE A 112 21.60 6.31 -19.67
C PHE A 112 20.92 5.23 -18.82
N GLY A 113 19.92 4.56 -19.37
CA GLY A 113 19.20 3.56 -18.58
C GLY A 113 17.69 3.68 -18.68
N THR A 114 17.04 3.90 -17.55
CA THR A 114 15.59 3.87 -17.49
C THR A 114 15.01 5.23 -17.10
N LEU A 115 14.35 5.87 -18.05
CA LEU A 115 13.69 7.13 -17.76
C LEU A 115 12.18 6.93 -17.69
N LYS A 116 11.68 6.84 -16.46
CA LYS A 116 10.25 6.70 -16.22
C LYS A 116 9.50 7.88 -16.85
N LYS A 117 9.79 9.07 -16.35
CA LYS A 117 9.21 10.28 -16.90
C LYS A 117 10.27 11.37 -16.96
N ALA A 118 10.21 12.22 -17.97
CA ALA A 118 11.13 13.33 -18.07
C ALA A 118 10.39 14.63 -18.26
N ALA A 119 10.52 15.50 -17.28
CA ALA A 119 9.88 16.80 -17.29
C ALA A 119 10.90 17.86 -17.63
N VAL A 120 10.44 19.08 -17.85
CA VAL A 120 11.26 20.11 -18.50
C VAL A 120 10.88 21.48 -17.98
N ASP A 121 11.87 22.33 -17.83
CA ASP A 121 11.67 23.66 -17.32
C ASP A 121 12.16 24.71 -18.31
N TYR A 122 11.37 25.76 -18.47
CA TYR A 122 11.68 26.81 -19.42
C TYR A 122 11.62 28.16 -18.73
N ASP A 123 12.08 29.21 -19.40
CA ASP A 123 12.09 30.53 -18.81
C ASP A 123 10.96 31.37 -19.37
N ARG A 124 10.51 32.33 -18.58
CA ARG A 124 9.39 33.18 -18.98
C ARG A 124 9.76 34.05 -20.18
N SER A 125 11.03 34.39 -20.33
CA SER A 125 11.47 35.28 -21.40
C SER A 125 12.60 34.66 -22.23
N GLY A 126 13.43 33.86 -21.57
CA GLY A 126 14.59 33.28 -22.24
C GLY A 126 14.26 31.98 -22.96
N ARG A 127 13.11 31.41 -22.64
CA ARG A 127 12.63 30.18 -23.24
C ARG A 127 13.49 28.98 -22.82
N SER A 128 14.41 28.52 -23.66
CA SER A 128 15.11 27.28 -23.39
C SER A 128 16.46 27.50 -22.71
N LEU A 129 16.43 27.79 -21.43
CA LEU A 129 17.66 27.76 -20.62
C LEU A 129 18.13 26.31 -20.52
N GLY A 130 17.17 25.42 -20.30
CA GLY A 130 17.45 24.00 -20.40
C GLY A 130 17.46 23.33 -19.06
N THR A 131 16.59 23.79 -18.17
CA THR A 131 16.33 23.11 -16.92
C THR A 131 15.35 21.97 -17.17
N ALA A 132 15.40 20.94 -16.35
CA ALA A 132 14.47 19.83 -16.48
C ALA A 132 14.45 19.00 -15.21
N ASP A 133 13.45 18.14 -15.10
CA ASP A 133 13.26 17.30 -13.94
C ASP A 133 12.77 15.93 -14.41
N VAL A 134 13.65 14.94 -14.41
CA VAL A 134 13.28 13.63 -14.90
C VAL A 134 13.26 12.62 -13.76
N HIS A 135 12.54 11.52 -13.96
CA HIS A 135 12.33 10.55 -12.91
C HIS A 135 12.65 9.15 -13.37
N PHE A 136 13.50 8.45 -12.64
CA PHE A 136 13.75 7.04 -12.90
C PHE A 136 13.03 6.20 -11.85
N GLU A 137 12.75 4.95 -12.19
CA GLU A 137 12.07 4.04 -11.28
C GLU A 137 13.03 3.48 -10.25
N ARG A 138 14.30 3.35 -10.63
CA ARG A 138 15.32 2.78 -9.77
C ARG A 138 16.20 3.87 -9.19
N ARG A 139 16.51 3.79 -7.90
CA ARG A 139 17.38 4.76 -7.25
C ARG A 139 18.80 4.67 -7.79
N ALA A 140 19.21 3.46 -8.16
CA ALA A 140 20.55 3.24 -8.71
C ALA A 140 20.74 4.01 -10.00
N ASP A 141 19.67 4.20 -10.74
CA ASP A 141 19.72 4.96 -11.99
C ASP A 141 20.07 6.41 -11.70
N ALA A 142 19.60 6.90 -10.56
CA ALA A 142 19.89 8.25 -10.12
C ALA A 142 21.28 8.30 -9.50
N LEU A 143 21.60 7.27 -8.72
CA LEU A 143 22.92 7.15 -8.12
C LEU A 143 23.98 7.15 -9.20
N LYS A 144 23.74 6.38 -10.25
CA LYS A 144 24.63 6.33 -11.40
C LYS A 144 24.71 7.69 -12.07
N ALA A 145 23.55 8.34 -12.23
CA ALA A 145 23.50 9.64 -12.88
C ALA A 145 24.25 10.71 -12.09
N MET A 146 24.18 10.63 -10.76
CA MET A 146 24.87 11.61 -9.92
C MET A 146 26.36 11.33 -9.87
N LYS A 147 26.74 10.08 -10.14
CA LYS A 147 28.15 9.71 -10.14
C LYS A 147 28.78 9.96 -11.51
N GLN A 148 28.09 9.54 -12.55
CA GLN A 148 28.63 9.59 -13.90
C GLN A 148 28.28 10.90 -14.61
N TYR A 149 26.99 11.25 -14.61
CA TYR A 149 26.54 12.42 -15.35
C TYR A 149 26.87 13.70 -14.59
N LYS A 150 26.41 13.80 -13.35
CA LYS A 150 26.61 15.00 -12.55
C LYS A 150 28.11 15.24 -12.32
N GLY A 151 28.61 16.33 -12.87
CA GLY A 151 30.01 16.66 -12.71
C GLY A 151 30.71 16.79 -14.04
N VAL A 152 30.04 16.34 -15.09
CA VAL A 152 30.60 16.38 -16.44
C VAL A 152 30.66 17.79 -16.99
N PRO A 153 31.86 18.22 -17.41
CA PRO A 153 32.04 19.46 -18.15
C PRO A 153 31.56 19.28 -19.59
N LEU A 154 30.55 20.03 -19.98
CA LEU A 154 29.92 19.82 -21.26
C LEU A 154 29.88 21.12 -22.02
N ASP A 155 30.53 21.14 -23.17
CA ASP A 155 30.70 22.35 -23.95
C ASP A 155 31.27 23.49 -23.10
N GLY A 156 32.54 23.38 -22.74
CA GLY A 156 33.19 24.46 -22.05
C GLY A 156 33.16 24.32 -20.54
N ARG A 157 31.97 24.20 -19.98
CA ARG A 157 31.82 24.18 -18.53
C ARG A 157 30.94 23.02 -18.08
N PRO A 158 31.13 22.55 -16.84
CA PRO A 158 30.28 21.50 -16.26
C PRO A 158 28.80 21.86 -16.31
N MET A 159 28.00 20.96 -16.85
CA MET A 159 26.55 21.20 -16.96
C MET A 159 25.88 20.96 -15.61
N ASP A 160 24.60 21.33 -15.52
CA ASP A 160 23.92 21.24 -14.23
C ASP A 160 23.00 20.04 -14.18
N ILE A 161 23.23 19.22 -13.16
CA ILE A 161 22.43 18.04 -12.91
C ILE A 161 22.45 17.73 -11.42
N GLN A 162 21.34 17.22 -10.90
CA GLN A 162 21.21 16.95 -9.48
C GLN A 162 20.35 15.72 -9.27
N LEU A 163 20.75 14.86 -8.35
CA LEU A 163 20.03 13.63 -8.14
C LEU A 163 19.52 13.53 -6.71
N VAL A 164 18.20 13.60 -6.57
CA VAL A 164 17.58 13.44 -5.28
C VAL A 164 16.96 12.04 -5.20
N ALA A 165 17.65 11.18 -4.46
CA ALA A 165 17.31 9.77 -4.34
C ALA A 165 18.36 9.10 -3.47
N SER A 166 18.77 9.81 -2.42
CA SER A 166 19.84 9.35 -1.54
C SER A 166 19.42 8.07 -0.83
N GLN A 167 18.26 8.12 -0.18
CA GLN A 167 17.66 6.96 0.46
C GLN A 167 16.19 7.21 0.63
N ILE A 168 15.49 7.21 -0.50
CA ILE A 168 14.08 7.59 -0.54
C ILE A 168 13.18 6.51 0.04
N ASP A 169 13.37 6.22 1.31
CA ASP A 169 12.51 5.30 2.04
C ASP A 169 12.31 5.78 3.47
N LEU A 170 13.04 6.81 3.86
CA LEU A 170 12.96 7.36 5.21
C LEU A 170 12.15 8.65 5.21
N GLU A 171 12.86 9.76 4.96
CA GLU A 171 12.26 11.09 4.82
C GLU A 171 11.14 11.37 5.83
N HIS A 172 11.54 11.74 7.04
CA HIS A 172 10.57 12.13 8.06
C HIS A 172 10.80 13.59 8.44
N MET A 15 8.61 -59.98 87.64
CA MET A 15 8.84 -58.62 88.10
C MET A 15 7.52 -57.87 88.22
N ALA A 16 6.60 -58.18 87.31
CA ALA A 16 5.30 -57.51 87.22
C ALA A 16 5.46 -56.06 86.80
N ASP A 17 6.68 -55.72 86.42
CA ASP A 17 7.02 -54.36 86.00
C ASP A 17 6.76 -54.19 84.52
N LYS A 18 6.64 -55.32 83.85
CA LYS A 18 6.34 -55.33 82.42
C LYS A 18 4.84 -55.19 82.19
N MET A 19 4.12 -54.77 83.23
CA MET A 19 2.67 -54.63 83.18
C MET A 19 2.29 -53.44 82.31
N ASP A 20 2.91 -52.30 82.57
CA ASP A 20 2.67 -51.11 81.76
C ASP A 20 3.50 -51.17 80.49
N MET A 21 4.48 -52.07 80.50
CA MET A 21 5.37 -52.30 79.37
C MET A 21 6.26 -51.09 79.12
N SER A 22 5.83 -50.22 78.23
CA SER A 22 6.58 -49.00 77.92
C SER A 22 6.24 -47.92 78.94
N LEU A 23 6.36 -48.26 80.22
CA LEU A 23 5.94 -47.38 81.31
C LEU A 23 6.67 -46.04 81.24
N ASP A 24 7.95 -46.07 80.88
CA ASP A 24 8.74 -44.85 80.80
C ASP A 24 8.17 -43.92 79.73
N ASP A 25 7.84 -44.50 78.58
CA ASP A 25 7.30 -43.73 77.47
C ASP A 25 5.91 -43.21 77.80
N ILE A 26 5.17 -43.95 78.62
CA ILE A 26 3.88 -43.48 79.11
C ILE A 26 4.08 -42.27 80.00
N ILE A 27 5.00 -42.39 80.95
CA ILE A 27 5.39 -41.27 81.80
C ILE A 27 5.79 -40.07 80.94
N LYS A 28 6.57 -40.34 79.91
CA LYS A 28 6.97 -39.33 78.94
C LYS A 28 5.73 -38.65 78.34
N LEU A 29 4.87 -39.45 77.72
CA LEU A 29 3.67 -38.93 77.08
C LEU A 29 2.70 -38.33 78.10
N ASN A 30 2.87 -38.72 79.36
CA ASN A 30 2.06 -38.20 80.45
C ASN A 30 2.38 -36.73 80.70
N ARG A 31 3.64 -36.47 80.98
CA ARG A 31 4.11 -35.11 81.22
C ARG A 31 4.13 -34.31 79.93
N ASN A 32 4.31 -35.02 78.81
CA ASN A 32 4.31 -34.39 77.51
C ASN A 32 2.92 -34.46 76.88
N GLN A 33 1.91 -34.60 77.72
CA GLN A 33 0.52 -34.55 77.26
C GLN A 33 0.22 -33.15 76.76
N ARG A 34 0.92 -32.18 77.33
CA ARG A 34 0.86 -30.81 76.87
C ARG A 34 1.91 -30.62 75.77
N ARG A 35 1.55 -29.87 74.73
CA ARG A 35 2.41 -29.66 73.56
C ARG A 35 2.41 -30.90 72.67
N VAL A 36 2.72 -32.05 73.29
CA VAL A 36 2.63 -33.36 72.64
C VAL A 36 3.78 -33.59 71.67
N ASN A 37 4.29 -34.82 71.66
CA ASN A 37 5.33 -35.22 70.72
C ASN A 37 4.70 -35.57 69.38
N ARG A 38 4.52 -34.58 68.53
CA ARG A 38 3.91 -34.76 67.22
C ARG A 38 4.18 -33.56 66.34
N GLY A 39 4.45 -33.83 65.07
CA GLY A 39 4.69 -32.77 64.13
C GLY A 39 4.04 -33.05 62.79
N GLY A 40 4.26 -32.16 61.84
CA GLY A 40 3.72 -32.34 60.51
C GLY A 40 4.51 -31.57 59.48
N GLY A 41 4.22 -31.81 58.21
CA GLY A 41 4.96 -31.14 57.16
C GLY A 41 4.05 -30.51 56.11
N PRO A 42 3.24 -29.51 56.49
CA PRO A 42 2.37 -28.80 55.57
C PRO A 42 3.08 -27.59 54.96
N ARG A 43 2.84 -26.41 55.52
CA ARG A 43 3.49 -25.18 55.07
C ARG A 43 3.23 -24.92 53.60
N ARG A 44 1.98 -24.62 53.26
CA ARG A 44 1.60 -24.37 51.88
C ARG A 44 1.76 -22.90 51.53
N ASN A 45 2.97 -22.39 51.72
CA ASN A 45 3.28 -21.01 51.35
C ASN A 45 4.02 -20.99 50.02
N ARG A 46 4.41 -22.18 49.57
CA ARG A 46 5.09 -22.33 48.29
C ARG A 46 4.16 -22.00 47.11
N PRO A 47 2.92 -22.55 47.09
CA PRO A 47 1.93 -22.19 46.05
C PRO A 47 1.40 -20.77 46.22
N ALA A 48 2.27 -19.80 45.97
CA ALA A 48 1.90 -18.39 46.06
C ALA A 48 2.06 -17.72 44.71
N ILE A 49 2.04 -18.54 43.66
CA ILE A 49 2.20 -18.04 42.30
C ILE A 49 0.95 -17.30 41.84
N ALA A 50 -0.19 -17.99 41.93
CA ALA A 50 -1.49 -17.44 41.53
C ALA A 50 -1.53 -17.18 40.03
N ARG A 51 -0.95 -16.06 39.62
CA ARG A 51 -0.91 -15.68 38.22
C ARG A 51 0.41 -14.96 37.92
N GLY A 52 1.40 -15.21 38.76
CA GLY A 52 2.67 -14.53 38.62
C GLY A 52 2.59 -13.09 39.05
N GLY A 53 2.66 -12.19 38.08
CA GLY A 53 2.51 -10.78 38.37
C GLY A 53 1.25 -10.22 37.75
N ARG A 54 0.36 -11.11 37.33
CA ARG A 54 -0.87 -10.71 36.67
C ARG A 54 -1.88 -10.19 37.67
N ASN A 55 -2.13 -8.88 37.58
CA ASN A 55 -3.12 -8.20 38.41
C ASN A 55 -2.87 -8.38 39.89
N ARG A 56 -1.85 -7.71 40.38
CA ARG A 56 -1.48 -7.78 41.79
C ARG A 56 -0.53 -6.64 42.15
N PRO A 57 0.59 -6.44 41.42
CA PRO A 57 1.44 -5.27 41.60
C PRO A 57 0.79 -4.03 41.01
N ALA A 58 0.46 -4.11 39.72
CA ALA A 58 -0.18 -3.03 38.99
C ALA A 58 0.60 -1.73 39.09
N PRO A 59 1.74 -1.64 38.38
CA PRO A 59 2.54 -0.41 38.31
C PRO A 59 1.76 0.76 37.69
N TYR A 60 0.81 0.40 36.84
CA TYR A 60 -0.05 1.38 36.20
C TYR A 60 -1.50 0.90 36.32
N SER A 61 -2.27 1.00 35.23
CA SER A 61 -3.60 0.39 35.21
C SER A 61 -3.48 -1.10 35.46
N ARG A 62 -2.44 -1.69 34.88
CA ARG A 62 -2.11 -3.09 35.08
C ARG A 62 -0.63 -3.29 34.79
N PRO A 63 -0.04 -4.39 35.29
CA PRO A 63 1.34 -4.76 34.96
C PRO A 63 1.54 -4.93 33.45
N LYS A 64 2.33 -4.05 32.86
CA LYS A 64 2.56 -4.06 31.43
C LYS A 64 3.81 -4.87 31.10
N PRO A 65 3.65 -5.99 30.39
CA PRO A 65 4.76 -6.84 29.99
C PRO A 65 5.62 -6.19 28.91
N LEU A 66 5.17 -6.29 27.66
CA LEU A 66 5.94 -5.84 26.49
C LEU A 66 7.40 -6.31 26.57
N PRO A 67 7.62 -7.64 26.71
CA PRO A 67 8.94 -8.19 26.92
C PRO A 67 9.68 -8.48 25.61
N ASP A 68 9.22 -9.50 24.91
CA ASP A 68 9.87 -9.95 23.69
C ASP A 68 9.36 -9.20 22.47
N LYS A 69 9.56 -7.89 22.48
CA LYS A 69 9.21 -7.06 21.33
C LYS A 69 10.31 -7.17 20.28
N TRP A 70 10.30 -8.26 19.53
CA TRP A 70 11.34 -8.53 18.55
C TRP A 70 11.23 -7.58 17.37
N GLN A 71 12.08 -6.57 17.38
CA GLN A 71 12.15 -5.64 16.26
C GLN A 71 13.19 -6.13 15.26
N HIS A 72 12.95 -5.91 13.98
CA HIS A 72 13.91 -6.30 12.95
C HIS A 72 14.99 -5.25 12.82
N ASP A 73 15.81 -5.13 13.86
CA ASP A 73 16.88 -4.14 13.93
C ASP A 73 16.33 -2.72 13.90
N LEU A 74 15.04 -2.58 14.23
CA LEU A 74 14.38 -1.29 14.34
C LEU A 74 14.37 -0.54 13.01
N PHE A 75 15.43 0.25 12.77
CA PHE A 75 15.55 1.01 11.54
C PHE A 75 15.92 0.09 10.38
N ASP A 76 16.51 -1.06 10.71
CA ASP A 76 16.91 -2.05 9.71
C ASP A 76 17.83 -1.42 8.68
N SER A 77 17.66 -1.80 7.43
CA SER A 77 18.39 -1.21 6.33
C SER A 77 17.51 -0.17 5.63
N GLY A 78 16.68 0.49 6.44
CA GLY A 78 15.73 1.45 5.91
C GLY A 78 14.34 0.87 5.85
N CYS A 79 13.75 0.61 7.02
CA CYS A 79 12.42 0.04 7.11
C CYS A 79 11.40 0.99 6.50
N GLY A 80 10.78 0.57 5.41
CA GLY A 80 9.82 1.40 4.73
C GLY A 80 10.17 1.58 3.28
N GLY A 81 9.72 2.69 2.70
CA GLY A 81 10.03 2.96 1.31
C GLY A 81 9.80 4.41 0.97
N GLY A 82 9.88 4.71 -0.32
CA GLY A 82 9.65 6.07 -0.78
C GLY A 82 8.22 6.27 -1.24
N GLU A 83 7.49 7.10 -0.49
CA GLU A 83 6.10 7.41 -0.79
C GLU A 83 5.23 6.15 -0.70
N GLY A 84 5.03 5.50 -1.84
CA GLY A 84 4.19 4.32 -1.87
C GLY A 84 4.32 3.57 -3.18
N VAL A 85 5.54 3.20 -3.52
CA VAL A 85 5.81 2.50 -4.77
C VAL A 85 7.16 1.81 -4.72
N GLU A 86 8.15 2.57 -4.28
CA GLU A 86 9.53 2.10 -4.14
C GLU A 86 10.39 3.23 -3.63
N THR A 87 10.77 4.11 -4.55
CA THR A 87 11.49 5.34 -4.23
C THR A 87 11.57 6.22 -5.46
N GLY A 88 11.09 7.45 -5.35
CA GLY A 88 11.12 8.36 -6.46
C GLY A 88 12.51 8.96 -6.64
N ALA A 89 13.14 8.67 -7.77
CA ALA A 89 14.47 9.18 -8.04
C ALA A 89 14.38 10.36 -9.00
N LYS A 90 14.57 11.56 -8.45
CA LYS A 90 14.38 12.78 -9.21
C LYS A 90 15.69 13.41 -9.64
N LEU A 91 15.85 13.54 -10.94
CA LEU A 91 17.00 14.18 -11.54
C LEU A 91 16.64 15.58 -12.03
N LEU A 92 17.34 16.59 -11.54
CA LEU A 92 17.16 17.94 -12.00
C LEU A 92 18.39 18.39 -12.80
N VAL A 93 18.23 18.51 -14.11
CA VAL A 93 19.31 19.00 -14.95
C VAL A 93 19.10 20.46 -15.31
N SER A 94 20.14 21.07 -15.87
CA SER A 94 20.11 22.47 -16.26
C SER A 94 21.15 22.68 -17.36
N ASN A 95 20.66 23.02 -18.56
CA ASN A 95 21.51 23.08 -19.75
C ASN A 95 21.84 24.52 -20.13
N LEU A 96 21.31 25.46 -19.36
CA LEU A 96 21.53 26.89 -19.58
C LEU A 96 20.94 27.34 -20.92
N ASP A 97 21.75 27.24 -21.97
CA ASP A 97 21.30 27.59 -23.31
C ASP A 97 21.91 26.65 -24.33
N PHE A 98 21.77 25.35 -24.07
CA PHE A 98 22.32 24.33 -24.95
C PHE A 98 21.27 23.88 -25.97
N GLY A 99 20.01 24.01 -25.59
CA GLY A 99 18.92 23.63 -26.49
C GLY A 99 18.40 22.23 -26.21
N VAL A 100 18.60 21.76 -24.98
CA VAL A 100 18.15 20.43 -24.60
C VAL A 100 16.67 20.45 -24.25
N SER A 101 15.88 19.76 -25.06
CA SER A 101 14.44 19.69 -24.85
C SER A 101 14.07 18.59 -23.87
N ASP A 102 12.78 18.50 -23.57
CA ASP A 102 12.26 17.52 -22.62
C ASP A 102 12.49 16.10 -23.12
N ALA A 103 12.19 15.87 -24.39
CA ALA A 103 12.41 14.56 -25.00
C ALA A 103 13.88 14.35 -25.32
N ASP A 104 14.61 15.46 -25.52
CA ASP A 104 16.05 15.38 -25.75
C ASP A 104 16.73 14.68 -24.59
N ILE A 105 16.58 15.25 -23.40
CA ILE A 105 17.14 14.67 -22.20
C ILE A 105 16.50 13.30 -21.90
N GLN A 106 15.28 13.10 -22.37
CA GLN A 106 14.61 11.81 -22.22
C GLN A 106 15.33 10.74 -23.04
N GLU A 107 15.55 11.03 -24.31
CA GLU A 107 16.28 10.13 -25.20
C GLU A 107 17.70 9.92 -24.67
N LEU A 108 18.25 10.97 -24.09
CA LEU A 108 19.59 10.93 -23.53
C LEU A 108 19.65 9.96 -22.35
N PHE A 109 18.90 10.26 -21.30
CA PHE A 109 18.81 9.38 -20.12
C PHE A 109 18.29 7.97 -20.46
N ALA A 110 17.59 7.82 -21.57
CA ALA A 110 17.18 6.49 -22.01
C ALA A 110 18.40 5.73 -22.52
N GLU A 111 19.17 6.38 -23.35
CA GLU A 111 20.50 5.88 -23.74
C GLU A 111 21.36 5.67 -22.48
N PHE A 112 21.21 6.60 -21.55
CA PHE A 112 21.85 6.57 -20.24
C PHE A 112 21.30 5.47 -19.32
N GLY A 113 20.33 4.70 -19.80
CA GLY A 113 19.70 3.70 -18.94
C GLY A 113 18.20 3.59 -19.09
N THR A 114 17.48 3.90 -18.02
CA THR A 114 16.04 3.69 -17.98
C THR A 114 15.32 4.91 -17.42
N LEU A 115 14.57 5.60 -18.27
CA LEU A 115 13.88 6.80 -17.87
C LEU A 115 12.38 6.57 -17.78
N LYS A 116 11.88 6.58 -16.55
CA LYS A 116 10.45 6.48 -16.31
C LYS A 116 9.73 7.67 -16.93
N LYS A 117 10.06 8.88 -16.48
CA LYS A 117 9.50 10.09 -17.06
C LYS A 117 10.54 11.22 -17.05
N ALA A 118 10.40 12.17 -17.97
CA ALA A 118 11.25 13.35 -17.99
C ALA A 118 10.57 14.50 -18.70
N ALA A 119 10.93 15.72 -18.29
CA ALA A 119 10.39 16.93 -18.88
C ALA A 119 11.26 18.11 -18.46
N VAL A 120 11.19 19.22 -19.18
CA VAL A 120 12.01 20.37 -18.84
C VAL A 120 11.23 21.41 -18.05
N ASP A 121 11.97 22.34 -17.49
CA ASP A 121 11.44 23.38 -16.64
C ASP A 121 12.13 24.69 -16.97
N TYR A 122 11.57 25.79 -16.50
CA TYR A 122 12.11 27.09 -16.81
C TYR A 122 11.70 28.08 -15.73
N ASP A 123 12.14 29.32 -15.87
CA ASP A 123 11.86 30.33 -14.88
C ASP A 123 10.50 30.97 -15.19
N ARG A 124 9.93 31.70 -14.25
CA ARG A 124 8.63 32.34 -14.42
C ARG A 124 8.54 33.14 -15.72
N SER A 125 9.61 33.89 -16.03
CA SER A 125 9.64 34.69 -17.24
C SER A 125 10.32 33.93 -18.39
N GLY A 126 10.68 32.69 -18.13
CA GLY A 126 11.41 31.90 -19.10
C GLY A 126 12.79 32.49 -19.36
N ARG A 127 13.48 32.82 -18.28
CA ARG A 127 14.78 33.51 -18.35
C ARG A 127 15.82 32.71 -19.13
N SER A 128 16.62 31.93 -18.41
CA SER A 128 17.73 31.21 -19.01
C SER A 128 18.36 30.24 -18.01
N LEU A 129 17.97 28.99 -18.09
CA LEU A 129 18.49 27.95 -17.22
C LEU A 129 18.22 26.58 -17.81
N GLY A 130 16.96 26.37 -18.20
CA GLY A 130 16.61 25.16 -18.91
C GLY A 130 16.73 23.94 -18.03
N THR A 131 15.95 23.91 -16.96
CA THR A 131 15.94 22.80 -16.04
C THR A 131 15.21 21.62 -16.67
N ALA A 132 15.35 20.45 -16.10
CA ALA A 132 14.54 19.30 -16.50
C ALA A 132 14.45 18.32 -15.36
N ASP A 133 13.26 17.80 -15.18
CA ASP A 133 12.98 16.81 -14.16
C ASP A 133 12.84 15.45 -14.82
N VAL A 134 13.84 14.61 -14.65
CA VAL A 134 13.73 13.24 -15.11
C VAL A 134 13.60 12.34 -13.89
N HIS A 135 12.77 11.32 -14.01
CA HIS A 135 12.43 10.49 -12.88
C HIS A 135 12.62 9.03 -13.22
N PHE A 136 13.37 8.34 -12.39
CA PHE A 136 13.51 6.90 -12.51
C PHE A 136 12.82 6.24 -11.32
N GLU A 137 12.34 5.02 -11.51
CA GLU A 137 11.67 4.30 -10.44
C GLU A 137 12.69 3.69 -9.47
N ARG A 138 13.94 3.65 -9.89
CA ARG A 138 14.99 3.07 -9.08
C ARG A 138 16.02 4.10 -8.70
N ARG A 139 16.46 4.05 -7.45
CA ARG A 139 17.43 4.99 -6.92
C ARG A 139 18.78 4.85 -7.62
N ALA A 140 19.17 3.61 -7.91
CA ALA A 140 20.48 3.33 -8.51
C ALA A 140 20.66 4.02 -9.84
N ASP A 141 19.57 4.12 -10.61
CA ASP A 141 19.62 4.82 -11.89
C ASP A 141 19.98 6.29 -11.67
N ALA A 142 19.49 6.83 -10.56
CA ALA A 142 19.77 8.21 -10.20
C ALA A 142 21.15 8.31 -9.54
N LEU A 143 21.49 7.30 -8.77
CA LEU A 143 22.81 7.21 -8.15
C LEU A 143 23.88 7.22 -9.25
N LYS A 144 23.66 6.41 -10.27
CA LYS A 144 24.53 6.36 -11.43
C LYS A 144 24.55 7.71 -12.13
N ALA A 145 23.39 8.36 -12.17
CA ALA A 145 23.28 9.68 -12.81
C ALA A 145 24.12 10.72 -12.07
N MET A 146 24.14 10.67 -10.74
CA MET A 146 24.93 11.61 -9.95
C MET A 146 26.43 11.31 -10.10
N LYS A 147 26.76 10.05 -10.32
CA LYS A 147 28.16 9.67 -10.49
C LYS A 147 28.63 9.95 -11.91
N GLN A 148 27.84 9.51 -12.88
CA GLN A 148 28.24 9.58 -14.28
C GLN A 148 27.87 10.92 -14.91
N TYR A 149 26.59 11.28 -14.86
CA TYR A 149 26.13 12.51 -15.49
C TYR A 149 26.71 13.72 -14.77
N LYS A 150 26.48 13.82 -13.47
CA LYS A 150 26.99 14.95 -12.71
C LYS A 150 28.52 14.97 -12.78
N GLY A 151 29.04 16.01 -13.41
CA GLY A 151 30.47 16.08 -13.67
C GLY A 151 30.76 16.33 -15.13
N VAL A 152 29.75 16.09 -15.98
CA VAL A 152 29.89 16.31 -17.41
C VAL A 152 30.02 17.79 -17.74
N PRO A 153 31.14 18.17 -18.36
CA PRO A 153 31.33 19.50 -18.87
C PRO A 153 30.38 19.75 -20.02
N LEU A 154 29.80 20.92 -20.05
CA LEU A 154 28.81 21.22 -21.06
C LEU A 154 29.03 22.65 -21.52
N ASP A 155 29.85 22.80 -22.56
CA ASP A 155 30.35 24.09 -23.00
C ASP A 155 31.53 24.46 -22.10
N GLY A 156 31.86 25.73 -21.98
CA GLY A 156 33.02 26.14 -21.22
C GLY A 156 33.04 25.66 -19.77
N ARG A 157 31.92 25.14 -19.27
CA ARG A 157 31.82 24.70 -17.88
C ARG A 157 30.89 23.51 -17.79
N PRO A 158 31.05 22.66 -16.75
CA PRO A 158 30.16 21.53 -16.50
C PRO A 158 28.69 21.94 -16.39
N MET A 159 27.79 21.02 -16.67
CA MET A 159 26.36 21.30 -16.62
C MET A 159 25.81 21.04 -15.23
N ASP A 160 24.54 21.40 -15.03
CA ASP A 160 23.94 21.27 -13.71
C ASP A 160 23.08 20.03 -13.60
N ILE A 161 23.42 19.20 -12.63
CA ILE A 161 22.75 17.93 -12.42
C ILE A 161 22.51 17.70 -10.93
N GLN A 162 21.26 17.50 -10.56
CA GLN A 162 20.90 17.25 -9.18
C GLN A 162 20.16 15.93 -9.07
N LEU A 163 20.67 15.03 -8.25
CA LEU A 163 20.03 13.75 -8.05
C LEU A 163 19.51 13.67 -6.63
N VAL A 164 18.20 13.82 -6.48
CA VAL A 164 17.58 13.85 -5.17
C VAL A 164 16.90 12.53 -4.88
N ALA A 165 17.28 11.91 -3.76
CA ALA A 165 16.78 10.60 -3.37
C ALA A 165 17.33 9.55 -4.31
N SER A 166 18.64 9.57 -4.49
CA SER A 166 19.30 8.75 -5.48
C SER A 166 20.18 7.72 -4.79
N GLN A 167 21.21 8.19 -4.12
CA GLN A 167 22.12 7.33 -3.40
C GLN A 167 21.56 7.02 -2.01
N ILE A 168 20.93 8.04 -1.41
CA ILE A 168 20.47 8.01 -0.01
C ILE A 168 21.42 7.24 0.90
N ASP A 169 22.71 7.43 0.65
CA ASP A 169 23.75 6.77 1.42
C ASP A 169 24.72 7.80 1.92
N LEU A 170 24.97 8.82 1.10
CA LEU A 170 25.74 9.97 1.50
C LEU A 170 24.92 10.78 2.50
N GLU A 171 23.63 10.83 2.24
CA GLU A 171 22.68 11.49 3.11
C GLU A 171 21.59 10.50 3.52
N HIS A 172 21.62 10.07 4.77
CA HIS A 172 20.67 9.07 5.24
C HIS A 172 19.43 9.75 5.81
N MET A 15 -49.10 25.88 71.16
CA MET A 15 -49.52 25.18 69.96
C MET A 15 -48.30 24.87 69.10
N ALA A 16 -47.43 25.87 68.97
CA ALA A 16 -46.14 25.73 68.28
C ALA A 16 -46.30 25.30 66.83
N ASP A 17 -47.43 25.64 66.23
CA ASP A 17 -47.65 25.40 64.80
C ASP A 17 -47.33 26.66 64.04
N LYS A 18 -47.79 27.77 64.58
CA LYS A 18 -47.48 29.09 64.04
C LYS A 18 -45.99 29.34 64.13
N MET A 19 -45.37 28.80 65.17
CA MET A 19 -43.94 28.90 65.38
C MET A 19 -43.21 28.07 64.33
N ASP A 20 -42.44 28.75 63.49
CA ASP A 20 -41.65 28.13 62.41
C ASP A 20 -42.53 27.71 61.24
N MET A 21 -43.81 27.45 61.52
CA MET A 21 -44.80 27.05 60.50
C MET A 21 -44.54 25.65 59.97
N SER A 22 -43.39 25.46 59.33
CA SER A 22 -43.03 24.17 58.77
C SER A 22 -42.45 23.25 59.84
N LEU A 23 -43.32 22.53 60.53
CA LEU A 23 -42.90 21.60 61.57
C LEU A 23 -42.17 20.42 60.95
N ASP A 24 -42.51 20.11 59.71
CA ASP A 24 -41.88 19.03 58.97
C ASP A 24 -40.44 19.39 58.63
N ASP A 25 -40.20 20.66 58.32
CA ASP A 25 -38.86 21.15 58.06
C ASP A 25 -38.02 21.07 59.32
N ILE A 26 -38.65 21.38 60.46
CA ILE A 26 -37.99 21.22 61.75
C ILE A 26 -37.61 19.77 61.97
N ILE A 27 -38.54 18.88 61.66
CA ILE A 27 -38.30 17.44 61.75
C ILE A 27 -36.98 17.08 61.06
N LYS A 28 -36.82 17.52 59.82
CA LYS A 28 -35.60 17.28 59.08
C LYS A 28 -34.40 17.93 59.78
N LEU A 29 -34.55 19.21 60.11
CA LEU A 29 -33.48 19.97 60.75
C LEU A 29 -33.04 19.33 62.07
N ASN A 30 -33.98 19.13 62.97
CA ASN A 30 -33.68 18.66 64.32
C ASN A 30 -33.24 17.19 64.31
N ARG A 31 -33.72 16.42 63.33
CA ARG A 31 -33.35 15.01 63.23
C ARG A 31 -31.93 14.88 62.66
N ASN A 32 -31.49 15.91 61.94
CA ASN A 32 -30.12 15.94 61.43
C ASN A 32 -29.15 16.25 62.56
N GLN A 33 -29.67 16.86 63.62
CA GLN A 33 -28.85 17.22 64.77
C GLN A 33 -28.90 16.13 65.83
N ARG A 34 -29.54 15.02 65.49
CA ARG A 34 -29.67 13.91 66.41
C ARG A 34 -29.25 12.61 65.72
N ARG A 35 -28.97 11.58 66.53
CA ARG A 35 -28.61 10.25 66.04
C ARG A 35 -27.22 10.25 65.38
N VAL A 36 -27.12 10.87 64.22
CA VAL A 36 -25.87 10.88 63.47
C VAL A 36 -25.71 12.23 62.75
N ASN A 37 -24.52 12.81 62.88
CA ASN A 37 -24.25 14.13 62.30
C ASN A 37 -23.21 14.04 61.19
N ARG A 38 -23.69 13.95 59.95
CA ARG A 38 -22.83 13.92 58.77
C ARG A 38 -23.67 14.00 57.50
N GLY A 39 -24.76 14.73 57.58
CA GLY A 39 -25.72 14.76 56.50
C GLY A 39 -26.59 13.53 56.51
N GLY A 40 -26.86 12.98 55.34
CA GLY A 40 -27.68 11.79 55.23
C GLY A 40 -26.89 10.60 54.75
N GLY A 41 -25.87 10.85 53.94
CA GLY A 41 -25.04 9.78 53.43
C GLY A 41 -23.76 10.29 52.81
N PRO A 42 -22.73 10.57 53.63
CA PRO A 42 -21.45 11.07 53.14
C PRO A 42 -20.58 9.94 52.58
N ARG A 43 -21.02 9.38 51.47
CA ARG A 43 -20.29 8.29 50.82
C ARG A 43 -19.23 8.84 49.90
N ARG A 44 -17.98 8.68 50.29
CA ARG A 44 -16.85 9.19 49.51
C ARG A 44 -15.68 8.21 49.57
N ASN A 45 -14.78 8.33 48.60
CA ASN A 45 -13.59 7.49 48.53
C ASN A 45 -12.66 7.80 49.69
N ARG A 46 -11.98 6.78 50.20
CA ARG A 46 -11.10 6.94 51.35
C ARG A 46 -9.98 7.97 51.08
N PRO A 47 -9.18 7.80 50.00
CA PRO A 47 -8.13 8.76 49.65
C PRO A 47 -8.68 10.08 49.11
N ALA A 48 -10.00 10.25 49.21
CA ALA A 48 -10.63 11.48 48.75
C ALA A 48 -11.33 12.19 49.90
N ILE A 49 -10.98 11.80 51.11
CA ILE A 49 -11.47 12.49 52.30
C ILE A 49 -10.81 13.86 52.40
N ALA A 50 -9.55 13.92 51.95
CA ALA A 50 -8.79 15.17 51.88
C ALA A 50 -7.46 14.90 51.20
N ARG A 51 -6.72 13.94 51.75
CA ARG A 51 -5.45 13.52 51.20
C ARG A 51 -5.45 12.02 50.93
N GLY A 52 -4.51 11.57 50.12
CA GLY A 52 -4.43 10.17 49.76
C GLY A 52 -4.14 9.99 48.28
N GLY A 53 -4.52 11.00 47.50
CA GLY A 53 -4.21 11.00 46.09
C GLY A 53 -3.51 12.27 45.68
N ARG A 54 -3.28 12.43 44.39
CA ARG A 54 -2.62 13.62 43.84
C ARG A 54 -1.20 13.79 44.39
N ASN A 55 -1.02 14.69 45.34
CA ASN A 55 0.28 14.92 45.96
C ASN A 55 0.51 13.89 47.05
N ARG A 56 0.59 12.63 46.65
CA ARG A 56 0.82 11.53 47.58
C ARG A 56 1.43 10.34 46.85
N PRO A 57 0.76 9.80 45.82
CA PRO A 57 1.27 8.66 45.05
C PRO A 57 2.44 9.05 44.16
N ALA A 58 2.75 10.34 44.14
CA ALA A 58 3.87 10.85 43.38
C ALA A 58 5.17 10.54 44.11
N PRO A 59 6.23 10.15 43.38
CA PRO A 59 7.53 9.81 43.95
C PRO A 59 8.05 10.88 44.90
N TYR A 60 8.22 12.10 44.38
CA TYR A 60 8.69 13.21 45.19
C TYR A 60 7.77 14.41 45.05
N SER A 61 7.94 15.16 43.97
CA SER A 61 7.15 16.35 43.74
C SER A 61 6.10 16.11 42.65
N ARG A 62 6.53 15.47 41.57
CA ARG A 62 5.66 15.22 40.44
C ARG A 62 6.04 13.93 39.73
N PRO A 63 5.05 13.12 39.32
CA PRO A 63 5.29 11.92 38.53
C PRO A 63 5.70 12.26 37.11
N LYS A 64 6.79 11.66 36.66
CA LYS A 64 7.35 11.98 35.36
C LYS A 64 7.02 10.92 34.32
N PRO A 65 6.26 11.30 33.29
CA PRO A 65 6.07 10.46 32.12
C PRO A 65 7.12 10.73 31.06
N LEU A 66 7.98 11.72 31.36
CA LEU A 66 9.05 12.15 30.46
C LEU A 66 8.47 12.85 29.23
N PRO A 67 8.53 14.18 29.22
CA PRO A 67 7.99 14.99 28.11
C PRO A 67 8.68 14.67 26.79
N ASP A 68 10.00 14.80 26.77
CA ASP A 68 10.80 14.53 25.58
C ASP A 68 11.17 13.06 25.51
N LYS A 69 10.16 12.20 25.46
CA LYS A 69 10.37 10.77 25.37
C LYS A 69 10.72 10.37 23.94
N TRP A 70 11.92 9.82 23.78
CA TRP A 70 12.39 9.38 22.48
C TRP A 70 11.56 8.18 21.99
N GLN A 71 11.30 8.13 20.69
CA GLN A 71 10.48 7.07 20.13
C GLN A 71 11.30 6.19 19.18
N HIS A 72 11.30 6.57 17.91
CA HIS A 72 11.99 5.83 16.85
C HIS A 72 11.75 6.51 15.52
N ASP A 73 12.37 5.99 14.46
CA ASP A 73 12.17 6.52 13.12
C ASP A 73 10.78 6.16 12.61
N LEU A 74 10.23 5.09 13.20
CA LEU A 74 8.88 4.63 12.92
C LEU A 74 8.76 4.02 11.54
N PHE A 75 7.53 3.77 11.13
CA PHE A 75 7.18 3.01 9.94
C PHE A 75 7.64 1.57 10.06
N ASP A 76 8.90 1.41 10.46
CA ASP A 76 9.55 0.10 10.64
C ASP A 76 11.06 0.28 10.73
N SER A 77 11.77 -0.81 10.96
CA SER A 77 13.23 -0.77 11.01
C SER A 77 13.80 -1.27 9.69
N GLY A 78 13.62 -0.48 8.64
CA GLY A 78 14.05 -0.88 7.31
C GLY A 78 12.90 -0.83 6.32
N CYS A 79 11.77 -1.41 6.74
CA CYS A 79 10.52 -1.39 5.96
C CYS A 79 10.69 -2.09 4.61
N GLY A 80 11.70 -2.92 4.49
CA GLY A 80 11.95 -3.58 3.24
C GLY A 80 13.01 -2.86 2.42
N GLY A 81 12.57 -1.98 1.55
CA GLY A 81 13.50 -1.21 0.75
C GLY A 81 12.86 -0.65 -0.51
N GLY A 82 11.81 -1.31 -0.97
CA GLY A 82 11.11 -0.86 -2.16
C GLY A 82 10.65 -2.02 -3.03
N GLU A 83 9.38 -2.00 -3.38
CA GLU A 83 8.80 -3.05 -4.22
C GLU A 83 9.19 -2.86 -5.68
N GLY A 84 8.25 -2.40 -6.50
CA GLY A 84 8.54 -2.09 -7.89
C GLY A 84 9.11 -0.69 -8.04
N VAL A 85 9.40 -0.08 -6.91
CA VAL A 85 9.94 1.26 -6.84
C VAL A 85 10.53 1.48 -5.45
N GLU A 86 11.82 1.29 -5.36
CA GLU A 86 12.54 1.49 -4.12
C GLU A 86 12.25 2.88 -3.54
N THR A 87 12.56 3.90 -4.31
CA THR A 87 12.23 5.27 -3.97
C THR A 87 12.34 6.16 -5.19
N GLY A 88 11.50 7.19 -5.25
CA GLY A 88 11.53 8.12 -6.35
C GLY A 88 12.90 8.75 -6.54
N ALA A 89 13.39 8.69 -7.77
CA ALA A 89 14.68 9.26 -8.12
C ALA A 89 14.49 10.47 -9.04
N LYS A 90 14.70 11.66 -8.50
CA LYS A 90 14.48 12.89 -9.24
C LYS A 90 15.79 13.49 -9.72
N LEU A 91 15.88 13.69 -11.04
CA LEU A 91 17.06 14.25 -11.67
C LEU A 91 16.77 15.67 -12.14
N LEU A 92 17.51 16.62 -11.62
CA LEU A 92 17.37 18.02 -12.01
C LEU A 92 18.55 18.43 -12.90
N VAL A 93 18.28 18.58 -14.19
CA VAL A 93 19.32 19.02 -15.13
C VAL A 93 19.11 20.47 -15.54
N SER A 94 20.14 21.27 -15.33
CA SER A 94 20.20 22.58 -15.94
C SER A 94 21.54 22.75 -16.64
N ASN A 95 21.53 22.65 -17.96
CA ASN A 95 22.76 22.76 -18.74
C ASN A 95 22.57 23.66 -19.95
N LEU A 96 21.37 23.61 -20.55
CA LEU A 96 21.02 24.39 -21.74
C LEU A 96 21.75 23.86 -22.97
N ASP A 97 23.09 23.86 -22.92
CA ASP A 97 23.95 23.39 -24.00
C ASP A 97 23.90 24.36 -25.19
N PHE A 98 22.72 24.46 -25.80
CA PHE A 98 22.51 25.26 -26.99
C PHE A 98 21.08 25.07 -27.46
N GLY A 99 20.57 23.85 -27.24
CA GLY A 99 19.20 23.55 -27.58
C GLY A 99 18.79 22.16 -27.18
N VAL A 100 18.70 21.90 -25.88
CA VAL A 100 18.18 20.64 -25.40
C VAL A 100 16.69 20.78 -25.10
N SER A 101 15.87 20.15 -25.91
CA SER A 101 14.41 20.20 -25.72
C SER A 101 13.93 19.09 -24.79
N ASP A 102 12.61 19.02 -24.62
CA ASP A 102 11.97 18.03 -23.75
C ASP A 102 12.29 16.62 -24.21
N ALA A 103 12.07 16.36 -25.50
CA ALA A 103 12.34 15.06 -26.07
C ALA A 103 13.82 14.73 -26.04
N ASP A 104 14.66 15.78 -26.11
CA ASP A 104 16.11 15.61 -26.12
C ASP A 104 16.58 14.93 -24.84
N ILE A 105 16.42 15.63 -23.72
CA ILE A 105 16.84 15.10 -22.42
C ILE A 105 16.19 13.75 -22.10
N GLN A 106 14.97 13.55 -22.57
CA GLN A 106 14.26 12.29 -22.33
C GLN A 106 14.89 11.18 -23.16
N GLU A 107 15.13 11.46 -24.43
CA GLU A 107 15.77 10.51 -25.34
C GLU A 107 17.16 10.16 -24.84
N LEU A 108 17.85 11.16 -24.32
CA LEU A 108 19.20 10.98 -23.80
C LEU A 108 19.19 10.02 -22.62
N PHE A 109 18.54 10.42 -21.53
CA PHE A 109 18.43 9.58 -20.35
C PHE A 109 17.77 8.22 -20.63
N ALA A 110 17.03 8.09 -21.72
CA ALA A 110 16.54 6.78 -22.14
C ALA A 110 17.68 5.94 -22.69
N GLU A 111 18.49 6.58 -23.52
CA GLU A 111 19.76 5.99 -23.95
C GLU A 111 20.61 5.64 -22.73
N PHE A 112 20.53 6.50 -21.71
CA PHE A 112 21.16 6.28 -20.40
C PHE A 112 20.58 5.08 -19.64
N GLY A 113 19.60 4.39 -20.24
CA GLY A 113 19.03 3.24 -19.57
C GLY A 113 17.53 3.29 -19.38
N THR A 114 17.09 3.68 -18.19
CA THR A 114 15.70 3.52 -17.82
C THR A 114 15.08 4.84 -17.37
N LEU A 115 14.27 5.44 -18.22
CA LEU A 115 13.59 6.68 -17.88
C LEU A 115 12.10 6.47 -17.67
N LYS A 116 11.70 6.43 -16.40
CA LYS A 116 10.29 6.34 -16.04
C LYS A 116 9.51 7.51 -16.63
N LYS A 117 9.95 8.73 -16.32
CA LYS A 117 9.39 9.92 -16.94
C LYS A 117 10.45 11.01 -16.98
N ALA A 118 10.29 11.97 -17.88
CA ALA A 118 11.20 13.10 -17.96
C ALA A 118 10.58 14.22 -18.77
N ALA A 119 10.69 15.43 -18.25
CA ALA A 119 10.19 16.62 -18.92
C ALA A 119 11.15 17.76 -18.73
N VAL A 120 11.00 18.80 -19.53
CA VAL A 120 11.83 19.98 -19.38
C VAL A 120 11.07 21.06 -18.59
N ASP A 121 11.83 21.83 -17.84
CA ASP A 121 11.26 22.79 -16.90
C ASP A 121 11.40 24.18 -17.48
N TYR A 122 10.31 24.90 -17.52
CA TYR A 122 10.31 26.22 -18.14
C TYR A 122 10.41 27.29 -17.07
N ASP A 123 11.11 28.36 -17.40
CA ASP A 123 11.29 29.46 -16.48
C ASP A 123 10.30 30.56 -16.83
N ARG A 124 10.04 31.43 -15.87
CA ARG A 124 9.06 32.49 -16.05
C ARG A 124 9.49 33.47 -17.14
N SER A 125 10.78 33.51 -17.46
CA SER A 125 11.28 34.46 -18.44
C SER A 125 12.10 33.77 -19.53
N GLY A 126 12.81 32.71 -19.16
CA GLY A 126 13.78 32.11 -20.07
C GLY A 126 13.25 30.92 -20.85
N ARG A 127 11.98 30.59 -20.64
CA ARG A 127 11.34 29.47 -21.34
C ARG A 127 12.05 28.14 -21.05
N SER A 128 12.66 27.50 -22.05
CA SER A 128 13.20 26.15 -21.86
C SER A 128 14.72 26.21 -21.76
N LEU A 129 15.19 27.02 -20.82
CA LEU A 129 16.62 27.25 -20.58
C LEU A 129 17.38 26.01 -20.06
N GLY A 130 17.19 24.88 -20.72
CA GLY A 130 18.00 23.71 -20.45
C GLY A 130 17.69 23.03 -19.13
N THR A 131 16.61 23.41 -18.50
CA THR A 131 16.18 22.77 -17.27
C THR A 131 15.27 21.59 -17.58
N ALA A 132 15.43 20.49 -16.85
CA ALA A 132 14.55 19.33 -17.01
C ALA A 132 14.51 18.50 -15.75
N ASP A 133 13.45 17.71 -15.64
CA ASP A 133 13.27 16.79 -14.55
C ASP A 133 13.07 15.38 -15.10
N VAL A 134 14.03 14.52 -14.87
CA VAL A 134 13.88 13.14 -15.27
C VAL A 134 13.71 12.28 -14.01
N HIS A 135 12.84 11.30 -14.08
CA HIS A 135 12.50 10.51 -12.93
C HIS A 135 12.67 9.03 -13.24
N PHE A 136 13.48 8.35 -12.46
CA PHE A 136 13.55 6.90 -12.53
C PHE A 136 12.96 6.32 -11.24
N GLU A 137 12.44 5.11 -11.32
CA GLU A 137 11.84 4.46 -10.15
C GLU A 137 12.92 3.87 -9.25
N ARG A 138 14.15 3.88 -9.74
CA ARG A 138 15.26 3.26 -9.05
C ARG A 138 16.22 4.31 -8.51
N ARG A 139 16.61 4.16 -7.24
CA ARG A 139 17.57 5.08 -6.63
C ARG A 139 18.96 4.89 -7.23
N ALA A 140 19.29 3.67 -7.62
CA ALA A 140 20.61 3.37 -8.18
C ALA A 140 20.82 4.09 -9.50
N ASP A 141 19.75 4.26 -10.26
CA ASP A 141 19.82 4.99 -11.53
C ASP A 141 20.23 6.43 -11.27
N ALA A 142 19.78 6.97 -10.14
CA ALA A 142 20.12 8.32 -9.74
C ALA A 142 21.52 8.32 -9.13
N LEU A 143 21.83 7.27 -8.39
CA LEU A 143 23.15 7.11 -7.79
C LEU A 143 24.22 7.10 -8.87
N LYS A 144 23.99 6.29 -9.91
CA LYS A 144 24.94 6.19 -11.01
C LYS A 144 24.99 7.51 -11.79
N ALA A 145 23.83 8.15 -11.94
CA ALA A 145 23.78 9.43 -12.64
C ALA A 145 24.50 10.52 -11.86
N MET A 146 24.42 10.47 -10.54
CA MET A 146 25.08 11.46 -9.70
C MET A 146 26.57 11.17 -9.60
N LYS A 147 26.95 9.94 -9.89
CA LYS A 147 28.35 9.56 -9.88
C LYS A 147 29.01 9.84 -11.23
N GLN A 148 28.34 9.46 -12.30
CA GLN A 148 28.90 9.60 -13.64
C GLN A 148 28.50 10.91 -14.29
N TYR A 149 27.20 11.17 -14.40
CA TYR A 149 26.73 12.36 -15.09
C TYR A 149 27.02 13.62 -14.27
N LYS A 150 26.53 13.64 -13.05
CA LYS A 150 26.71 14.79 -12.18
C LYS A 150 28.19 15.03 -11.93
N GLY A 151 28.69 16.14 -12.43
CA GLY A 151 30.10 16.45 -12.31
C GLY A 151 30.72 16.72 -13.68
N VAL A 152 29.93 16.52 -14.72
CA VAL A 152 30.35 16.78 -16.09
C VAL A 152 30.42 18.28 -16.38
N PRO A 153 31.61 18.77 -16.74
CA PRO A 153 31.80 20.14 -17.21
C PRO A 153 31.35 20.27 -18.65
N LEU A 154 30.46 21.21 -18.94
CA LEU A 154 29.90 21.34 -20.27
C LEU A 154 29.90 22.79 -20.67
N ASP A 155 30.58 23.07 -21.79
CA ASP A 155 30.79 24.44 -22.25
C ASP A 155 31.31 25.32 -21.13
N GLY A 156 32.57 25.15 -20.79
CA GLY A 156 33.18 26.01 -19.79
C GLY A 156 33.12 25.41 -18.40
N ARG A 157 31.93 25.24 -17.84
CA ARG A 157 31.81 24.83 -16.45
C ARG A 157 30.92 23.60 -16.30
N PRO A 158 31.11 22.82 -15.23
CA PRO A 158 30.23 21.71 -14.90
C PRO A 158 28.78 22.16 -14.78
N MET A 159 27.90 21.49 -15.49
CA MET A 159 26.49 21.86 -15.55
C MET A 159 25.80 21.51 -14.24
N ASP A 160 24.49 21.72 -14.18
CA ASP A 160 23.74 21.48 -12.97
C ASP A 160 22.99 20.16 -13.05
N ILE A 161 23.51 19.17 -12.35
CA ILE A 161 22.90 17.86 -12.32
C ILE A 161 22.67 17.43 -10.88
N GLN A 162 21.41 17.41 -10.47
CA GLN A 162 21.07 17.06 -9.11
C GLN A 162 20.25 15.78 -9.07
N LEU A 163 20.74 14.78 -8.34
CA LEU A 163 20.03 13.53 -8.22
C LEU A 163 19.48 13.38 -6.81
N VAL A 164 18.18 13.59 -6.67
CA VAL A 164 17.54 13.48 -5.37
C VAL A 164 16.74 12.18 -5.32
N ALA A 165 17.24 11.22 -4.58
CA ALA A 165 16.67 9.91 -4.52
C ALA A 165 16.38 9.55 -3.08
N SER A 166 15.17 9.08 -2.87
CA SER A 166 14.71 8.58 -1.57
C SER A 166 14.28 9.75 -0.67
N GLN A 167 14.07 10.90 -1.28
CA GLN A 167 13.51 12.06 -0.60
C GLN A 167 12.36 12.61 -1.41
N ILE A 168 12.71 13.18 -2.58
CA ILE A 168 11.75 13.73 -3.55
C ILE A 168 10.58 14.44 -2.88
N ASP A 169 10.88 15.31 -1.93
CA ASP A 169 9.85 16.03 -1.21
C ASP A 169 9.90 17.52 -1.55
N LEU A 170 11.08 18.00 -1.93
CA LEU A 170 11.24 19.39 -2.32
C LEU A 170 10.72 19.58 -3.73
N GLU A 171 11.33 18.84 -4.67
CA GLU A 171 10.97 18.84 -6.07
C GLU A 171 11.20 20.19 -6.75
N HIS A 172 10.32 21.13 -6.52
CA HIS A 172 10.36 22.42 -7.19
C HIS A 172 9.43 23.40 -6.48
N MET A 15 -89.93 -60.92 29.02
CA MET A 15 -88.68 -60.43 28.47
C MET A 15 -88.72 -58.92 28.34
N ALA A 16 -89.89 -58.41 27.99
CA ALA A 16 -90.11 -56.98 27.83
C ALA A 16 -89.28 -56.44 26.67
N ASP A 17 -89.26 -57.22 25.59
CA ASP A 17 -88.48 -56.88 24.41
C ASP A 17 -89.40 -56.70 23.21
N LYS A 18 -89.90 -57.82 22.69
CA LYS A 18 -90.82 -57.82 21.54
C LYS A 18 -90.19 -57.16 20.32
N MET A 19 -88.87 -57.26 20.22
CA MET A 19 -88.14 -56.72 19.09
C MET A 19 -87.30 -57.82 18.44
N ASP A 20 -86.59 -58.56 19.27
CA ASP A 20 -85.80 -59.70 18.81
C ASP A 20 -86.45 -60.99 19.27
N MET A 21 -87.20 -60.89 20.37
CA MET A 21 -87.96 -62.01 20.94
C MET A 21 -87.01 -63.06 21.54
N SER A 22 -86.59 -64.01 20.73
CA SER A 22 -85.73 -65.08 21.19
C SER A 22 -84.28 -64.62 21.30
N LEU A 23 -83.90 -64.18 22.49
CA LEU A 23 -82.53 -63.76 22.74
C LEU A 23 -81.60 -64.96 22.68
N ASP A 24 -82.15 -66.14 22.99
CA ASP A 24 -81.42 -67.39 22.90
C ASP A 24 -80.97 -67.64 21.46
N ASP A 25 -81.85 -67.30 20.52
CA ASP A 25 -81.55 -67.44 19.10
C ASP A 25 -80.37 -66.56 18.71
N ILE A 26 -80.32 -65.38 19.33
CA ILE A 26 -79.21 -64.45 19.12
C ILE A 26 -77.93 -65.03 19.69
N ILE A 27 -78.01 -65.51 20.93
CA ILE A 27 -76.88 -66.16 21.59
C ILE A 27 -76.32 -67.28 20.71
N LYS A 28 -77.20 -68.07 20.13
CA LYS A 28 -76.81 -69.11 19.21
C LYS A 28 -75.98 -68.55 18.07
N LEU A 29 -76.49 -67.51 17.42
CA LEU A 29 -75.78 -66.85 16.34
C LEU A 29 -74.50 -66.21 16.87
N ASN A 30 -74.57 -65.73 18.12
CA ASN A 30 -73.43 -65.11 18.77
C ASN A 30 -72.27 -66.09 18.88
N ARG A 31 -72.60 -67.34 19.20
CA ARG A 31 -71.60 -68.41 19.29
C ARG A 31 -70.99 -68.66 17.92
N ASN A 32 -71.83 -68.68 16.90
CA ASN A 32 -71.38 -68.93 15.54
C ASN A 32 -70.59 -67.74 15.00
N GLN A 33 -70.90 -66.55 15.50
CA GLN A 33 -70.19 -65.34 15.11
C GLN A 33 -68.94 -65.16 15.97
N ARG A 34 -68.26 -64.04 15.76
CA ARG A 34 -67.07 -63.69 16.53
C ARG A 34 -66.03 -64.82 16.44
N ARG A 35 -65.84 -65.33 15.23
CA ARG A 35 -64.92 -66.43 14.99
C ARG A 35 -63.48 -66.02 15.31
N VAL A 36 -63.07 -64.89 14.76
CA VAL A 36 -61.72 -64.39 14.98
C VAL A 36 -61.75 -63.00 15.60
N ASN A 37 -61.92 -62.94 16.91
CA ASN A 37 -61.86 -61.68 17.63
C ASN A 37 -60.40 -61.29 17.88
N ARG A 38 -59.68 -61.09 16.80
CA ARG A 38 -58.26 -60.79 16.86
C ARG A 38 -58.02 -59.30 17.03
N GLY A 39 -56.92 -58.95 17.68
CA GLY A 39 -56.56 -57.57 17.85
C GLY A 39 -55.07 -57.40 18.00
N GLY A 40 -54.40 -57.03 16.92
CA GLY A 40 -52.97 -56.81 16.98
C GLY A 40 -52.33 -56.87 15.61
N GLY A 41 -51.03 -57.11 15.58
CA GLY A 41 -50.30 -57.08 14.33
C GLY A 41 -50.02 -55.66 13.86
N PRO A 42 -49.23 -54.89 14.62
CA PRO A 42 -48.97 -53.49 14.32
C PRO A 42 -47.90 -53.30 13.24
N ARG A 43 -47.46 -54.41 12.67
CA ARG A 43 -46.48 -54.38 11.58
C ARG A 43 -46.72 -55.55 10.64
N ARG A 44 -47.78 -55.45 9.83
CA ARG A 44 -48.10 -56.49 8.88
C ARG A 44 -47.42 -56.22 7.53
N ASN A 45 -46.98 -54.99 7.34
CA ASN A 45 -46.29 -54.61 6.12
C ASN A 45 -44.82 -54.32 6.42
N ARG A 46 -44.26 -53.32 5.76
CA ARG A 46 -42.87 -52.95 5.98
C ARG A 46 -42.73 -52.20 7.30
N PRO A 47 -41.71 -52.57 8.10
CA PRO A 47 -41.45 -51.93 9.39
C PRO A 47 -41.28 -50.43 9.27
N ALA A 48 -40.51 -50.01 8.26
CA ALA A 48 -40.21 -48.60 8.00
C ALA A 48 -39.23 -48.05 9.04
N ILE A 49 -38.13 -47.49 8.56
CA ILE A 49 -37.15 -46.89 9.43
C ILE A 49 -37.60 -45.49 9.85
N ALA A 50 -38.41 -44.87 8.98
CA ALA A 50 -38.97 -43.54 9.20
C ALA A 50 -37.89 -42.45 9.12
N ARG A 51 -36.90 -42.54 9.98
CA ARG A 51 -35.82 -41.58 10.03
C ARG A 51 -34.78 -41.87 8.93
N GLY A 52 -33.51 -41.96 9.32
CA GLY A 52 -32.47 -42.19 8.33
C GLY A 52 -31.63 -43.42 8.65
N GLY A 53 -30.73 -43.75 7.74
CA GLY A 53 -29.89 -44.91 7.92
C GLY A 53 -29.98 -45.88 6.77
N ARG A 54 -28.87 -46.05 6.05
CA ARG A 54 -28.80 -46.99 4.94
C ARG A 54 -27.43 -47.64 4.86
N ASN A 55 -26.40 -46.92 5.29
CA ASN A 55 -25.04 -47.43 5.35
C ASN A 55 -24.56 -47.86 3.96
N ARG A 56 -24.50 -46.91 3.04
CA ARG A 56 -24.15 -47.20 1.65
C ARG A 56 -23.92 -45.94 0.83
N PRO A 57 -24.94 -45.06 0.69
CA PRO A 57 -24.90 -43.93 -0.24
C PRO A 57 -23.83 -42.88 0.10
N ALA A 58 -23.27 -42.96 1.30
CA ALA A 58 -22.20 -42.07 1.70
C ALA A 58 -20.90 -42.44 0.99
N PRO A 59 -20.33 -41.49 0.21
CA PRO A 59 -19.13 -41.72 -0.59
C PRO A 59 -18.03 -42.47 0.16
N TYR A 60 -17.67 -41.96 1.33
CA TYR A 60 -16.68 -42.63 2.16
C TYR A 60 -17.05 -42.48 3.62
N SER A 61 -17.99 -43.32 4.04
CA SER A 61 -18.55 -43.30 5.41
C SER A 61 -19.44 -42.08 5.62
N ARG A 62 -19.02 -40.95 5.08
CA ARG A 62 -19.78 -39.71 5.16
C ARG A 62 -19.76 -39.01 3.81
N PRO A 63 -20.81 -38.24 3.49
CA PRO A 63 -20.83 -37.40 2.28
C PRO A 63 -19.76 -36.30 2.34
N LYS A 64 -19.34 -35.83 1.18
CA LYS A 64 -18.34 -34.77 1.11
C LYS A 64 -18.97 -33.48 0.61
N PRO A 65 -18.61 -32.35 1.24
CA PRO A 65 -19.15 -31.06 0.86
C PRO A 65 -18.43 -30.46 -0.35
N LEU A 66 -17.19 -30.90 -0.56
CA LEU A 66 -16.37 -30.46 -1.70
C LEU A 66 -16.26 -28.94 -1.74
N PRO A 67 -15.33 -28.38 -0.93
CA PRO A 67 -15.13 -26.93 -0.82
C PRO A 67 -14.94 -26.25 -2.17
N ASP A 68 -13.96 -26.73 -2.94
CA ASP A 68 -13.68 -26.23 -4.29
C ASP A 68 -13.62 -24.70 -4.32
N LYS A 69 -12.53 -24.14 -3.80
CA LYS A 69 -12.42 -22.70 -3.65
C LYS A 69 -11.51 -22.09 -4.71
N TRP A 70 -11.80 -20.83 -5.06
CA TRP A 70 -10.97 -20.07 -5.98
C TRP A 70 -10.16 -19.06 -5.18
N GLN A 71 -8.84 -19.10 -5.34
CA GLN A 71 -7.96 -18.30 -4.51
C GLN A 71 -7.51 -17.02 -5.21
N HIS A 72 -7.42 -17.05 -6.55
CA HIS A 72 -6.94 -15.91 -7.33
C HIS A 72 -5.60 -15.41 -6.78
N ASP A 73 -4.56 -16.23 -6.94
CA ASP A 73 -3.19 -15.88 -6.55
C ASP A 73 -2.99 -15.86 -5.04
N LEU A 74 -4.06 -15.54 -4.30
CA LEU A 74 -4.05 -15.52 -2.83
C LEU A 74 -3.33 -14.28 -2.30
N PHE A 75 -2.06 -14.16 -2.64
CA PHE A 75 -1.28 -12.97 -2.29
C PHE A 75 -1.29 -12.00 -3.46
N ASP A 76 -2.25 -12.22 -4.35
CA ASP A 76 -2.42 -11.45 -5.58
C ASP A 76 -1.28 -11.74 -6.55
N SER A 77 -1.35 -11.14 -7.73
CA SER A 77 -0.34 -11.35 -8.75
C SER A 77 0.91 -10.50 -8.46
N GLY A 78 0.83 -9.72 -7.40
CA GLY A 78 1.96 -8.91 -6.99
C GLY A 78 1.56 -7.78 -6.06
N CYS A 79 0.97 -8.13 -4.92
CA CYS A 79 0.56 -7.13 -3.95
C CYS A 79 1.77 -6.64 -3.16
N GLY A 80 2.25 -5.45 -3.50
CA GLY A 80 3.44 -4.92 -2.83
C GLY A 80 3.37 -3.42 -2.65
N GLY A 81 4.08 -2.71 -3.51
CA GLY A 81 4.11 -1.26 -3.43
C GLY A 81 5.21 -0.67 -4.27
N GLY A 82 5.77 0.45 -3.82
CA GLY A 82 6.84 1.09 -4.55
C GLY A 82 6.36 1.78 -5.81
N GLU A 83 6.87 1.31 -6.94
CA GLU A 83 6.55 1.89 -8.25
C GLU A 83 7.01 3.34 -8.32
N GLY A 84 6.58 4.05 -9.36
CA GLY A 84 7.02 5.43 -9.54
C GLY A 84 6.20 6.42 -8.74
N VAL A 85 5.61 5.94 -7.65
CA VAL A 85 4.77 6.76 -6.80
C VAL A 85 5.30 6.80 -5.38
N GLU A 86 5.54 5.62 -4.85
CA GLU A 86 6.11 5.47 -3.52
C GLU A 86 7.63 5.54 -3.61
N THR A 87 8.17 5.03 -4.70
CA THR A 87 9.58 5.12 -4.99
C THR A 87 9.82 6.26 -5.98
N GLY A 88 10.86 7.05 -5.76
CA GLY A 88 11.11 8.18 -6.62
C GLY A 88 12.57 8.53 -6.73
N ALA A 89 13.05 8.67 -7.96
CA ALA A 89 14.37 9.20 -8.23
C ALA A 89 14.26 10.44 -9.11
N LYS A 90 14.55 11.60 -8.54
CA LYS A 90 14.34 12.86 -9.25
C LYS A 90 15.67 13.42 -9.75
N LEU A 91 15.73 13.70 -11.04
CA LEU A 91 16.93 14.24 -11.67
C LEU A 91 16.67 15.67 -12.13
N LEU A 92 17.56 16.58 -11.79
CA LEU A 92 17.48 17.95 -12.27
C LEU A 92 18.69 18.27 -13.15
N VAL A 93 18.44 18.37 -14.45
CA VAL A 93 19.50 18.76 -15.38
C VAL A 93 19.30 20.21 -15.82
N SER A 94 20.33 21.02 -15.69
CA SER A 94 20.31 22.37 -16.23
C SER A 94 21.58 22.63 -17.04
N ASN A 95 21.41 22.87 -18.33
CA ASN A 95 22.54 23.23 -19.19
C ASN A 95 22.07 23.88 -20.48
N LEU A 96 21.11 23.23 -21.15
CA LEU A 96 20.54 23.72 -22.42
C LEU A 96 21.55 23.65 -23.57
N ASP A 97 22.63 24.43 -23.45
CA ASP A 97 23.66 24.53 -24.48
C ASP A 97 23.07 25.10 -25.78
N PHE A 98 22.61 24.23 -26.68
CA PHE A 98 21.93 24.68 -27.88
C PHE A 98 20.44 24.85 -27.60
N GLY A 99 19.94 24.04 -26.69
CA GLY A 99 18.52 24.06 -26.38
C GLY A 99 17.92 22.67 -26.47
N VAL A 100 18.40 21.77 -25.62
CA VAL A 100 17.92 20.39 -25.59
C VAL A 100 16.43 20.35 -25.31
N SER A 101 15.67 19.91 -26.31
CA SER A 101 14.23 19.82 -26.21
C SER A 101 13.81 18.81 -25.15
N ASP A 102 12.52 18.84 -24.80
CA ASP A 102 11.97 17.91 -23.82
C ASP A 102 12.08 16.47 -24.31
N ALA A 103 12.00 16.30 -25.63
CA ALA A 103 12.18 14.99 -26.23
C ALA A 103 13.66 14.64 -26.30
N ASP A 104 14.50 15.66 -26.43
CA ASP A 104 15.94 15.48 -26.52
C ASP A 104 16.48 14.92 -25.21
N ILE A 105 16.29 15.69 -24.14
CA ILE A 105 16.72 15.26 -22.81
C ILE A 105 16.09 13.92 -22.41
N GLN A 106 14.84 13.69 -22.82
CA GLN A 106 14.17 12.42 -22.56
C GLN A 106 14.92 11.29 -23.24
N GLU A 107 15.14 11.44 -24.54
CA GLU A 107 15.87 10.44 -25.32
C GLU A 107 17.27 10.22 -24.76
N LEU A 108 17.91 11.30 -24.35
CA LEU A 108 19.26 11.23 -23.81
C LEU A 108 19.29 10.46 -22.49
N PHE A 109 18.57 10.95 -21.51
CA PHE A 109 18.50 10.27 -20.21
C PHE A 109 17.91 8.85 -20.30
N ALA A 110 17.14 8.54 -21.34
CA ALA A 110 16.72 7.16 -21.59
C ALA A 110 17.93 6.33 -22.03
N GLU A 111 18.77 6.99 -22.80
CA GLU A 111 20.06 6.45 -23.18
C GLU A 111 20.93 6.30 -21.92
N PHE A 112 20.84 7.29 -21.04
CA PHE A 112 21.52 7.30 -19.74
C PHE A 112 20.91 6.30 -18.75
N GLY A 113 19.82 5.64 -19.13
CA GLY A 113 19.16 4.73 -18.21
C GLY A 113 17.66 4.67 -18.34
N THR A 114 17.05 3.89 -17.47
CA THR A 114 15.61 3.66 -17.48
C THR A 114 14.84 4.93 -17.09
N LEU A 115 14.24 5.58 -18.07
CA LEU A 115 13.53 6.82 -17.82
C LEU A 115 12.04 6.56 -17.61
N LYS A 116 11.70 6.27 -16.35
CA LYS A 116 10.30 6.12 -15.94
C LYS A 116 9.46 7.31 -16.43
N LYS A 117 9.92 8.52 -16.14
CA LYS A 117 9.29 9.72 -16.68
C LYS A 117 10.33 10.82 -16.86
N ALA A 118 10.09 11.75 -17.78
CA ALA A 118 11.00 12.86 -18.01
C ALA A 118 10.28 14.03 -18.65
N ALA A 119 10.62 15.23 -18.21
CA ALA A 119 10.07 16.45 -18.76
C ALA A 119 11.05 17.59 -18.52
N VAL A 120 10.87 18.72 -19.19
CA VAL A 120 11.74 19.86 -18.95
C VAL A 120 11.06 20.89 -18.05
N ASP A 121 11.87 21.80 -17.54
CA ASP A 121 11.41 22.80 -16.60
C ASP A 121 11.97 24.16 -16.96
N TYR A 122 11.37 25.21 -16.46
CA TYR A 122 11.79 26.56 -16.81
C TYR A 122 11.67 27.49 -15.61
N ASP A 123 12.11 28.72 -15.79
CA ASP A 123 12.05 29.71 -14.73
C ASP A 123 10.75 30.46 -14.83
N ARG A 124 10.33 31.07 -13.73
CA ARG A 124 9.06 31.78 -13.68
C ARG A 124 9.06 32.97 -14.64
N SER A 125 10.20 33.64 -14.78
CA SER A 125 10.31 34.80 -15.66
C SER A 125 11.51 34.67 -16.61
N GLY A 126 12.58 34.06 -16.11
CA GLY A 126 13.82 33.99 -16.85
C GLY A 126 13.77 33.05 -18.04
N ARG A 127 13.16 31.87 -17.81
CA ARG A 127 13.06 30.80 -18.82
C ARG A 127 14.33 30.68 -19.67
N SER A 128 15.43 30.40 -19.02
CA SER A 128 16.73 30.28 -19.69
C SER A 128 17.73 29.53 -18.83
N LEU A 129 17.37 28.32 -18.43
CA LEU A 129 18.22 27.53 -17.54
C LEU A 129 18.51 26.14 -18.12
N GLY A 130 17.74 25.75 -19.13
CA GLY A 130 17.91 24.43 -19.72
C GLY A 130 17.59 23.30 -18.76
N THR A 131 16.64 23.54 -17.87
CA THR A 131 16.31 22.57 -16.84
C THR A 131 15.33 21.50 -17.32
N ALA A 132 15.48 20.31 -16.77
CA ALA A 132 14.53 19.22 -16.99
C ALA A 132 14.49 18.33 -15.76
N ASP A 133 13.33 17.76 -15.50
CA ASP A 133 13.15 16.83 -14.40
C ASP A 133 12.82 15.46 -14.95
N VAL A 134 13.74 14.52 -14.80
CA VAL A 134 13.48 13.16 -15.20
C VAL A 134 13.43 12.29 -13.95
N HIS A 135 12.53 11.33 -13.95
CA HIS A 135 12.28 10.52 -12.78
C HIS A 135 12.41 9.05 -13.12
N PHE A 136 13.32 8.36 -12.47
CA PHE A 136 13.42 6.91 -12.63
C PHE A 136 12.83 6.21 -11.41
N GLU A 137 12.44 4.95 -11.59
CA GLU A 137 11.89 4.14 -10.52
C GLU A 137 13.00 3.59 -9.62
N ARG A 138 14.23 3.70 -10.08
CA ARG A 138 15.37 3.15 -9.35
C ARG A 138 16.21 4.26 -8.74
N ARG A 139 16.56 4.09 -7.47
CA ARG A 139 17.43 5.06 -6.81
C ARG A 139 18.87 4.90 -7.27
N ALA A 140 19.25 3.66 -7.60
CA ALA A 140 20.60 3.39 -8.09
C ALA A 140 20.82 4.01 -9.46
N ASP A 141 19.76 4.11 -10.25
CA ASP A 141 19.81 4.81 -11.53
C ASP A 141 20.21 6.26 -11.30
N ALA A 142 19.75 6.82 -10.18
CA ALA A 142 20.09 8.18 -9.82
C ALA A 142 21.48 8.22 -9.20
N LEU A 143 21.80 7.14 -8.49
CA LEU A 143 23.10 6.97 -7.87
C LEU A 143 24.20 6.97 -8.93
N LYS A 144 24.00 6.21 -10.00
CA LYS A 144 24.95 6.16 -11.10
C LYS A 144 25.02 7.50 -11.79
N ALA A 145 23.86 8.11 -11.99
CA ALA A 145 23.78 9.38 -12.67
C ALA A 145 24.46 10.49 -11.87
N MET A 146 24.34 10.43 -10.54
CA MET A 146 24.96 11.42 -9.67
C MET A 146 26.45 11.12 -9.48
N LYS A 147 26.84 9.90 -9.78
CA LYS A 147 28.24 9.53 -9.72
C LYS A 147 28.93 9.89 -11.02
N GLN A 148 28.29 9.52 -12.12
CA GLN A 148 28.85 9.73 -13.46
C GLN A 148 28.67 11.16 -13.94
N TYR A 149 27.43 11.57 -14.15
CA TYR A 149 27.16 12.83 -14.86
C TYR A 149 27.19 14.04 -13.93
N LYS A 150 26.81 13.86 -12.67
CA LYS A 150 26.78 14.97 -11.73
C LYS A 150 28.17 15.55 -11.50
N GLY A 151 28.37 16.79 -11.92
CA GLY A 151 29.62 17.45 -11.67
C GLY A 151 30.57 17.33 -12.83
N VAL A 152 30.04 16.94 -13.98
CA VAL A 152 30.85 16.79 -15.18
C VAL A 152 31.02 18.12 -15.92
N PRO A 153 32.26 18.58 -16.03
CA PRO A 153 32.64 19.59 -16.97
C PRO A 153 33.11 18.93 -18.26
N LEU A 154 33.09 19.65 -19.36
CA LEU A 154 33.45 19.06 -20.63
C LEU A 154 33.80 20.14 -21.63
N ASP A 155 35.07 20.53 -21.64
CA ASP A 155 35.62 21.47 -22.62
C ASP A 155 34.73 22.70 -22.79
N GLY A 156 34.90 23.65 -21.89
CA GLY A 156 34.11 24.88 -21.93
C GLY A 156 32.63 24.64 -21.64
N ARG A 157 32.23 23.39 -21.48
CA ARG A 157 30.83 23.09 -21.17
C ARG A 157 30.69 22.24 -19.92
N PRO A 158 30.31 22.87 -18.81
CA PRO A 158 29.88 22.17 -17.59
C PRO A 158 28.40 21.80 -17.67
N MET A 159 27.95 20.85 -16.86
CA MET A 159 26.52 20.57 -16.79
C MET A 159 26.07 20.60 -15.36
N ASP A 160 24.80 20.92 -15.15
CA ASP A 160 24.24 20.92 -13.82
C ASP A 160 23.30 19.74 -13.68
N ILE A 161 23.76 18.72 -13.00
CA ILE A 161 23.04 17.47 -12.93
C ILE A 161 22.96 16.98 -11.48
N GLN A 162 21.78 17.05 -10.90
CA GLN A 162 21.60 16.66 -9.52
C GLN A 162 20.45 15.68 -9.38
N LEU A 163 20.68 14.62 -8.62
CA LEU A 163 19.69 13.56 -8.49
C LEU A 163 19.38 13.29 -7.03
N VAL A 164 18.13 13.48 -6.68
CA VAL A 164 17.68 13.30 -5.31
C VAL A 164 16.57 12.26 -5.24
N ALA A 165 16.75 11.27 -4.38
CA ALA A 165 15.78 10.18 -4.27
C ALA A 165 14.74 10.45 -3.19
N SER A 166 15.05 11.35 -2.27
CA SER A 166 14.13 11.66 -1.19
C SER A 166 13.43 12.99 -1.44
N GLN A 167 14.18 13.98 -1.87
CA GLN A 167 13.64 15.31 -2.10
C GLN A 167 13.08 15.44 -3.51
N ILE A 168 12.26 14.48 -3.87
CA ILE A 168 11.68 14.39 -5.21
C ILE A 168 10.51 15.36 -5.41
N ASP A 169 10.68 16.58 -4.90
CA ASP A 169 9.62 17.58 -4.86
C ASP A 169 10.13 18.82 -4.16
N LEU A 170 11.03 18.59 -3.22
CA LEU A 170 11.61 19.66 -2.41
C LEU A 170 12.87 20.22 -3.08
N GLU A 171 13.90 19.38 -3.18
CA GLU A 171 15.15 19.74 -3.85
C GLU A 171 15.91 20.83 -3.09
N HIS A 172 15.46 21.15 -1.89
CA HIS A 172 16.11 22.15 -1.05
C HIS A 172 15.52 22.12 0.35
N MET A 15 -103.03 -61.15 -37.53
CA MET A 15 -102.69 -60.01 -36.69
C MET A 15 -103.52 -58.78 -37.11
N ALA A 16 -104.03 -58.84 -38.34
CA ALA A 16 -104.81 -57.74 -38.92
C ALA A 16 -104.03 -56.44 -38.88
N ASP A 17 -102.74 -56.52 -39.20
CA ASP A 17 -101.86 -55.36 -39.17
C ASP A 17 -100.96 -55.36 -40.39
N LYS A 18 -100.02 -56.30 -40.40
CA LYS A 18 -99.02 -56.43 -41.47
C LYS A 18 -98.37 -55.08 -41.78
N MET A 19 -97.98 -54.36 -40.74
CA MET A 19 -97.31 -53.08 -40.90
C MET A 19 -96.26 -52.89 -39.82
N ASP A 20 -96.66 -53.06 -38.57
CA ASP A 20 -95.75 -52.96 -37.44
C ASP A 20 -95.18 -54.34 -37.14
N MET A 21 -96.06 -55.34 -37.21
CA MET A 21 -95.68 -56.75 -36.98
C MET A 21 -95.29 -56.98 -35.53
N SER A 22 -94.07 -56.61 -35.18
CA SER A 22 -93.59 -56.74 -33.81
C SER A 22 -94.09 -55.58 -32.95
N LEU A 23 -95.41 -55.41 -32.95
CA LEU A 23 -96.06 -54.31 -32.24
C LEU A 23 -95.60 -54.22 -30.80
N ASP A 24 -95.71 -55.33 -30.07
CA ASP A 24 -95.35 -55.35 -28.66
C ASP A 24 -93.90 -54.98 -28.47
N ASP A 25 -93.03 -55.54 -29.30
CA ASP A 25 -91.60 -55.27 -29.25
C ASP A 25 -91.33 -53.78 -29.41
N ILE A 26 -91.95 -53.19 -30.41
CA ILE A 26 -91.82 -51.76 -30.66
C ILE A 26 -92.36 -50.96 -29.49
N ILE A 27 -93.57 -51.32 -29.05
CA ILE A 27 -94.20 -50.69 -27.89
C ILE A 27 -93.25 -50.69 -26.68
N LYS A 28 -92.66 -51.85 -26.40
CA LYS A 28 -91.70 -51.98 -25.32
C LYS A 28 -90.59 -50.94 -25.44
N LEU A 29 -89.96 -50.90 -26.61
CA LEU A 29 -88.90 -49.95 -26.88
C LEU A 29 -89.44 -48.52 -26.82
N ASN A 30 -90.67 -48.35 -27.28
CA ASN A 30 -91.32 -47.04 -27.29
C ASN A 30 -91.45 -46.50 -25.87
N ARG A 31 -91.82 -47.39 -24.95
CA ARG A 31 -91.98 -47.03 -23.55
C ARG A 31 -90.64 -46.62 -22.96
N ASN A 32 -89.58 -47.33 -23.35
CA ASN A 32 -88.25 -47.02 -22.86
C ASN A 32 -87.72 -45.73 -23.47
N GLN A 33 -88.08 -45.50 -24.71
CA GLN A 33 -87.66 -44.28 -25.41
C GLN A 33 -88.51 -43.10 -24.97
N ARG A 34 -89.61 -42.85 -25.70
CA ARG A 34 -90.47 -41.70 -25.47
C ARG A 34 -89.70 -40.40 -25.66
N ARG A 35 -89.02 -39.93 -24.62
CA ARG A 35 -88.20 -38.74 -24.72
C ARG A 35 -86.84 -38.99 -24.08
N VAL A 36 -86.66 -40.20 -23.56
CA VAL A 36 -85.43 -40.61 -22.86
C VAL A 36 -85.10 -39.65 -21.72
N ASN A 37 -84.24 -38.67 -22.00
CA ASN A 37 -83.82 -37.68 -21.01
C ASN A 37 -83.17 -38.35 -19.80
N ARG A 38 -82.04 -38.97 -20.04
CA ARG A 38 -81.24 -39.57 -18.98
C ARG A 38 -80.22 -38.54 -18.47
N GLY A 39 -80.36 -37.31 -18.95
CA GLY A 39 -79.44 -36.25 -18.58
C GLY A 39 -78.22 -36.24 -19.47
N GLY A 40 -77.52 -37.36 -19.48
CA GLY A 40 -76.33 -37.50 -20.29
C GLY A 40 -75.58 -38.76 -19.92
N GLY A 41 -74.28 -38.74 -20.12
CA GLY A 41 -73.45 -39.82 -19.66
C GLY A 41 -72.12 -39.33 -19.13
N PRO A 42 -72.13 -38.39 -18.16
CA PRO A 42 -70.92 -37.76 -17.66
C PRO A 42 -70.35 -38.49 -16.45
N ARG A 43 -69.08 -38.22 -16.17
CA ARG A 43 -68.40 -38.75 -15.00
C ARG A 43 -67.09 -38.00 -14.80
N ARG A 44 -67.10 -37.07 -13.85
CA ARG A 44 -65.94 -36.22 -13.58
C ARG A 44 -64.73 -37.06 -13.20
N ASN A 45 -63.62 -36.83 -13.89
CA ASN A 45 -62.38 -37.52 -13.58
C ASN A 45 -61.71 -36.85 -12.40
N ARG A 46 -61.69 -37.55 -11.26
CA ARG A 46 -61.15 -37.04 -10.01
C ARG A 46 -62.04 -35.92 -9.45
N PRO A 47 -61.96 -35.66 -8.13
CA PRO A 47 -62.73 -34.60 -7.48
C PRO A 47 -62.31 -33.21 -7.96
N ALA A 48 -61.13 -33.14 -8.58
CA ALA A 48 -60.59 -31.89 -9.13
C ALA A 48 -60.22 -30.91 -8.01
N ILE A 49 -58.96 -30.95 -7.62
CA ILE A 49 -58.43 -30.09 -6.57
C ILE A 49 -57.02 -29.67 -6.92
N ALA A 50 -56.93 -28.68 -7.76
CA ALA A 50 -55.66 -28.17 -8.23
C ALA A 50 -55.79 -26.71 -8.66
N ARG A 51 -55.58 -26.45 -9.96
CA ARG A 51 -55.68 -25.10 -10.51
C ARG A 51 -54.70 -24.14 -9.82
N GLY A 52 -53.53 -24.64 -9.50
CA GLY A 52 -52.51 -23.83 -8.86
C GLY A 52 -51.13 -24.16 -9.36
N GLY A 53 -50.12 -23.85 -8.57
CA GLY A 53 -48.76 -24.13 -8.96
C GLY A 53 -47.92 -22.88 -9.06
N ARG A 54 -48.49 -21.85 -9.66
CA ARG A 54 -47.79 -20.58 -9.79
C ARG A 54 -48.44 -19.54 -8.89
N ASN A 55 -47.73 -18.45 -8.65
CA ASN A 55 -48.18 -17.41 -7.75
C ASN A 55 -48.33 -16.09 -8.50
N ARG A 56 -48.82 -15.06 -7.83
CA ARG A 56 -48.99 -13.76 -8.45
C ARG A 56 -47.83 -12.82 -8.07
N PRO A 57 -47.54 -12.63 -6.76
CA PRO A 57 -46.34 -11.90 -6.33
C PRO A 57 -45.07 -12.64 -6.75
N ALA A 58 -45.21 -13.94 -6.92
CA ALA A 58 -44.11 -14.78 -7.40
C ALA A 58 -44.35 -15.20 -8.84
N PRO A 59 -43.72 -14.50 -9.79
CA PRO A 59 -43.90 -14.71 -11.23
C PRO A 59 -43.83 -16.18 -11.63
N TYR A 60 -42.68 -16.78 -11.42
CA TYR A 60 -42.46 -18.18 -11.76
C TYR A 60 -42.63 -19.05 -10.53
N SER A 61 -41.93 -20.18 -10.50
CA SER A 61 -41.88 -21.02 -9.32
C SER A 61 -41.07 -20.32 -8.22
N ARG A 62 -40.18 -19.44 -8.65
CA ARG A 62 -39.39 -18.62 -7.76
C ARG A 62 -38.97 -17.33 -8.45
N PRO A 63 -39.30 -16.17 -7.86
CA PRO A 63 -38.88 -14.86 -8.39
C PRO A 63 -37.36 -14.69 -8.32
N LYS A 64 -36.85 -13.71 -9.05
CA LYS A 64 -35.42 -13.39 -9.02
C LYS A 64 -35.21 -11.95 -8.58
N PRO A 65 -34.53 -11.76 -7.43
CA PRO A 65 -34.22 -10.42 -6.93
C PRO A 65 -33.23 -9.70 -7.86
N LEU A 66 -32.33 -10.48 -8.46
CA LEU A 66 -31.36 -9.98 -9.42
C LEU A 66 -30.51 -8.86 -8.84
N PRO A 67 -29.45 -9.22 -8.11
CA PRO A 67 -28.52 -8.25 -7.51
C PRO A 67 -27.86 -7.38 -8.59
N ASP A 68 -26.73 -7.87 -9.12
CA ASP A 68 -26.05 -7.22 -10.23
C ASP A 68 -25.84 -5.73 -9.96
N LYS A 69 -25.14 -5.44 -8.88
CA LYS A 69 -24.90 -4.06 -8.47
C LYS A 69 -23.52 -3.61 -8.91
N TRP A 70 -23.47 -2.92 -10.03
CA TRP A 70 -22.20 -2.45 -10.57
C TRP A 70 -22.04 -0.95 -10.28
N GLN A 71 -21.00 -0.62 -9.56
CA GLN A 71 -20.67 0.76 -9.23
C GLN A 71 -19.23 0.86 -8.77
N HIS A 72 -18.89 0.08 -7.76
CA HIS A 72 -17.55 0.02 -7.20
C HIS A 72 -17.10 1.40 -6.70
N ASP A 73 -18.03 2.11 -6.05
CA ASP A 73 -17.76 3.42 -5.48
C ASP A 73 -17.35 4.44 -6.54
N LEU A 74 -17.70 4.13 -7.80
CA LEU A 74 -17.38 4.98 -8.94
C LEU A 74 -15.87 5.09 -9.15
N PHE A 75 -15.23 5.99 -8.43
CA PHE A 75 -13.78 6.14 -8.49
C PHE A 75 -13.13 5.28 -7.42
N ASP A 76 -13.97 4.71 -6.56
CA ASP A 76 -13.56 3.84 -5.45
C ASP A 76 -12.97 4.66 -4.32
N SER A 77 -12.82 4.02 -3.17
CA SER A 77 -12.30 4.66 -1.99
C SER A 77 -10.81 4.37 -1.85
N GLY A 78 -10.33 3.40 -2.62
CA GLY A 78 -8.93 3.05 -2.60
C GLY A 78 -8.53 2.30 -3.86
N CYS A 79 -8.49 3.01 -4.98
CA CYS A 79 -8.15 2.41 -6.26
C CYS A 79 -6.76 2.83 -6.72
N GLY A 80 -6.06 3.58 -5.87
CA GLY A 80 -4.73 4.00 -6.22
C GLY A 80 -4.30 5.25 -5.47
N GLY A 81 -4.25 6.36 -6.18
CA GLY A 81 -3.82 7.61 -5.58
C GLY A 81 -2.31 7.76 -5.66
N GLY A 82 -1.76 8.62 -4.81
CA GLY A 82 -0.31 8.80 -4.78
C GLY A 82 0.39 7.60 -4.17
N GLU A 83 1.47 7.18 -4.81
CA GLU A 83 2.20 6.01 -4.39
C GLU A 83 3.66 6.36 -4.15
N GLY A 84 4.54 5.40 -4.40
CA GLY A 84 5.97 5.66 -4.36
C GLY A 84 6.59 5.49 -5.72
N VAL A 85 5.80 5.79 -6.75
CA VAL A 85 6.27 5.67 -8.12
C VAL A 85 6.71 7.02 -8.65
N GLU A 86 6.02 8.04 -8.18
CA GLU A 86 6.32 9.42 -8.54
C GLU A 86 7.50 9.92 -7.72
N THR A 87 7.68 9.30 -6.56
CA THR A 87 8.78 9.64 -5.67
C THR A 87 9.91 8.62 -5.77
N GLY A 88 10.14 8.14 -6.99
CA GLY A 88 11.20 7.19 -7.22
C GLY A 88 12.57 7.81 -7.13
N ALA A 89 13.04 8.37 -8.24
CA ALA A 89 14.31 9.06 -8.27
C ALA A 89 14.18 10.35 -9.06
N LYS A 90 14.45 11.49 -8.42
CA LYS A 90 14.26 12.78 -9.06
C LYS A 90 15.59 13.37 -9.54
N LEU A 91 15.66 13.60 -10.84
CA LEU A 91 16.83 14.18 -11.47
C LEU A 91 16.53 15.60 -11.95
N LEU A 92 17.36 16.54 -11.55
CA LEU A 92 17.26 17.91 -12.06
C LEU A 92 18.48 18.26 -12.90
N VAL A 93 18.28 18.34 -14.22
CA VAL A 93 19.34 18.77 -15.12
C VAL A 93 19.13 20.21 -15.54
N SER A 94 20.12 21.06 -15.30
CA SER A 94 20.07 22.44 -15.77
C SER A 94 21.44 22.93 -16.18
N ASN A 95 21.47 24.09 -16.86
CA ASN A 95 22.73 24.78 -17.23
C ASN A 95 23.35 24.15 -18.46
N LEU A 96 22.56 24.01 -19.52
CA LEU A 96 23.07 23.49 -20.78
C LEU A 96 22.96 24.55 -21.87
N ASP A 97 23.91 24.56 -22.79
CA ASP A 97 23.89 25.51 -23.89
C ASP A 97 23.47 24.80 -25.18
N PHE A 98 23.24 23.50 -25.07
CA PHE A 98 22.87 22.69 -26.21
C PHE A 98 21.42 22.93 -26.63
N GLY A 99 20.66 23.59 -25.75
CA GLY A 99 19.26 23.87 -26.03
C GLY A 99 18.45 22.59 -26.14
N VAL A 100 18.76 21.63 -25.28
CA VAL A 100 18.09 20.35 -25.30
C VAL A 100 16.62 20.49 -24.87
N SER A 101 15.74 20.03 -25.73
CA SER A 101 14.30 20.12 -25.47
C SER A 101 13.81 18.90 -24.69
N ASP A 102 12.49 18.77 -24.59
CA ASP A 102 11.86 17.67 -23.86
C ASP A 102 12.25 16.32 -24.45
N ALA A 103 12.05 16.17 -25.75
CA ALA A 103 12.38 14.94 -26.44
C ALA A 103 13.87 14.69 -26.41
N ASP A 104 14.65 15.76 -26.34
CA ASP A 104 16.11 15.65 -26.32
C ASP A 104 16.57 15.03 -25.01
N ILE A 105 16.29 15.72 -23.91
CA ILE A 105 16.62 15.23 -22.57
C ILE A 105 16.09 13.82 -22.35
N GLN A 106 14.86 13.58 -22.79
CA GLN A 106 14.24 12.27 -22.60
C GLN A 106 14.97 11.21 -23.41
N GLU A 107 15.25 11.51 -24.68
CA GLU A 107 16.00 10.60 -25.54
C GLU A 107 17.37 10.31 -24.96
N LEU A 108 17.97 11.32 -24.33
CA LEU A 108 19.29 11.18 -23.72
C LEU A 108 19.23 10.22 -22.54
N PHE A 109 18.46 10.58 -21.54
CA PHE A 109 18.31 9.74 -20.36
C PHE A 109 17.67 8.38 -20.68
N ALA A 110 16.97 8.27 -21.80
CA ALA A 110 16.52 6.97 -22.29
C ALA A 110 17.71 6.15 -22.82
N GLU A 111 18.57 6.85 -23.53
CA GLU A 111 19.86 6.30 -23.91
C GLU A 111 20.63 5.87 -22.66
N PHE A 112 20.47 6.65 -21.60
CA PHE A 112 21.06 6.35 -20.29
C PHE A 112 20.31 5.22 -19.56
N GLY A 113 19.23 4.73 -20.15
CA GLY A 113 18.45 3.69 -19.50
C GLY A 113 16.94 3.92 -19.56
N THR A 114 16.20 3.05 -18.91
CA THR A 114 14.74 3.12 -18.92
C THR A 114 14.24 4.30 -18.08
N LEU A 115 13.49 5.19 -18.71
CA LEU A 115 13.00 6.39 -18.05
C LEU A 115 11.53 6.21 -17.66
N LYS A 116 11.21 6.59 -16.43
CA LYS A 116 9.81 6.63 -16.01
C LYS A 116 9.14 7.87 -16.57
N LYS A 117 9.64 9.04 -16.19
CA LYS A 117 9.16 10.29 -16.77
C LYS A 117 10.31 11.28 -16.90
N ALA A 118 10.20 12.17 -17.86
CA ALA A 118 11.18 13.23 -18.03
C ALA A 118 10.54 14.43 -18.72
N ALA A 119 10.27 15.46 -17.95
CA ALA A 119 9.70 16.70 -18.48
C ALA A 119 10.70 17.82 -18.32
N VAL A 120 10.72 18.77 -19.22
CA VAL A 120 11.73 19.82 -19.19
C VAL A 120 11.22 21.11 -18.58
N ASP A 121 12.16 21.99 -18.30
CA ASP A 121 11.91 23.25 -17.64
C ASP A 121 12.69 24.34 -18.36
N TYR A 122 12.30 25.58 -18.17
CA TYR A 122 12.89 26.67 -18.92
C TYR A 122 13.30 27.80 -18.00
N ASP A 123 13.99 28.79 -18.55
CA ASP A 123 14.41 29.95 -17.78
C ASP A 123 13.50 31.13 -18.11
N ARG A 124 13.41 32.09 -17.19
CA ARG A 124 12.52 33.25 -17.34
C ARG A 124 12.66 33.95 -18.69
N SER A 125 13.84 33.89 -19.31
CA SER A 125 14.06 34.55 -20.59
C SER A 125 13.47 33.74 -21.75
N GLY A 126 12.71 32.71 -21.42
CA GLY A 126 12.05 31.91 -22.43
C GLY A 126 13.04 31.13 -23.29
N ARG A 127 14.15 30.77 -22.69
CA ARG A 127 15.20 30.08 -23.42
C ARG A 127 15.29 28.61 -23.01
N SER A 128 15.67 27.76 -23.94
CA SER A 128 15.85 26.35 -23.67
C SER A 128 17.23 26.13 -23.05
N LEU A 129 17.33 26.48 -21.79
CA LEU A 129 18.62 26.50 -21.09
C LEU A 129 19.04 25.09 -20.64
N GLY A 130 18.42 24.07 -21.23
CA GLY A 130 18.79 22.71 -20.94
C GLY A 130 18.42 22.31 -19.52
N THR A 131 17.15 22.39 -19.20
CA THR A 131 16.69 22.02 -17.88
C THR A 131 15.52 21.06 -17.96
N ALA A 132 15.50 20.07 -17.07
CA ALA A 132 14.44 19.09 -17.02
C ALA A 132 14.36 18.41 -15.66
N ASP A 133 13.26 17.74 -15.42
CA ASP A 133 13.06 16.90 -14.24
C ASP A 133 12.71 15.50 -14.71
N VAL A 134 13.66 14.59 -14.62
CA VAL A 134 13.42 13.24 -15.03
C VAL A 134 13.35 12.33 -13.81
N HIS A 135 12.57 11.28 -13.90
CA HIS A 135 12.34 10.39 -12.79
C HIS A 135 12.58 8.95 -13.18
N PHE A 136 13.48 8.29 -12.46
CA PHE A 136 13.66 6.86 -12.64
C PHE A 136 13.03 6.11 -11.48
N GLU A 137 12.73 4.83 -11.68
CA GLU A 137 12.17 4.01 -10.61
C GLU A 137 13.27 3.52 -9.67
N ARG A 138 14.50 3.57 -10.14
CA ARG A 138 15.63 3.00 -9.42
C ARG A 138 16.46 4.08 -8.75
N ARG A 139 16.83 3.84 -7.49
CA ARG A 139 17.68 4.75 -6.75
C ARG A 139 19.11 4.71 -7.25
N ALA A 140 19.59 3.51 -7.61
CA ALA A 140 20.95 3.35 -8.09
C ALA A 140 21.13 4.08 -9.42
N ASP A 141 20.05 4.20 -10.17
CA ASP A 141 20.05 4.95 -11.41
C ASP A 141 20.42 6.42 -11.14
N ALA A 142 19.97 6.92 -9.99
CA ALA A 142 20.28 8.28 -9.58
C ALA A 142 21.69 8.34 -9.00
N LEU A 143 22.02 7.33 -8.21
CA LEU A 143 23.35 7.21 -7.62
C LEU A 143 24.41 7.23 -8.71
N LYS A 144 24.21 6.43 -9.74
CA LYS A 144 25.13 6.35 -10.86
C LYS A 144 25.14 7.68 -11.64
N ALA A 145 23.96 8.27 -11.80
CA ALA A 145 23.85 9.52 -12.54
C ALA A 145 24.63 10.64 -11.86
N MET A 146 24.56 10.70 -10.54
CA MET A 146 25.22 11.76 -9.79
C MET A 146 26.70 11.48 -9.66
N LYS A 147 27.08 10.22 -9.82
CA LYS A 147 28.49 9.84 -9.80
C LYS A 147 29.12 10.03 -11.18
N GLN A 148 28.47 9.46 -12.18
CA GLN A 148 29.02 9.43 -13.53
C GLN A 148 28.79 10.72 -14.29
N TYR A 149 27.53 11.10 -14.48
CA TYR A 149 27.20 12.25 -15.32
C TYR A 149 27.63 13.54 -14.65
N LYS A 150 27.33 13.66 -13.37
CA LYS A 150 27.69 14.85 -12.62
C LYS A 150 29.21 14.95 -12.50
N GLY A 151 29.76 16.00 -13.09
CA GLY A 151 31.20 16.15 -13.15
C GLY A 151 31.69 16.27 -14.58
N VAL A 152 30.76 16.14 -15.53
CA VAL A 152 31.08 16.26 -16.94
C VAL A 152 30.80 17.67 -17.45
N PRO A 153 31.85 18.35 -17.95
CA PRO A 153 31.69 19.61 -18.66
C PRO A 153 30.95 19.40 -19.96
N LEU A 154 29.79 20.03 -20.08
CA LEU A 154 28.92 19.77 -21.20
C LEU A 154 28.59 21.07 -21.89
N ASP A 155 29.01 21.20 -23.15
CA ASP A 155 28.92 22.45 -23.87
C ASP A 155 29.50 23.60 -23.07
N GLY A 156 30.83 23.60 -22.93
CA GLY A 156 31.50 24.69 -22.27
C GLY A 156 31.74 24.46 -20.80
N ARG A 157 30.67 24.28 -20.05
CA ARG A 157 30.76 24.18 -18.59
C ARG A 157 30.18 22.86 -18.09
N PRO A 158 30.69 22.34 -16.96
CA PRO A 158 30.10 21.17 -16.33
C PRO A 158 28.64 21.43 -15.99
N MET A 159 27.76 20.55 -16.45
CA MET A 159 26.33 20.78 -16.34
C MET A 159 25.83 20.53 -14.93
N ASP A 160 24.58 20.89 -14.69
CA ASP A 160 23.99 20.72 -13.38
C ASP A 160 23.08 19.51 -13.34
N ILE A 161 23.50 18.51 -12.59
CA ILE A 161 22.77 17.26 -12.50
C ILE A 161 22.52 16.93 -11.05
N GLN A 162 21.31 17.17 -10.58
CA GLN A 162 20.98 16.96 -9.19
C GLN A 162 20.11 15.73 -9.04
N LEU A 163 20.58 14.78 -8.26
CA LEU A 163 19.86 13.53 -8.05
C LEU A 163 19.37 13.49 -6.61
N VAL A 164 18.08 13.73 -6.42
CA VAL A 164 17.55 13.85 -5.07
C VAL A 164 16.31 12.98 -4.87
N ALA A 165 16.15 12.50 -3.63
CA ALA A 165 14.96 11.78 -3.19
C ALA A 165 14.81 10.45 -3.94
N SER A 166 15.91 9.98 -4.50
CA SER A 166 15.97 8.70 -5.19
C SER A 166 15.84 7.55 -4.20
N GLN A 167 14.60 7.24 -3.82
CA GLN A 167 14.33 6.28 -2.76
C GLN A 167 14.95 6.77 -1.45
N ILE A 168 15.34 8.04 -1.45
CA ILE A 168 15.98 8.67 -0.32
C ILE A 168 14.92 9.12 0.68
N ASP A 169 14.22 8.14 1.23
CA ASP A 169 13.15 8.40 2.19
C ASP A 169 12.99 7.25 3.17
N LEU A 170 13.82 6.21 3.01
CA LEU A 170 13.70 5.01 3.82
C LEU A 170 14.76 4.97 4.89
N GLU A 171 15.99 5.31 4.49
CA GLU A 171 17.13 5.26 5.39
C GLU A 171 17.31 3.89 6.00
N HIS A 172 17.49 2.89 5.13
CA HIS A 172 17.66 1.52 5.58
C HIS A 172 18.71 0.82 4.73
N MET A 15 -33.32 -108.66 56.46
CA MET A 15 -33.26 -107.25 56.12
C MET A 15 -31.81 -106.87 55.80
N ALA A 16 -30.90 -107.33 56.64
CA ALA A 16 -29.46 -107.12 56.46
C ALA A 16 -29.11 -105.64 56.53
N ASP A 17 -29.95 -104.90 57.23
CA ASP A 17 -29.73 -103.47 57.43
C ASP A 17 -29.78 -103.14 58.92
N LYS A 18 -31.00 -103.08 59.45
CA LYS A 18 -31.22 -102.75 60.86
C LYS A 18 -30.51 -101.45 61.24
N MET A 19 -30.50 -100.51 60.32
CA MET A 19 -29.80 -99.24 60.52
C MET A 19 -30.62 -98.08 59.96
N ASP A 20 -31.26 -98.31 58.83
CA ASP A 20 -32.13 -97.30 58.22
C ASP A 20 -33.48 -97.32 58.91
N MET A 21 -33.80 -98.47 59.51
CA MET A 21 -35.01 -98.66 60.29
C MET A 21 -36.26 -98.64 59.41
N SER A 22 -36.76 -97.45 59.13
CA SER A 22 -37.99 -97.28 58.39
C SER A 22 -37.76 -97.41 56.88
N LEU A 23 -37.21 -98.55 56.48
CA LEU A 23 -36.83 -98.80 55.09
C LEU A 23 -37.96 -98.48 54.12
N ASP A 24 -39.12 -99.09 54.33
CA ASP A 24 -40.26 -98.92 53.43
C ASP A 24 -40.77 -97.48 53.46
N ASP A 25 -40.64 -96.82 54.60
CA ASP A 25 -41.08 -95.43 54.73
C ASP A 25 -40.13 -94.50 53.99
N ILE A 26 -38.84 -94.74 54.14
CA ILE A 26 -37.84 -93.99 53.40
C ILE A 26 -38.05 -94.17 51.92
N ILE A 27 -38.26 -95.41 51.52
CA ILE A 27 -38.56 -95.75 50.13
C ILE A 27 -39.63 -94.82 49.57
N LYS A 28 -40.78 -94.77 50.23
CA LYS A 28 -41.88 -93.93 49.79
C LYS A 28 -41.49 -92.46 49.79
N LEU A 29 -40.98 -91.99 50.92
CA LEU A 29 -40.64 -90.58 51.09
C LEU A 29 -39.58 -90.14 50.10
N ASN A 30 -38.47 -90.87 50.05
CA ASN A 30 -37.33 -90.47 49.22
C ASN A 30 -37.65 -90.60 47.72
N ARG A 31 -38.47 -91.59 47.37
CA ARG A 31 -38.81 -91.80 45.96
C ARG A 31 -39.82 -90.77 45.48
N ASN A 32 -40.54 -90.17 46.42
CA ASN A 32 -41.47 -89.09 46.07
C ASN A 32 -40.85 -87.73 46.34
N GLN A 33 -39.65 -87.73 46.90
CA GLN A 33 -38.94 -86.50 47.21
C GLN A 33 -38.26 -85.94 45.98
N ARG A 34 -37.77 -86.85 45.12
CA ARG A 34 -37.08 -86.48 43.88
C ARG A 34 -35.84 -85.63 44.16
N ARG A 35 -35.31 -85.02 43.11
CA ARG A 35 -34.15 -84.15 43.24
C ARG A 35 -34.14 -83.10 42.11
N VAL A 36 -33.15 -83.17 41.24
CA VAL A 36 -33.04 -82.21 40.15
C VAL A 36 -33.14 -82.91 38.80
N ASN A 37 -34.34 -82.95 38.26
CA ASN A 37 -34.59 -83.51 36.94
C ASN A 37 -35.20 -82.43 36.05
N ARG A 38 -34.71 -81.21 36.24
CA ARG A 38 -35.22 -80.06 35.52
C ARG A 38 -34.07 -79.12 35.17
N GLY A 39 -34.39 -77.97 34.60
CA GLY A 39 -33.37 -77.00 34.26
C GLY A 39 -33.91 -75.59 34.24
N GLY A 40 -33.17 -74.70 33.61
CA GLY A 40 -33.59 -73.32 33.51
C GLY A 40 -32.65 -72.50 32.64
N GLY A 41 -33.19 -71.83 31.65
CA GLY A 41 -32.37 -71.05 30.75
C GLY A 41 -33.15 -69.94 30.10
N PRO A 42 -33.32 -68.79 30.78
CA PRO A 42 -34.05 -67.64 30.25
C PRO A 42 -33.24 -66.89 29.20
N ARG A 43 -33.64 -67.05 27.94
CA ARG A 43 -32.99 -66.40 26.78
C ARG A 43 -31.66 -67.08 26.44
N ARG A 44 -30.82 -67.26 27.45
CA ARG A 44 -29.50 -67.86 27.27
C ARG A 44 -28.67 -67.04 26.30
N ASN A 45 -28.54 -65.76 26.58
CA ASN A 45 -27.87 -64.84 25.69
C ASN A 45 -26.99 -63.87 26.48
N ARG A 46 -25.75 -63.71 26.03
CA ARG A 46 -24.82 -62.79 26.67
C ARG A 46 -24.46 -61.67 25.70
N PRO A 47 -25.07 -60.49 25.88
CA PRO A 47 -24.85 -59.34 25.01
C PRO A 47 -23.53 -58.64 25.33
N ALA A 48 -22.58 -58.73 24.41
CA ALA A 48 -21.28 -58.10 24.60
C ALA A 48 -21.02 -57.02 23.54
N ILE A 49 -22.04 -56.76 22.74
CA ILE A 49 -21.95 -55.72 21.72
C ILE A 49 -21.95 -54.33 22.36
N ALA A 50 -22.96 -54.07 23.20
CA ALA A 50 -23.09 -52.83 23.96
C ALA A 50 -23.37 -51.62 23.05
N ARG A 51 -22.39 -51.25 22.25
CA ARG A 51 -22.47 -50.04 21.45
C ARG A 51 -22.58 -50.38 19.97
N GLY A 52 -23.79 -50.29 19.44
CA GLY A 52 -23.99 -50.52 18.02
C GLY A 52 -23.65 -49.30 17.20
N GLY A 53 -22.38 -48.93 17.21
CA GLY A 53 -21.93 -47.77 16.48
C GLY A 53 -20.45 -47.86 16.16
N ARG A 54 -20.12 -48.74 15.23
CA ARG A 54 -18.73 -49.01 14.87
C ARG A 54 -18.30 -48.09 13.73
N ASN A 55 -19.27 -47.57 13.01
CA ASN A 55 -19.02 -46.69 11.89
C ASN A 55 -20.05 -45.57 11.86
N ARG A 56 -19.69 -44.46 12.47
CA ARG A 56 -20.58 -43.32 12.61
C ARG A 56 -19.79 -42.09 13.06
N PRO A 57 -18.95 -42.20 14.12
CA PRO A 57 -18.07 -41.10 14.55
C PRO A 57 -17.17 -40.63 13.41
N ALA A 58 -16.79 -41.56 12.55
CA ALA A 58 -15.98 -41.25 11.39
C ALA A 58 -16.76 -41.53 10.12
N PRO A 59 -17.02 -40.49 9.31
CA PRO A 59 -17.76 -40.60 8.05
C PRO A 59 -17.21 -41.69 7.13
N TYR A 60 -15.90 -41.71 6.96
CA TYR A 60 -15.24 -42.73 6.15
C TYR A 60 -13.86 -43.00 6.69
N SER A 61 -13.07 -41.94 6.80
CA SER A 61 -11.71 -42.04 7.31
C SER A 61 -11.56 -41.25 8.60
N ARG A 62 -11.60 -39.93 8.48
CA ARG A 62 -11.49 -39.05 9.62
C ARG A 62 -12.71 -38.14 9.72
N PRO A 63 -13.25 -37.95 10.92
CA PRO A 63 -14.34 -37.01 11.16
C PRO A 63 -13.89 -35.58 10.90
N LYS A 64 -14.45 -34.97 9.87
CA LYS A 64 -14.05 -33.62 9.48
C LYS A 64 -14.66 -32.58 10.42
N PRO A 65 -13.81 -31.86 11.15
CA PRO A 65 -14.25 -30.82 12.07
C PRO A 65 -14.65 -29.55 11.34
N LEU A 66 -14.04 -29.36 10.16
CA LEU A 66 -14.26 -28.19 9.32
C LEU A 66 -13.74 -26.92 9.98
N PRO A 67 -12.73 -26.29 9.37
CA PRO A 67 -12.08 -25.09 9.92
C PRO A 67 -12.85 -23.82 9.53
N ASP A 68 -12.13 -22.76 9.17
CA ASP A 68 -12.75 -21.50 8.82
C ASP A 68 -12.74 -21.31 7.30
N LYS A 69 -12.23 -20.18 6.86
CA LYS A 69 -12.19 -19.86 5.45
C LYS A 69 -10.90 -20.37 4.83
N TRP A 70 -10.94 -20.66 3.54
CA TRP A 70 -9.76 -21.08 2.82
C TRP A 70 -9.17 -19.90 2.06
N GLN A 71 -8.17 -19.28 2.68
CA GLN A 71 -7.59 -18.04 2.18
C GLN A 71 -6.84 -18.26 0.87
N HIS A 72 -6.73 -17.19 0.10
CA HIS A 72 -6.00 -17.22 -1.16
C HIS A 72 -5.13 -15.98 -1.28
N ASP A 73 -5.21 -15.31 -2.42
CA ASP A 73 -4.41 -14.12 -2.69
C ASP A 73 -4.82 -12.99 -1.75
N LEU A 74 -6.13 -12.70 -1.72
CA LEU A 74 -6.70 -11.70 -0.82
C LEU A 74 -6.12 -10.32 -1.10
N PHE A 75 -5.21 -9.87 -0.23
CA PHE A 75 -4.64 -8.53 -0.33
C PHE A 75 -3.31 -8.57 -1.07
N ASP A 76 -3.08 -9.68 -1.78
CA ASP A 76 -1.86 -9.89 -2.53
C ASP A 76 -0.66 -10.01 -1.60
N SER A 77 0.54 -9.97 -2.14
CA SER A 77 1.75 -9.99 -1.33
C SER A 77 1.87 -8.68 -0.56
N GLY A 78 1.66 -7.57 -1.26
CA GLY A 78 1.67 -6.28 -0.64
C GLY A 78 1.08 -5.22 -1.54
N CYS A 79 -0.17 -5.42 -1.93
CA CYS A 79 -0.83 -4.50 -2.84
C CYS A 79 -1.38 -3.29 -2.08
N GLY A 80 -1.67 -2.22 -2.80
CA GLY A 80 -2.19 -1.02 -2.19
C GLY A 80 -2.09 0.18 -3.11
N GLY A 81 -1.04 0.21 -3.91
CA GLY A 81 -0.85 1.31 -4.84
C GLY A 81 0.13 2.33 -4.32
N GLY A 82 1.38 2.19 -4.74
CA GLY A 82 2.41 3.11 -4.28
C GLY A 82 3.79 2.67 -4.74
N GLU A 83 3.91 2.44 -6.03
CA GLU A 83 5.17 1.98 -6.61
C GLU A 83 6.05 3.17 -7.00
N GLY A 84 7.06 2.90 -7.82
CA GLY A 84 8.00 3.94 -8.21
C GLY A 84 7.56 4.66 -9.46
N VAL A 85 6.45 5.37 -9.38
CA VAL A 85 5.97 6.16 -10.49
C VAL A 85 6.40 7.62 -10.33
N GLU A 86 5.79 8.29 -9.38
CA GLU A 86 6.09 9.68 -9.10
C GLU A 86 7.19 9.78 -8.05
N THR A 87 7.18 8.84 -7.13
CA THR A 87 8.24 8.72 -6.15
C THR A 87 9.30 7.74 -6.64
N GLY A 88 10.51 7.88 -6.13
CA GLY A 88 11.60 7.04 -6.57
C GLY A 88 12.88 7.83 -6.68
N ALA A 89 13.22 8.23 -7.89
CA ALA A 89 14.39 9.05 -8.13
C ALA A 89 14.03 10.28 -8.95
N LYS A 90 14.26 11.46 -8.37
CA LYS A 90 14.00 12.71 -9.07
C LYS A 90 15.30 13.31 -9.55
N LEU A 91 15.42 13.34 -10.86
CA LEU A 91 16.61 13.82 -11.52
C LEU A 91 16.35 15.18 -12.14
N LEU A 92 17.10 16.17 -11.72
CA LEU A 92 16.98 17.51 -12.28
C LEU A 92 18.16 17.75 -13.21
N VAL A 93 18.02 18.69 -14.14
CA VAL A 93 19.06 18.89 -15.14
C VAL A 93 19.12 20.36 -15.51
N SER A 94 20.25 20.78 -16.09
CA SER A 94 20.46 22.15 -16.52
C SER A 94 21.51 22.16 -17.62
N ASN A 95 21.07 22.35 -18.85
CA ASN A 95 21.97 22.38 -19.99
C ASN A 95 22.46 23.82 -20.24
N LEU A 96 21.54 24.76 -20.07
CA LEU A 96 21.85 26.20 -20.09
C LEU A 96 22.10 26.73 -21.50
N ASP A 97 23.28 26.51 -22.03
CA ASP A 97 23.71 27.18 -23.25
C ASP A 97 22.99 26.68 -24.50
N PHE A 98 22.90 25.37 -24.65
CA PHE A 98 22.34 24.78 -25.86
C PHE A 98 20.82 24.79 -25.82
N GLY A 99 20.26 24.30 -24.71
CA GLY A 99 18.82 24.23 -24.57
C GLY A 99 18.26 22.88 -24.97
N VAL A 100 17.95 22.06 -23.98
CA VAL A 100 17.41 20.73 -24.23
C VAL A 100 15.88 20.75 -24.19
N SER A 101 15.26 20.29 -25.27
CA SER A 101 13.81 20.17 -25.32
C SER A 101 13.33 19.02 -24.43
N ASP A 102 12.01 18.93 -24.28
CA ASP A 102 11.38 17.90 -23.44
C ASP A 102 11.91 16.51 -23.77
N ALA A 103 12.00 16.21 -25.06
CA ALA A 103 12.45 14.90 -25.51
C ALA A 103 13.96 14.85 -25.72
N ASP A 104 14.64 15.99 -25.57
CA ASP A 104 16.08 16.05 -25.77
C ASP A 104 16.80 15.28 -24.66
N ILE A 105 16.69 15.80 -23.44
CA ILE A 105 17.26 15.13 -22.28
C ILE A 105 16.59 13.78 -22.05
N GLN A 106 15.36 13.65 -22.52
CA GLN A 106 14.63 12.40 -22.40
C GLN A 106 15.32 11.28 -23.17
N GLU A 107 15.53 11.51 -24.46
CA GLU A 107 16.20 10.52 -25.30
C GLU A 107 17.65 10.29 -24.83
N LEU A 108 18.24 11.32 -24.25
CA LEU A 108 19.60 11.24 -23.73
C LEU A 108 19.66 10.31 -22.52
N PHE A 109 18.99 10.71 -21.44
CA PHE A 109 18.89 9.90 -20.23
C PHE A 109 18.35 8.49 -20.51
N ALA A 110 17.59 8.33 -21.59
CA ALA A 110 17.14 7.00 -22.01
C ALA A 110 18.34 6.20 -22.53
N GLU A 111 19.12 6.84 -23.38
CA GLU A 111 20.41 6.30 -23.80
C GLU A 111 21.27 6.00 -22.57
N PHE A 112 21.18 6.90 -21.60
CA PHE A 112 21.83 6.76 -20.30
C PHE A 112 21.25 5.62 -19.44
N GLY A 113 20.24 4.93 -19.97
CA GLY A 113 19.64 3.85 -19.22
C GLY A 113 18.13 3.88 -19.15
N THR A 114 17.60 4.37 -18.04
CA THR A 114 16.18 4.24 -17.74
C THR A 114 15.53 5.59 -17.49
N LEU A 115 14.69 6.04 -18.42
CA LEU A 115 13.96 7.28 -18.22
C LEU A 115 12.46 7.06 -18.24
N LYS A 116 11.96 6.57 -17.11
CA LYS A 116 10.53 6.39 -16.89
C LYS A 116 9.76 7.65 -17.27
N LYS A 117 10.06 8.76 -16.61
CA LYS A 117 9.44 10.04 -16.93
C LYS A 117 10.49 11.13 -17.03
N ALA A 118 10.28 12.08 -17.94
CA ALA A 118 11.17 13.23 -18.03
C ALA A 118 10.46 14.43 -18.66
N ALA A 119 10.58 15.58 -18.01
CA ALA A 119 9.99 16.81 -18.52
C ALA A 119 10.94 17.98 -18.28
N VAL A 120 11.04 18.88 -19.24
CA VAL A 120 11.92 20.03 -19.11
C VAL A 120 11.12 21.30 -18.83
N ASP A 121 11.61 22.05 -17.87
CA ASP A 121 10.98 23.30 -17.47
C ASP A 121 12.00 24.43 -17.49
N TYR A 122 11.93 25.27 -18.53
CA TYR A 122 12.79 26.45 -18.66
C TYR A 122 12.48 27.49 -17.58
N ASP A 123 13.21 28.59 -17.61
CA ASP A 123 13.19 29.52 -16.50
C ASP A 123 11.99 30.44 -16.62
N ARG A 124 11.63 31.11 -15.53
CA ARG A 124 10.48 32.01 -15.52
C ARG A 124 10.58 33.05 -16.63
N SER A 125 11.79 33.51 -16.90
CA SER A 125 12.02 34.52 -17.92
C SER A 125 12.05 33.92 -19.33
N GLY A 126 12.02 32.59 -19.41
CA GLY A 126 12.16 31.90 -20.69
C GLY A 126 13.37 32.38 -21.44
N ARG A 127 14.53 32.23 -20.82
CA ARG A 127 15.75 32.87 -21.30
C ARG A 127 16.51 31.97 -22.26
N SER A 128 17.13 30.94 -21.71
CA SER A 128 18.01 30.05 -22.45
C SER A 128 18.63 29.09 -21.45
N LEU A 129 17.96 27.98 -21.24
CA LEU A 129 18.30 27.12 -20.14
C LEU A 129 18.15 25.65 -20.51
N GLY A 130 17.02 25.09 -20.13
CA GLY A 130 16.81 23.68 -20.32
C GLY A 130 16.97 22.92 -19.03
N THR A 131 16.31 23.43 -18.00
CA THR A 131 16.25 22.75 -16.73
C THR A 131 15.16 21.69 -16.82
N ALA A 132 15.24 20.64 -16.05
CA ALA A 132 14.24 19.59 -16.15
C ALA A 132 14.12 18.79 -14.87
N ASP A 133 13.04 18.03 -14.82
CA ASP A 133 12.76 17.10 -13.74
C ASP A 133 12.36 15.76 -14.35
N VAL A 134 13.23 14.78 -14.23
CA VAL A 134 12.99 13.46 -14.79
C VAL A 134 12.96 12.41 -13.67
N HIS A 135 12.17 11.36 -13.84
CA HIS A 135 11.96 10.40 -12.77
C HIS A 135 12.21 8.98 -13.23
N PHE A 136 13.00 8.23 -12.46
CA PHE A 136 13.09 6.79 -12.63
C PHE A 136 12.77 6.12 -11.30
N GLU A 137 12.33 4.87 -11.36
CA GLU A 137 11.91 4.16 -10.14
C GLU A 137 13.10 3.63 -9.35
N ARG A 138 14.27 3.59 -9.98
CA ARG A 138 15.45 3.05 -9.32
C ARG A 138 16.27 4.19 -8.72
N ARG A 139 16.50 4.14 -7.42
CA ARG A 139 17.27 5.17 -6.75
C ARG A 139 18.76 5.04 -7.09
N ALA A 140 19.20 3.80 -7.28
CA ALA A 140 20.58 3.52 -7.68
C ALA A 140 20.86 4.11 -9.07
N ASP A 141 19.85 4.15 -9.91
CA ASP A 141 19.95 4.79 -11.21
C ASP A 141 20.34 6.26 -11.06
N ALA A 142 19.87 6.88 -9.99
CA ALA A 142 20.18 8.28 -9.72
C ALA A 142 21.55 8.39 -9.07
N LEU A 143 21.90 7.36 -8.30
CA LEU A 143 23.21 7.27 -7.67
C LEU A 143 24.29 7.16 -8.75
N LYS A 144 24.07 6.25 -9.68
CA LYS A 144 24.99 6.09 -10.80
C LYS A 144 25.02 7.36 -11.64
N ALA A 145 23.89 8.02 -11.73
CA ALA A 145 23.78 9.27 -12.47
C ALA A 145 24.61 10.37 -11.79
N MET A 146 24.59 10.42 -10.46
CA MET A 146 25.36 11.40 -9.72
C MET A 146 26.86 11.13 -9.86
N LYS A 147 27.21 9.86 -10.07
CA LYS A 147 28.60 9.48 -10.21
C LYS A 147 29.07 9.66 -11.66
N GLN A 148 28.21 9.30 -12.59
CA GLN A 148 28.56 9.36 -14.01
C GLN A 148 28.20 10.71 -14.63
N TYR A 149 26.90 11.01 -14.68
CA TYR A 149 26.41 12.20 -15.38
C TYR A 149 26.93 13.48 -14.75
N LYS A 150 26.75 13.62 -13.45
CA LYS A 150 27.20 14.81 -12.76
C LYS A 150 28.72 14.88 -12.78
N GLY A 151 29.25 15.90 -13.44
CA GLY A 151 30.69 16.02 -13.60
C GLY A 151 31.11 15.87 -15.04
N VAL A 152 30.18 15.45 -15.88
CA VAL A 152 30.47 15.22 -17.30
C VAL A 152 30.30 16.50 -18.12
N PRO A 153 31.37 16.90 -18.83
CA PRO A 153 31.31 17.98 -19.81
C PRO A 153 30.51 17.55 -21.03
N LEU A 154 29.42 18.23 -21.29
CA LEU A 154 28.51 17.82 -22.34
C LEU A 154 28.65 18.78 -23.51
N ASP A 155 29.37 18.32 -24.53
CA ASP A 155 29.74 19.15 -25.66
C ASP A 155 30.38 20.46 -25.21
N GLY A 156 31.66 20.40 -24.92
CA GLY A 156 32.37 21.60 -24.55
C GLY A 156 32.43 21.81 -23.05
N ARG A 157 31.27 21.98 -22.42
CA ARG A 157 31.23 22.38 -21.02
C ARG A 157 30.41 21.40 -20.18
N PRO A 158 30.77 21.22 -18.91
CA PRO A 158 30.04 20.35 -17.99
C PRO A 158 28.59 20.80 -17.81
N MET A 159 27.69 19.84 -17.90
CA MET A 159 26.27 20.13 -17.74
C MET A 159 25.86 19.93 -16.29
N ASP A 160 24.73 20.52 -15.92
CA ASP A 160 24.29 20.44 -14.53
C ASP A 160 23.18 19.42 -14.37
N ILE A 161 23.28 18.65 -13.31
CA ILE A 161 22.28 17.65 -12.97
C ILE A 161 22.15 17.56 -11.46
N GLN A 162 20.92 17.49 -10.98
CA GLN A 162 20.66 17.34 -9.56
C GLN A 162 19.98 16.03 -9.32
N LEU A 163 20.71 15.12 -8.74
CA LEU A 163 20.27 13.76 -8.63
C LEU A 163 19.91 13.44 -7.18
N VAL A 164 18.61 13.44 -6.93
CA VAL A 164 18.09 13.24 -5.59
C VAL A 164 16.99 12.18 -5.63
N ALA A 165 17.14 11.14 -4.83
CA ALA A 165 16.21 10.04 -4.86
C ALA A 165 15.59 9.80 -3.49
N SER A 166 15.79 8.60 -2.94
CA SER A 166 15.17 8.21 -1.67
C SER A 166 13.64 8.25 -1.79
N GLN A 167 13.03 9.32 -1.27
CA GLN A 167 11.59 9.47 -1.36
C GLN A 167 11.22 10.73 -2.14
N ILE A 168 12.23 11.60 -2.31
CA ILE A 168 12.06 12.93 -2.93
C ILE A 168 10.73 13.58 -2.57
N ASP A 169 10.46 13.64 -1.28
CA ASP A 169 9.21 14.20 -0.79
C ASP A 169 9.46 15.49 -0.03
N LEU A 170 10.71 15.71 0.35
CA LEU A 170 11.06 16.90 1.10
C LEU A 170 11.42 18.05 0.17
N GLU A 171 12.66 18.03 -0.35
CA GLU A 171 13.18 19.12 -1.17
C GLU A 171 13.11 20.44 -0.41
N HIS A 172 12.30 21.36 -0.90
CA HIS A 172 12.13 22.65 -0.26
C HIS A 172 10.84 23.29 -0.74
N MET A 15 -62.70 -33.37 75.93
CA MET A 15 -61.99 -32.29 76.62
C MET A 15 -62.21 -30.96 75.89
N ALA A 16 -62.97 -31.03 74.81
CA ALA A 16 -63.33 -29.87 74.00
C ALA A 16 -62.09 -29.22 73.41
N ASP A 17 -61.25 -30.04 72.80
CA ASP A 17 -60.02 -29.56 72.20
C ASP A 17 -59.71 -30.34 70.92
N LYS A 18 -59.27 -31.58 71.09
CA LYS A 18 -58.96 -32.48 69.97
C LYS A 18 -57.86 -31.92 69.05
N MET A 19 -56.92 -31.15 69.61
CA MET A 19 -55.86 -30.58 68.80
C MET A 19 -54.57 -30.41 69.59
N ASP A 20 -54.64 -29.65 70.67
CA ASP A 20 -53.46 -29.34 71.46
C ASP A 20 -53.27 -30.35 72.56
N MET A 21 -54.35 -30.58 73.32
CA MET A 21 -54.33 -31.44 74.50
C MET A 21 -53.33 -30.90 75.53
N SER A 22 -52.09 -31.35 75.44
CA SER A 22 -51.05 -30.91 76.35
C SER A 22 -50.53 -29.53 75.96
N LEU A 23 -51.37 -28.53 76.16
CA LEU A 23 -51.04 -27.15 75.81
C LEU A 23 -49.85 -26.66 76.63
N ASP A 24 -49.76 -27.13 77.87
CA ASP A 24 -48.68 -26.74 78.76
C ASP A 24 -47.33 -27.20 78.21
N ASP A 25 -47.31 -28.40 77.65
CA ASP A 25 -46.10 -28.94 77.04
C ASP A 25 -45.78 -28.19 75.75
N ILE A 26 -46.81 -27.79 75.03
CA ILE A 26 -46.64 -26.99 73.83
C ILE A 26 -46.05 -25.64 74.18
N ILE A 27 -46.56 -25.03 75.23
CA ILE A 27 -46.01 -23.79 75.77
C ILE A 27 -44.50 -23.93 75.96
N LYS A 28 -44.09 -25.02 76.59
CA LYS A 28 -42.67 -25.33 76.75
C LYS A 28 -41.99 -25.47 75.39
N LEU A 29 -42.63 -26.22 74.50
CA LEU A 29 -42.12 -26.43 73.15
C LEU A 29 -42.01 -25.10 72.40
N ASN A 30 -42.86 -24.16 72.76
CA ASN A 30 -42.86 -22.84 72.14
C ASN A 30 -41.72 -21.99 72.67
N ARG A 31 -41.35 -22.24 73.92
CA ARG A 31 -40.26 -21.53 74.57
C ARG A 31 -38.93 -21.88 73.91
N ASN A 32 -38.76 -23.15 73.57
CA ASN A 32 -37.54 -23.60 72.91
C ASN A 32 -37.68 -23.49 71.40
N GLN A 33 -38.79 -22.91 70.94
CA GLN A 33 -39.05 -22.75 69.52
C GLN A 33 -38.44 -21.45 69.00
N ARG A 34 -38.24 -21.37 67.70
CA ARG A 34 -37.75 -20.16 67.07
C ARG A 34 -38.87 -19.11 67.02
N ARG A 35 -40.11 -19.60 66.89
CA ARG A 35 -41.30 -18.76 66.82
C ARG A 35 -41.31 -17.91 65.55
N VAL A 36 -40.53 -16.85 65.55
CA VAL A 36 -40.45 -15.92 64.44
C VAL A 36 -39.00 -15.56 64.16
N ASN A 37 -38.52 -15.90 62.97
CA ASN A 37 -37.15 -15.60 62.59
C ASN A 37 -37.10 -14.97 61.21
N ARG A 38 -37.27 -13.65 61.17
CA ARG A 38 -37.20 -12.91 59.93
C ARG A 38 -36.27 -11.71 60.10
N GLY A 39 -35.24 -11.67 59.29
CA GLY A 39 -34.29 -10.58 59.37
C GLY A 39 -34.67 -9.43 58.45
N GLY A 40 -34.05 -9.40 57.27
CA GLY A 40 -34.37 -8.38 56.30
C GLY A 40 -33.42 -7.19 56.40
N GLY A 41 -33.18 -6.73 57.62
CA GLY A 41 -32.32 -5.59 57.81
C GLY A 41 -33.11 -4.29 57.85
N PRO A 42 -33.08 -3.58 58.98
CA PRO A 42 -33.76 -2.28 59.12
C PRO A 42 -33.25 -1.27 58.11
N ARG A 43 -34.18 -0.62 57.42
CA ARG A 43 -33.89 0.38 56.39
C ARG A 43 -33.37 -0.27 55.11
N ARG A 44 -32.49 -1.27 55.27
CA ARG A 44 -31.87 -1.96 54.13
C ARG A 44 -31.12 -0.98 53.25
N ASN A 45 -30.42 -0.05 53.89
CA ASN A 45 -29.66 0.96 53.18
C ASN A 45 -28.35 0.38 52.66
N ARG A 46 -28.31 0.09 51.38
CA ARG A 46 -27.15 -0.50 50.75
C ARG A 46 -26.79 0.28 49.49
N PRO A 47 -25.50 0.40 49.17
CA PRO A 47 -25.03 1.11 47.98
C PRO A 47 -25.52 0.45 46.70
N ALA A 48 -25.41 -0.88 46.65
CA ALA A 48 -25.81 -1.65 45.49
C ALA A 48 -25.09 -1.17 44.24
N ILE A 49 -23.76 -1.05 44.36
CA ILE A 49 -22.89 -0.58 43.27
C ILE A 49 -22.92 0.95 43.20
N ALA A 50 -24.13 1.50 43.34
CA ALA A 50 -24.37 2.94 43.37
C ALA A 50 -23.98 3.63 42.08
N ARG A 51 -22.69 3.93 41.93
CA ARG A 51 -22.21 4.71 40.80
C ARG A 51 -21.52 3.83 39.77
N GLY A 52 -20.94 2.74 40.24
CA GLY A 52 -20.23 1.84 39.35
C GLY A 52 -18.94 2.44 38.85
N GLY A 53 -18.27 3.17 39.73
CA GLY A 53 -17.02 3.81 39.36
C GLY A 53 -15.82 3.05 39.89
N ARG A 54 -16.08 1.98 40.63
CA ARG A 54 -15.02 1.14 41.16
C ARG A 54 -14.33 0.37 40.04
N ASN A 55 -13.06 0.69 39.82
CA ASN A 55 -12.27 0.11 38.73
C ASN A 55 -12.82 0.55 37.39
N ARG A 56 -12.62 1.81 37.07
CA ARG A 56 -13.18 2.40 35.86
C ARG A 56 -12.34 3.62 35.41
N PRO A 57 -12.10 4.62 36.29
CA PRO A 57 -11.33 5.82 35.92
C PRO A 57 -9.85 5.50 35.72
N ALA A 58 -9.43 4.29 36.04
CA ALA A 58 -8.05 3.88 35.86
C ALA A 58 -7.85 3.22 34.51
N PRO A 59 -7.16 3.91 33.57
CA PRO A 59 -6.82 3.38 32.25
C PRO A 59 -6.15 2.01 32.31
N TYR A 60 -4.87 2.00 32.69
CA TYR A 60 -4.12 0.75 32.78
C TYR A 60 -4.07 0.29 34.23
N SER A 61 -3.62 1.18 35.09
CA SER A 61 -3.53 0.88 36.52
C SER A 61 -4.04 2.07 37.34
N ARG A 62 -3.77 3.28 36.86
CA ARG A 62 -4.15 4.49 37.57
C ARG A 62 -4.63 5.56 36.60
N PRO A 63 -5.65 6.34 37.01
CA PRO A 63 -6.16 7.48 36.25
C PRO A 63 -5.07 8.33 35.63
N LYS A 64 -5.35 8.86 34.46
CA LYS A 64 -4.36 9.63 33.72
C LYS A 64 -4.78 11.09 33.60
N PRO A 65 -4.10 11.97 34.35
CA PRO A 65 -4.31 13.42 34.24
C PRO A 65 -3.70 13.97 32.96
N LEU A 66 -2.80 13.19 32.39
CA LEU A 66 -2.14 13.52 31.14
C LEU A 66 -2.00 12.27 30.28
N PRO A 67 -3.13 11.70 29.82
CA PRO A 67 -3.14 10.46 29.05
C PRO A 67 -2.63 10.65 27.63
N ASP A 68 -2.64 11.90 27.18
CA ASP A 68 -2.22 12.27 25.83
C ASP A 68 -2.94 11.41 24.79
N LYS A 69 -4.27 11.43 24.87
CA LYS A 69 -5.09 10.66 23.95
C LYS A 69 -5.92 11.59 23.09
N TRP A 70 -5.24 12.42 22.32
CA TRP A 70 -5.91 13.33 21.41
C TRP A 70 -5.58 12.98 19.97
N GLN A 71 -4.31 12.73 19.71
CA GLN A 71 -3.86 12.48 18.35
C GLN A 71 -2.73 11.46 18.34
N HIS A 72 -2.16 11.22 17.17
CA HIS A 72 -1.05 10.30 17.02
C HIS A 72 -0.22 10.67 15.80
N ASP A 73 0.20 11.94 15.77
CA ASP A 73 1.04 12.46 14.68
C ASP A 73 0.40 12.21 13.32
N LEU A 74 -0.86 12.61 13.20
CA LEU A 74 -1.63 12.37 11.99
C LEU A 74 -1.04 13.12 10.80
N PHE A 75 -0.89 14.42 10.96
CA PHE A 75 -0.34 15.27 9.91
C PHE A 75 1.16 15.04 9.71
N ASP A 76 1.73 14.16 10.53
CA ASP A 76 3.16 13.83 10.46
C ASP A 76 3.99 15.07 10.78
N SER A 77 4.52 15.70 9.73
CA SER A 77 5.31 16.91 9.88
C SER A 77 5.00 17.85 8.72
N GLY A 78 5.71 17.66 7.61
CA GLY A 78 5.46 18.43 6.41
C GLY A 78 5.06 17.53 5.26
N CYS A 79 3.80 17.10 5.29
CA CYS A 79 3.29 16.17 4.29
C CYS A 79 3.01 16.88 2.97
N GLY A 80 2.90 16.11 1.90
CA GLY A 80 2.64 16.69 0.59
C GLY A 80 3.76 16.37 -0.39
N GLY A 81 4.56 15.38 -0.05
CA GLY A 81 5.69 15.02 -0.89
C GLY A 81 5.62 13.58 -1.35
N GLY A 82 4.41 13.08 -1.54
CA GLY A 82 4.23 11.71 -1.98
C GLY A 82 4.34 11.58 -3.49
N GLU A 83 3.94 10.42 -3.99
CA GLU A 83 4.01 10.11 -5.43
C GLU A 83 5.44 10.15 -5.93
N GLY A 84 5.61 10.14 -7.25
CA GLY A 84 6.94 10.21 -7.82
C GLY A 84 7.45 11.63 -7.93
N VAL A 85 7.21 12.41 -6.88
CA VAL A 85 7.68 13.79 -6.84
C VAL A 85 8.92 13.89 -5.97
N GLU A 86 8.74 13.67 -4.69
CA GLU A 86 9.86 13.64 -3.75
C GLU A 86 10.26 12.19 -3.50
N THR A 87 9.26 11.32 -3.50
CA THR A 87 9.48 9.89 -3.40
C THR A 87 9.93 9.32 -4.75
N GLY A 88 11.15 8.82 -4.79
CA GLY A 88 11.67 8.23 -6.00
C GLY A 88 13.04 8.76 -6.34
N ALA A 89 13.44 8.61 -7.58
CA ALA A 89 14.76 9.07 -8.00
C ALA A 89 14.61 10.34 -8.82
N LYS A 90 14.99 11.47 -8.23
CA LYS A 90 14.78 12.77 -8.86
C LYS A 90 16.06 13.31 -9.47
N LEU A 91 15.97 13.69 -10.74
CA LEU A 91 17.07 14.30 -11.45
C LEU A 91 16.64 15.66 -12.00
N LEU A 92 17.40 16.69 -11.69
CA LEU A 92 17.15 18.02 -12.23
C LEU A 92 18.31 18.45 -13.11
N VAL A 93 18.03 18.63 -14.40
CA VAL A 93 19.08 19.03 -15.36
C VAL A 93 18.92 20.48 -15.77
N SER A 94 19.94 21.27 -15.53
CA SER A 94 19.97 22.65 -15.98
C SER A 94 21.17 22.87 -16.90
N ASN A 95 20.92 23.30 -18.12
CA ASN A 95 21.99 23.49 -19.09
C ASN A 95 21.51 24.24 -20.33
N LEU A 96 20.47 23.69 -20.98
CA LEU A 96 19.91 24.27 -22.20
C LEU A 96 20.84 24.07 -23.39
N ASP A 97 22.06 24.59 -23.27
CA ASP A 97 23.05 24.51 -24.35
C ASP A 97 22.54 25.22 -25.61
N PHE A 98 22.30 24.47 -26.67
CA PHE A 98 21.75 25.04 -27.90
C PHE A 98 20.24 25.10 -27.82
N GLY A 99 19.68 24.40 -26.84
CA GLY A 99 18.24 24.33 -26.70
C GLY A 99 17.75 22.90 -26.76
N VAL A 100 18.19 22.08 -25.82
CA VAL A 100 17.75 20.70 -25.75
C VAL A 100 16.28 20.63 -25.35
N SER A 101 15.45 20.20 -26.29
CA SER A 101 14.02 20.12 -26.08
C SER A 101 13.65 19.06 -25.06
N ASP A 102 12.38 19.03 -24.70
CA ASP A 102 11.85 18.06 -23.74
C ASP A 102 12.10 16.64 -24.23
N ALA A 103 11.99 16.44 -25.54
CA ALA A 103 12.22 15.14 -26.14
C ALA A 103 13.71 14.81 -26.21
N ASP A 104 14.55 15.83 -26.42
CA ASP A 104 15.99 15.63 -26.56
C ASP A 104 16.60 15.09 -25.27
N ILE A 105 16.53 15.91 -24.22
CA ILE A 105 17.04 15.53 -22.90
C ILE A 105 16.46 14.18 -22.44
N GLN A 106 15.22 13.89 -22.83
CA GLN A 106 14.60 12.63 -22.48
C GLN A 106 15.30 11.48 -23.20
N GLU A 107 15.51 11.64 -24.49
CA GLU A 107 16.18 10.62 -25.29
C GLU A 107 17.58 10.31 -24.75
N LEU A 108 18.30 11.36 -24.35
CA LEU A 108 19.63 11.20 -23.79
C LEU A 108 19.57 10.40 -22.48
N PHE A 109 18.82 10.92 -21.53
CA PHE A 109 18.64 10.24 -20.26
C PHE A 109 18.02 8.83 -20.39
N ALA A 110 17.24 8.59 -21.44
CA ALA A 110 16.76 7.22 -21.71
C ALA A 110 17.92 6.36 -22.19
N GLU A 111 18.80 6.98 -22.95
CA GLU A 111 20.07 6.37 -23.33
C GLU A 111 20.86 6.04 -22.06
N PHE A 112 20.76 6.93 -21.08
CA PHE A 112 21.36 6.73 -19.76
C PHE A 112 20.64 5.65 -18.93
N GLY A 113 19.56 5.08 -19.44
CA GLY A 113 18.87 4.04 -18.71
C GLY A 113 17.35 4.18 -18.66
N THR A 114 16.76 3.59 -17.64
CA THR A 114 15.32 3.50 -17.50
C THR A 114 14.68 4.82 -17.09
N LEU A 115 14.05 5.50 -18.04
CA LEU A 115 13.48 6.81 -17.77
C LEU A 115 11.98 6.72 -17.50
N LYS A 116 11.65 6.54 -16.23
CA LYS A 116 10.26 6.57 -15.78
C LYS A 116 9.60 7.88 -16.20
N LYS A 117 10.22 9.00 -15.84
CA LYS A 117 9.80 10.31 -16.32
C LYS A 117 10.99 11.16 -16.68
N ALA A 118 10.82 12.02 -17.67
CA ALA A 118 11.81 13.04 -18.01
C ALA A 118 11.18 14.05 -18.95
N ALA A 119 11.15 15.29 -18.52
CA ALA A 119 10.56 16.36 -19.30
C ALA A 119 11.28 17.66 -19.00
N VAL A 120 11.04 18.67 -19.83
CA VAL A 120 11.66 19.96 -19.63
C VAL A 120 10.64 20.85 -18.97
N ASP A 121 11.04 21.47 -17.87
CA ASP A 121 10.09 22.11 -17.00
C ASP A 121 10.13 23.60 -17.17
N TYR A 122 9.13 24.11 -17.84
CA TYR A 122 9.04 25.53 -18.12
C TYR A 122 8.73 26.27 -16.84
N ASP A 123 9.27 27.47 -16.72
CA ASP A 123 9.19 28.23 -15.48
C ASP A 123 8.23 29.40 -15.64
N ARG A 124 8.09 30.18 -14.57
CA ARG A 124 7.13 31.27 -14.52
C ARG A 124 7.50 32.42 -15.46
N SER A 125 8.79 32.58 -15.77
CA SER A 125 9.26 33.76 -16.48
C SER A 125 9.92 33.43 -17.82
N GLY A 126 10.51 32.25 -17.93
CA GLY A 126 11.27 31.90 -19.11
C GLY A 126 10.45 31.14 -20.13
N ARG A 127 9.80 30.07 -19.69
CA ARG A 127 9.01 29.20 -20.56
C ARG A 127 9.90 28.54 -21.60
N SER A 128 10.78 27.67 -21.09
CA SER A 128 11.87 27.02 -21.82
C SER A 128 13.05 26.88 -20.87
N LEU A 129 13.52 28.05 -20.42
CA LEU A 129 14.61 28.28 -19.44
C LEU A 129 15.87 27.38 -19.55
N GLY A 130 15.71 26.08 -19.75
CA GLY A 130 16.85 25.17 -19.77
C GLY A 130 16.94 24.34 -18.51
N THR A 131 15.86 23.62 -18.21
CA THR A 131 15.81 22.75 -17.04
C THR A 131 14.83 21.61 -17.29
N ALA A 132 15.18 20.43 -16.80
CA ALA A 132 14.35 19.25 -16.98
C ALA A 132 14.29 18.45 -15.70
N ASP A 133 13.14 17.85 -15.44
CA ASP A 133 12.96 16.99 -14.29
C ASP A 133 12.76 15.56 -14.76
N VAL A 134 13.70 14.70 -14.46
CA VAL A 134 13.57 13.30 -14.78
C VAL A 134 13.46 12.49 -13.49
N HIS A 135 12.57 11.52 -13.49
CA HIS A 135 12.36 10.69 -12.34
C HIS A 135 12.45 9.23 -12.73
N PHE A 136 13.37 8.49 -12.15
CA PHE A 136 13.43 7.06 -12.40
C PHE A 136 12.87 6.29 -11.20
N GLU A 137 12.46 5.06 -11.45
CA GLU A 137 11.90 4.21 -10.41
C GLU A 137 13.00 3.59 -9.56
N ARG A 138 14.22 3.60 -10.07
CA ARG A 138 15.36 3.03 -9.37
C ARG A 138 16.23 4.13 -8.79
N ARG A 139 16.51 4.07 -7.49
CA ARG A 139 17.39 5.04 -6.86
C ARG A 139 18.82 4.81 -7.32
N ALA A 140 19.13 3.58 -7.73
CA ALA A 140 20.43 3.25 -8.28
C ALA A 140 20.63 3.94 -9.62
N ASP A 141 19.53 4.15 -10.34
CA ASP A 141 19.57 4.89 -11.60
C ASP A 141 20.04 6.32 -11.36
N ALA A 142 19.65 6.86 -10.22
CA ALA A 142 20.06 8.20 -9.83
C ALA A 142 21.45 8.16 -9.20
N LEU A 143 21.69 7.12 -8.42
CA LEU A 143 23.00 6.87 -7.85
C LEU A 143 24.06 6.82 -8.94
N LYS A 144 23.74 6.10 -10.02
CA LYS A 144 24.62 6.00 -11.17
C LYS A 144 24.75 7.35 -11.86
N ALA A 145 23.63 8.05 -11.98
CA ALA A 145 23.60 9.36 -12.63
C ALA A 145 24.41 10.39 -11.85
N MET A 146 24.37 10.31 -10.53
CA MET A 146 25.12 11.25 -9.70
C MET A 146 26.57 10.82 -9.55
N LYS A 147 26.84 9.57 -9.89
CA LYS A 147 28.21 9.07 -9.89
C LYS A 147 28.88 9.36 -11.23
N GLN A 148 28.18 9.08 -12.31
CA GLN A 148 28.72 9.27 -13.64
C GLN A 148 28.47 10.69 -14.16
N TYR A 149 27.21 11.05 -14.31
CA TYR A 149 26.84 12.30 -14.97
C TYR A 149 27.09 13.52 -14.07
N LYS A 150 26.65 13.45 -12.84
CA LYS A 150 26.72 14.61 -11.94
C LYS A 150 28.15 15.05 -11.70
N GLY A 151 28.46 16.27 -12.14
CA GLY A 151 29.74 16.85 -11.88
C GLY A 151 30.59 16.97 -13.12
N VAL A 152 30.08 16.52 -14.26
CA VAL A 152 30.85 16.53 -15.49
C VAL A 152 30.71 17.84 -16.26
N PRO A 153 31.84 18.34 -16.77
CA PRO A 153 31.89 19.38 -17.78
C PRO A 153 32.15 18.78 -19.15
N LEU A 154 32.33 19.63 -20.15
CA LEU A 154 32.66 19.19 -21.49
C LEU A 154 33.14 20.39 -22.32
N ASP A 155 34.43 20.64 -22.23
CA ASP A 155 35.10 21.70 -23.02
C ASP A 155 34.43 23.06 -22.79
N GLY A 156 34.74 23.69 -21.68
CA GLY A 156 34.19 25.00 -21.37
C GLY A 156 32.69 24.96 -21.10
N ARG A 157 32.10 23.78 -21.22
CA ARG A 157 30.67 23.63 -20.96
C ARG A 157 30.41 22.56 -19.91
N PRO A 158 30.13 22.98 -18.69
CA PRO A 158 29.67 22.11 -17.60
C PRO A 158 28.17 21.90 -17.70
N MET A 159 27.64 20.86 -17.08
CA MET A 159 26.19 20.67 -17.10
C MET A 159 25.69 20.45 -15.68
N ASP A 160 24.45 20.81 -15.41
CA ASP A 160 23.91 20.74 -14.07
C ASP A 160 22.98 19.56 -13.91
N ILE A 161 23.40 18.59 -13.13
CA ILE A 161 22.62 17.39 -12.88
C ILE A 161 22.49 17.15 -11.38
N GLN A 162 21.31 17.39 -10.84
CA GLN A 162 21.09 17.19 -9.42
C GLN A 162 20.29 15.93 -9.19
N LEU A 163 20.93 14.94 -8.58
CA LEU A 163 20.30 13.66 -8.31
C LEU A 163 19.89 13.55 -6.85
N VAL A 164 18.62 13.64 -6.57
CA VAL A 164 18.14 13.43 -5.21
C VAL A 164 17.47 12.08 -5.12
N ALA A 165 18.19 11.12 -4.54
CA ALA A 165 17.72 9.74 -4.39
C ALA A 165 18.79 8.90 -3.71
N SER A 166 19.46 9.50 -2.74
CA SER A 166 20.56 8.85 -2.06
C SER A 166 20.02 7.79 -1.08
N GLN A 167 19.02 8.18 -0.30
CA GLN A 167 18.39 7.28 0.64
C GLN A 167 16.89 7.49 0.65
N ILE A 168 16.23 6.96 -0.37
CA ILE A 168 14.79 7.12 -0.53
C ILE A 168 14.04 6.13 0.34
N ASP A 169 14.48 6.03 1.59
CA ASP A 169 13.82 5.19 2.58
C ASP A 169 13.26 6.08 3.68
N LEU A 170 13.76 7.30 3.73
CA LEU A 170 13.32 8.28 4.73
C LEU A 170 12.26 9.19 4.14
N GLU A 171 12.42 9.50 2.84
CA GLU A 171 11.46 10.31 2.10
C GLU A 171 11.28 11.70 2.70
N HIS A 172 12.27 12.15 3.45
CA HIS A 172 12.21 13.45 4.11
C HIS A 172 13.58 13.80 4.65
#